data_9S80
#
_entry.id   9S80
#
_cell.length_a   60.457
_cell.length_b   81.762
_cell.length_c   122.190
_cell.angle_alpha   107.238
_cell.angle_beta   91.941
_cell.angle_gamma   112.386
#
_symmetry.space_group_name_H-M   'P 1'
#
loop_
_entity.id
_entity.type
_entity.pdbx_description
1 polymer 'Receptor-like protein kinase BRI1-like 3'
2 branched 2-acetamido-2-deoxy-beta-D-glucopyranose-(1-4)-2-acetamido-2-deoxy-beta-D-glucopyranose
3 branched alpha-D-mannopyranose-(1-2)-alpha-D-mannopyranose-(1-2)-alpha-D-mannopyranose-(1-3)-[alpha-D-mannopyranose-(1-2)-alpha-D-mannopyranose-(1-3)-[alpha-D-mannopyranose-(1-2)-alpha-D-mannopyranose-(1-6)]alpha-D-mannopyranose-(1-6)]beta-D-mannopyranose-(1-4)-2-acetamido-2-deoxy-beta-D-glucopyranose-(1-4)-2-acetamido-2-deoxy-beta-D-glucopyranose
4 branched beta-D-mannopyranose-(1-4)-2-acetamido-2-deoxy-beta-D-glucopyranose-(1-4)-2-acetamido-2-deoxy-beta-D-glucopyranose
5 branched 2-acetamido-2-deoxy-beta-D-glucopyranose-(1-4)-[alpha-D-mannopyranose-(1-6)]2-acetamido-2-deoxy-beta-D-glucopyranose
6 non-polymer Brassinolide
7 non-polymer 2-acetamido-2-deoxy-beta-D-glucopyranose
8 non-polymer 'PENTAETHYLENE GLYCOL'
9 non-polymer 1,2-ETHANEDIOL
10 non-polymer 'SULFATE ION'
11 non-polymer GLYCINE
12 non-polymer 'ACETATE ION'
13 water water
#
_entity_poly.entity_id   1
_entity_poly.type   'polypeptide(L)'
_entity_poly.pdbx_seq_one_letter_code
;MKQQWQFLILCLLVLFLTVDSRGRRLLSDDVNDTALLTAFKQTSIKSDPTNFLGNWRYGSGRDPCTWRGVSCSSDGRVIG
LDLRNGGLTGTLNLNNLTALSNLRSLYLQGNNFSSGDSSSSSGCSLEVLDLSSNSLTDSSIVDYVFSTCLNLVSVNFSHN
KLAGKLKSSPSASNKRITTVDLSNNRFSDEIPETFIADFPNSLKHLDLSGNNVTGDFSRLSFGLCENLTVFSLSQNSISG
DRFPVSLSNCKLLETLNLSRNSLIGKIPGDDYWGNFQNLRQLSLAHNLYSGEIPPELSLLCRTLEVLDLSGNSLTGQLPQ
SFTSCGSLQSLNLGNNKLSGDFLSTVVSKLSRITNLYLPFNNISGSVPISLTNCSNLRVLDLSSNEFTGEVPSGFCSLQS
SSVLEKLLIANNYLSGTVPVELGKCKSLKTIDLSFNALTGLIPKEIWTLPKLSDLVMWANNLTGGIPESICVDGGNLETL
ILNNNLLTGSLPESISKCTNMLWISLSSNLLTGEIPVGIGKLEKLAILQLGNNSLTGNIPSELGNCKNLIWLDLNSNNLT
GNLPGELASQAGLVMPGSVSGKQFAFVRNEGGTDCRGAGGLVEFEGIRAERLEHFPMVHSCPKTRIYSGMTMYMFSSNGS
MIYLDLSYNAVSGSIPLGYGAMGYLQVLNLGHNLLTGTIPDSFGGLKAIGVLDLSHNDLQGFLPGSLGGLSFLSDLDVSN
NNLTGPIPFGGQLTTFPLTRYANNSGLCGVPLPPCSSGSRPTRSHAHPKK
;
_entity_poly.pdbx_strand_id   A,B
#
# COMPACT_ATOMS: atom_id res chain seq x y z
N VAL A 31 -31.66 67.18 20.36
CA VAL A 31 -31.69 65.72 20.45
C VAL A 31 -30.71 65.24 21.52
N ASN A 32 -31.21 65.15 22.76
CA ASN A 32 -30.39 64.72 23.88
C ASN A 32 -30.11 63.22 23.81
N ASP A 33 -28.97 62.83 24.37
CA ASP A 33 -28.56 61.42 24.36
C ASP A 33 -29.59 60.55 25.08
N THR A 34 -30.05 60.97 26.26
CA THR A 34 -31.06 60.19 26.98
C THR A 34 -32.35 60.08 26.18
N ALA A 35 -32.69 61.10 25.40
CA ALA A 35 -33.90 61.09 24.59
C ALA A 35 -33.73 60.34 23.28
N LEU A 36 -32.51 60.00 22.90
CA LEU A 36 -32.28 59.16 21.72
C LEU A 36 -32.49 57.69 22.05
N LEU A 37 -31.94 57.22 23.17
CA LEU A 37 -32.07 55.81 23.53
C LEU A 37 -33.52 55.44 23.80
N THR A 38 -34.26 56.33 24.45
CA THR A 38 -35.69 56.10 24.65
C THR A 38 -36.41 56.04 23.32
N ALA A 39 -36.04 56.93 22.38
CA ALA A 39 -36.58 56.85 21.04
C ALA A 39 -36.19 55.56 20.34
N PHE A 40 -35.03 54.99 20.71
CA PHE A 40 -34.62 53.71 20.15
C PHE A 40 -35.45 52.57 20.74
N LYS A 41 -35.63 52.58 22.06
CA LYS A 41 -36.38 51.50 22.71
C LYS A 41 -37.81 51.43 22.21
N GLN A 42 -38.47 52.57 22.07
CA GLN A 42 -39.87 52.56 21.64
C GLN A 42 -40.00 52.27 20.15
N THR A 43 -39.16 52.91 19.33
CA THR A 43 -39.35 52.83 17.89
C THR A 43 -38.82 51.53 17.29
N SER A 44 -37.73 50.99 17.84
CA SER A 44 -37.04 49.86 17.23
C SER A 44 -37.39 48.53 17.90
N ILE A 45 -37.35 48.46 19.23
CA ILE A 45 -37.50 47.20 19.93
C ILE A 45 -38.99 46.92 20.13
N LYS A 46 -39.39 45.68 19.83
CA LYS A 46 -40.78 45.26 19.88
C LYS A 46 -41.03 44.10 20.84
N SER A 47 -40.00 43.64 21.55
CA SER A 47 -40.17 42.58 22.53
C SER A 47 -38.91 42.42 23.37
N ASP A 48 -39.06 42.52 24.68
CA ASP A 48 -37.95 42.37 25.63
C ASP A 48 -38.39 41.42 26.75
N PRO A 49 -38.47 40.12 26.48
CA PRO A 49 -38.88 39.18 27.53
C PRO A 49 -37.86 39.05 28.65
N THR A 50 -36.62 39.48 28.43
CA THR A 50 -35.60 39.43 29.48
C THR A 50 -35.71 40.58 30.47
N ASN A 51 -36.51 41.60 30.15
CA ASN A 51 -36.64 42.78 31.02
C ASN A 51 -35.27 43.35 31.36
N PHE A 52 -34.31 43.18 30.46
CA PHE A 52 -32.95 43.68 30.60
C PHE A 52 -32.77 45.04 29.93
N LEU A 53 -33.82 45.56 29.28
CA LEU A 53 -33.83 46.93 28.79
C LEU A 53 -34.68 47.86 29.64
N GLY A 54 -35.25 47.37 30.74
CA GLY A 54 -35.98 48.22 31.66
C GLY A 54 -35.05 49.25 32.27
N ASN A 55 -35.50 49.90 33.34
CA ASN A 55 -34.72 50.97 33.98
C ASN A 55 -34.08 51.86 32.92
N TRP A 56 -34.82 52.11 31.84
CA TRP A 56 -34.35 52.97 30.76
C TRP A 56 -35.12 54.28 30.74
N ASP A 63 -31.19 58.77 34.33
CA ASP A 63 -29.95 59.27 33.72
C ASP A 63 -29.49 58.31 32.61
N PRO A 64 -28.71 58.84 31.65
CA PRO A 64 -28.27 57.97 30.54
C PRO A 64 -27.35 56.87 31.00
N CYS A 65 -26.40 57.22 31.85
CA CYS A 65 -25.30 56.34 32.22
C CYS A 65 -25.75 55.20 33.11
N THR A 66 -26.93 55.28 33.69
CA THR A 66 -27.45 54.24 34.58
C THR A 66 -28.25 53.17 33.85
N TRP A 67 -28.51 53.37 32.55
CA TRP A 67 -29.33 52.43 31.80
C TRP A 67 -28.53 51.19 31.42
N ARG A 68 -29.21 50.04 31.45
CA ARG A 68 -28.52 48.76 31.29
C ARG A 68 -27.86 48.67 29.92
N GLY A 69 -26.60 48.24 29.92
CA GLY A 69 -25.84 48.08 28.68
C GLY A 69 -25.04 49.31 28.30
N VAL A 70 -25.70 50.47 28.30
CA VAL A 70 -25.05 51.72 27.93
C VAL A 70 -23.91 52.01 28.90
N SER A 71 -22.68 51.91 28.42
CA SER A 71 -21.50 52.31 29.19
C SER A 71 -21.19 53.76 28.84
N CYS A 72 -21.18 54.61 29.86
CA CYS A 72 -21.09 56.05 29.69
C CYS A 72 -19.62 56.51 29.79
N SER A 73 -19.43 57.81 29.93
CA SER A 73 -18.13 58.40 30.24
C SER A 73 -18.29 59.36 31.42
N SER A 74 -17.19 60.02 31.78
CA SER A 74 -17.21 60.89 32.95
C SER A 74 -18.01 62.16 32.69
N ASP A 75 -17.86 62.75 31.51
CA ASP A 75 -18.56 63.99 31.18
C ASP A 75 -20.03 63.79 30.84
N GLY A 76 -20.58 62.59 31.06
CA GLY A 76 -22.00 62.36 30.97
C GLY A 76 -22.51 61.86 29.64
N ARG A 77 -21.65 61.76 28.63
CA ARG A 77 -22.06 61.32 27.31
C ARG A 77 -22.00 59.81 27.19
N VAL A 78 -22.86 59.26 26.32
CA VAL A 78 -22.86 57.83 26.05
C VAL A 78 -21.77 57.51 25.04
N ILE A 79 -20.98 56.48 25.33
CA ILE A 79 -19.91 56.06 24.43
C ILE A 79 -20.11 54.65 23.90
N GLY A 80 -20.87 53.79 24.56
CA GLY A 80 -21.09 52.44 24.09
C GLY A 80 -22.43 51.92 24.53
N LEU A 81 -22.95 50.96 23.75
CA LEU A 81 -24.20 50.27 24.06
C LEU A 81 -23.97 48.77 23.86
N ASP A 82 -23.99 48.02 24.96
CA ASP A 82 -23.72 46.58 24.95
C ASP A 82 -25.00 45.86 25.36
N LEU A 83 -25.69 45.29 24.36
CA LEU A 83 -26.95 44.57 24.58
C LEU A 83 -26.86 43.15 24.06
N ARG A 84 -25.66 42.56 24.07
CA ARG A 84 -25.47 41.25 23.49
C ARG A 84 -26.32 40.20 24.20
N ASN A 85 -26.72 39.18 23.43
CA ASN A 85 -27.45 38.02 23.97
C ASN A 85 -28.62 38.44 24.84
N GLY A 86 -29.36 39.46 24.40
CA GLY A 86 -30.48 39.97 25.15
C GLY A 86 -31.82 39.45 24.73
N GLY A 87 -31.88 38.65 23.66
CA GLY A 87 -33.14 38.16 23.17
C GLY A 87 -34.08 39.26 22.72
N LEU A 88 -33.55 40.28 22.05
CA LEU A 88 -34.34 41.43 21.63
C LEU A 88 -34.84 41.24 20.21
N THR A 89 -36.11 41.59 19.99
CA THR A 89 -36.77 41.41 18.71
C THR A 89 -37.26 42.78 18.22
N GLY A 90 -36.68 43.28 17.13
CA GLY A 90 -37.10 44.57 16.63
C GLY A 90 -36.46 44.90 15.31
N THR A 91 -36.78 46.10 14.82
CA THR A 91 -36.26 46.63 13.57
C THR A 91 -35.20 47.68 13.86
N LEU A 92 -34.05 47.57 13.20
CA LEU A 92 -32.90 48.41 13.47
C LEU A 92 -32.62 49.33 12.30
N ASN A 93 -32.33 50.59 12.60
CA ASN A 93 -31.66 51.49 11.67
C ASN A 93 -30.54 52.17 12.43
N LEU A 94 -29.32 52.09 11.89
CA LEU A 94 -28.16 52.54 12.64
C LEU A 94 -28.15 54.06 12.82
N ASN A 95 -28.75 54.80 11.89
CA ASN A 95 -28.76 56.26 12.01
C ASN A 95 -29.47 56.71 13.29
N ASN A 96 -30.42 55.92 13.78
CA ASN A 96 -31.11 56.25 15.02
C ASN A 96 -30.24 56.03 16.25
N LEU A 97 -29.09 55.36 16.10
CA LEU A 97 -28.14 55.20 17.19
C LEU A 97 -26.83 55.95 16.98
N THR A 98 -26.38 56.10 15.73
CA THR A 98 -25.20 56.91 15.46
C THR A 98 -25.48 58.40 15.60
N ALA A 99 -26.74 58.80 15.71
CA ALA A 99 -27.07 60.17 16.10
C ALA A 99 -26.43 60.53 17.43
N LEU A 100 -26.16 59.53 18.27
CA LEU A 100 -25.39 59.76 19.49
C LEU A 100 -23.98 60.18 19.14
N SER A 101 -23.62 61.41 19.51
CA SER A 101 -22.39 61.99 19.02
C SER A 101 -21.16 61.21 19.47
N ASN A 102 -21.12 60.79 20.74
CA ASN A 102 -19.93 60.17 21.32
C ASN A 102 -19.98 58.66 21.32
N LEU A 103 -20.93 58.05 20.62
CA LEU A 103 -21.05 56.59 20.58
C LEU A 103 -19.91 55.99 19.77
N ARG A 104 -19.09 55.17 20.42
CA ARG A 104 -17.97 54.52 19.77
C ARG A 104 -17.98 53.00 19.84
N SER A 105 -18.91 52.39 20.60
CA SER A 105 -18.97 50.94 20.74
C SER A 105 -20.43 50.51 20.71
N LEU A 106 -20.83 49.74 19.72
CA LEU A 106 -22.20 49.25 19.61
C LEU A 106 -22.17 47.73 19.47
N TYR A 107 -22.66 47.04 20.50
CA TYR A 107 -22.77 45.58 20.51
C TYR A 107 -24.24 45.20 20.49
N LEU A 108 -24.71 44.69 19.37
CA LEU A 108 -26.07 44.18 19.24
C LEU A 108 -26.04 42.75 18.71
N GLN A 109 -25.05 41.96 19.12
CA GLN A 109 -24.93 40.59 18.66
C GLN A 109 -25.74 39.64 19.53
N GLY A 110 -26.21 38.56 18.91
CA GLY A 110 -26.99 37.58 19.64
C GLY A 110 -28.42 37.98 19.91
N ASN A 111 -29.02 38.76 19.01
CA ASN A 111 -30.40 39.19 19.17
C ASN A 111 -31.15 38.84 17.89
N ASN A 112 -32.29 39.48 17.68
CA ASN A 112 -33.18 39.15 16.57
C ASN A 112 -33.66 40.43 15.89
N PHE A 113 -32.73 41.34 15.62
CA PHE A 113 -33.07 42.59 14.96
C PHE A 113 -33.26 42.38 13.46
N SER A 114 -34.25 43.07 12.91
CA SER A 114 -34.50 43.09 11.48
C SER A 114 -33.99 44.39 10.87
N SER A 115 -33.96 44.43 9.54
CA SER A 115 -33.58 45.65 8.85
C SER A 115 -34.65 46.72 9.02
N GLY A 116 -34.19 47.95 9.25
CA GLY A 116 -35.08 49.08 9.43
C GLY A 116 -35.16 49.96 8.18
N ASP A 117 -35.92 51.04 8.32
CA ASP A 117 -36.05 52.00 7.24
C ASP A 117 -34.82 52.91 7.19
N SER A 118 -34.66 53.58 6.05
CA SER A 118 -33.51 54.45 5.88
C SER A 118 -33.52 55.60 6.88
N SER A 119 -34.70 56.16 7.14
CA SER A 119 -34.92 57.07 8.27
C SER A 119 -34.17 58.39 8.14
N SER A 120 -33.06 58.54 8.87
CA SER A 120 -32.38 59.83 9.03
C SER A 120 -30.94 59.74 8.53
N SER A 121 -30.25 60.88 8.59
CA SER A 121 -28.90 61.02 8.03
C SER A 121 -28.02 61.72 9.07
N SER A 122 -27.16 60.95 9.73
CA SER A 122 -26.31 61.48 10.77
C SER A 122 -24.90 60.95 10.59
N GLY A 123 -23.95 61.58 11.30
CA GLY A 123 -22.59 61.10 11.31
C GLY A 123 -22.43 59.88 12.19
N CYS A 124 -21.26 59.24 12.07
CA CYS A 124 -20.96 58.01 12.79
C CYS A 124 -19.59 58.13 13.44
N SER A 125 -19.54 57.90 14.75
CA SER A 125 -18.29 57.89 15.49
C SER A 125 -17.81 56.49 15.86
N LEU A 126 -18.54 55.45 15.44
CA LEU A 126 -18.27 54.09 15.90
C LEU A 126 -16.83 53.67 15.61
N GLU A 127 -16.17 53.09 16.62
CA GLU A 127 -14.91 52.41 16.43
C GLU A 127 -15.03 50.89 16.46
N VAL A 128 -16.06 50.35 17.09
CA VAL A 128 -16.30 48.91 17.16
C VAL A 128 -17.79 48.66 17.02
N LEU A 129 -18.18 47.94 15.98
CA LEU A 129 -19.58 47.59 15.73
C LEU A 129 -19.71 46.08 15.66
N ASP A 130 -20.71 45.54 16.35
CA ASP A 130 -20.96 44.11 16.35
C ASP A 130 -22.46 43.88 16.18
N LEU A 131 -22.82 43.24 15.07
CA LEU A 131 -24.20 42.87 14.75
C LEU A 131 -24.27 41.43 14.29
N SER A 132 -23.67 40.53 15.09
CA SER A 132 -23.27 39.21 14.59
C SER A 132 -24.46 38.31 14.33
N SER A 133 -25.36 38.17 15.31
CA SER A 133 -26.41 37.16 15.23
C SER A 133 -27.76 37.86 15.29
N ASN A 134 -28.31 38.15 14.12
CA ASN A 134 -29.56 38.87 13.98
C ASN A 134 -30.24 38.37 12.71
N SER A 135 -31.14 39.19 12.16
CA SER A 135 -31.86 38.87 10.94
C SER A 135 -31.85 40.06 9.98
N LEU A 136 -30.72 40.76 9.93
CA LEU A 136 -30.60 41.91 9.05
C LEU A 136 -30.58 41.45 7.59
N THR A 137 -31.38 42.12 6.77
CA THR A 137 -31.48 41.79 5.36
C THR A 137 -31.00 42.90 4.43
N ASP A 138 -31.08 44.16 4.87
CA ASP A 138 -30.72 45.30 4.03
C ASP A 138 -29.22 45.55 4.14
N SER A 139 -28.49 45.25 3.06
CA SER A 139 -27.04 45.46 3.06
C SER A 139 -26.65 46.92 2.96
N SER A 140 -27.61 47.84 2.86
CA SER A 140 -27.29 49.25 2.90
C SER A 140 -26.73 49.65 4.25
N ILE A 141 -26.94 48.83 5.28
CA ILE A 141 -26.29 49.09 6.56
C ILE A 141 -24.78 49.02 6.39
N VAL A 142 -24.29 48.06 5.59
CA VAL A 142 -22.85 47.95 5.38
C VAL A 142 -22.33 49.11 4.54
N ASP A 143 -23.15 49.62 3.61
CA ASP A 143 -22.76 50.80 2.83
C ASP A 143 -22.60 52.03 3.72
N TYR A 144 -23.51 52.20 4.68
CA TYR A 144 -23.41 53.33 5.60
C TYR A 144 -22.13 53.26 6.42
N VAL A 145 -21.89 52.11 7.07
CA VAL A 145 -20.72 51.98 7.94
C VAL A 145 -19.44 52.13 7.12
N PHE A 146 -19.45 51.68 5.87
CA PHE A 146 -18.26 51.81 5.01
C PHE A 146 -18.10 53.21 4.44
N SER A 147 -19.18 54.00 4.35
CA SER A 147 -19.09 55.36 3.84
C SER A 147 -18.86 56.36 4.96
N THR A 148 -19.68 56.30 6.01
CA THR A 148 -19.41 57.01 7.25
C THR A 148 -18.57 56.09 8.14
N CYS A 149 -18.60 56.30 9.46
CA CYS A 149 -17.85 55.47 10.40
C CYS A 149 -16.39 55.39 9.97
N LEU A 150 -15.76 56.56 9.92
CA LEU A 150 -14.41 56.69 9.40
C LEU A 150 -13.36 56.34 10.44
N ASN A 151 -13.72 56.33 11.72
CA ASN A 151 -12.83 55.87 12.78
C ASN A 151 -13.03 54.39 13.10
N LEU A 152 -13.75 53.67 12.24
CA LEU A 152 -14.09 52.28 12.53
C LEU A 152 -12.85 51.40 12.51
N VAL A 153 -12.63 50.66 13.58
CA VAL A 153 -11.52 49.70 13.66
C VAL A 153 -11.99 48.29 13.35
N SER A 154 -13.15 47.89 13.86
CA SER A 154 -13.64 46.53 13.67
C SER A 154 -15.15 46.50 13.58
N VAL A 155 -15.67 45.74 12.61
CA VAL A 155 -17.09 45.56 12.43
C VAL A 155 -17.37 44.09 12.11
N ASN A 156 -18.45 43.57 12.67
CA ASN A 156 -18.84 42.17 12.47
C ASN A 156 -20.30 42.15 12.05
N PHE A 157 -20.55 41.85 10.78
CA PHE A 157 -21.90 41.67 10.26
C PHE A 157 -22.27 40.19 10.12
N SER A 158 -21.48 39.28 10.68
CA SER A 158 -21.60 37.87 10.36
C SER A 158 -22.98 37.33 10.68
N HIS A 159 -23.22 36.06 10.36
CA HIS A 159 -24.46 35.36 10.69
C HIS A 159 -25.68 36.26 10.69
N ASN A 160 -26.02 36.80 9.52
CA ASN A 160 -27.24 37.55 9.29
C ASN A 160 -27.82 37.08 7.96
N LYS A 161 -28.81 37.80 7.45
CA LYS A 161 -29.41 37.51 6.15
C LYS A 161 -29.13 38.62 5.14
N LEU A 162 -28.02 39.33 5.29
CA LEU A 162 -27.64 40.38 4.35
C LEU A 162 -27.51 39.80 2.95
N ALA A 163 -28.24 40.38 2.00
CA ALA A 163 -28.31 39.87 0.64
C ALA A 163 -27.78 40.89 -0.35
N GLY A 164 -27.65 40.46 -1.60
CA GLY A 164 -27.20 41.30 -2.68
C GLY A 164 -25.74 41.06 -3.01
N LYS A 165 -25.25 41.86 -3.95
CA LYS A 165 -23.89 41.75 -4.44
C LYS A 165 -22.96 42.61 -3.59
N LEU A 166 -21.69 42.23 -3.57
CA LEU A 166 -20.67 43.01 -2.87
C LEU A 166 -20.25 44.17 -3.77
N LYS A 167 -20.39 45.40 -3.26
CA LYS A 167 -20.20 46.60 -4.09
C LYS A 167 -19.09 47.48 -3.53
N SER A 168 -19.29 48.09 -2.36
CA SER A 168 -18.43 49.16 -1.90
C SER A 168 -17.44 48.69 -0.83
N SER A 169 -16.22 49.18 -0.92
CA SER A 169 -15.19 48.95 0.08
C SER A 169 -15.26 50.05 1.14
N PRO A 170 -14.57 49.87 2.27
CA PRO A 170 -14.53 50.95 3.26
C PRO A 170 -13.90 52.21 2.67
N SER A 171 -14.35 53.35 3.17
CA SER A 171 -13.90 54.63 2.64
C SER A 171 -12.38 54.74 2.70
N ALA A 172 -11.81 55.41 1.69
CA ALA A 172 -10.39 55.66 1.68
C ALA A 172 -9.98 56.72 2.71
N SER A 173 -10.93 57.52 3.20
CA SER A 173 -10.65 58.44 4.29
C SER A 173 -10.59 57.74 5.64
N ASN A 174 -11.06 56.50 5.72
CA ASN A 174 -10.88 55.69 6.91
C ASN A 174 -9.47 55.09 6.89
N LYS A 175 -8.68 55.39 7.92
CA LYS A 175 -7.29 54.94 7.97
C LYS A 175 -7.06 53.97 9.14
N ARG A 176 -8.12 53.51 9.81
CA ARG A 176 -7.98 52.68 11.00
C ARG A 176 -8.53 51.28 10.87
N ILE A 177 -9.46 51.02 9.93
CA ILE A 177 -10.18 49.76 9.93
C ILE A 177 -9.22 48.60 9.75
N THR A 178 -9.28 47.64 10.68
CA THR A 178 -8.39 46.49 10.67
C THR A 178 -9.10 45.18 10.39
N THR A 179 -10.24 44.94 11.03
CA THR A 179 -10.94 43.66 10.93
C THR A 179 -12.38 43.88 10.49
N VAL A 180 -12.77 43.20 9.42
CA VAL A 180 -14.11 43.29 8.85
C VAL A 180 -14.61 41.87 8.61
N ASP A 181 -15.75 41.53 9.19
CA ASP A 181 -16.31 40.19 9.09
C ASP A 181 -17.70 40.30 8.48
N LEU A 182 -17.83 39.85 7.23
CA LEU A 182 -19.10 39.73 6.54
C LEU A 182 -19.51 38.27 6.35
N SER A 183 -18.93 37.35 7.11
CA SER A 183 -19.13 35.93 6.85
C SER A 183 -20.57 35.52 7.18
N ASN A 184 -20.96 34.37 6.63
CA ASN A 184 -22.26 33.77 6.90
C ASN A 184 -23.39 34.79 6.72
N ASN A 185 -23.58 35.15 5.45
CA ASN A 185 -24.69 35.97 5.01
C ASN A 185 -25.26 35.34 3.73
N ARG A 186 -25.89 36.13 2.88
CA ARG A 186 -26.48 35.63 1.64
C ARG A 186 -26.04 36.47 0.45
N PHE A 187 -24.80 36.97 0.47
CA PHE A 187 -24.28 37.76 -0.64
C PHE A 187 -24.15 36.91 -1.89
N SER A 188 -24.44 37.51 -3.04
CA SER A 188 -24.66 36.78 -4.28
C SER A 188 -23.70 37.23 -5.37
N ASP A 189 -23.58 36.37 -6.38
CA ASP A 189 -22.96 36.73 -7.65
C ASP A 189 -21.51 37.18 -7.49
N GLU A 190 -20.99 37.87 -8.49
CA GLU A 190 -19.55 38.04 -8.58
C GLU A 190 -19.03 39.02 -7.54
N ILE A 191 -17.73 39.05 -7.39
CA ILE A 191 -17.01 39.96 -6.50
C ILE A 191 -16.30 40.99 -7.36
N PRO A 192 -16.39 42.28 -7.03
CA PRO A 192 -15.72 43.28 -7.86
C PRO A 192 -14.22 43.05 -7.92
N GLU A 193 -13.66 43.20 -9.13
CA GLU A 193 -12.25 42.89 -9.37
C GLU A 193 -11.34 43.57 -8.33
N THR A 194 -11.68 44.78 -7.91
CA THR A 194 -10.84 45.55 -6.98
C THR A 194 -11.52 45.72 -5.62
N PHE A 195 -12.47 44.84 -5.28
CA PHE A 195 -13.16 44.97 -4.00
C PHE A 195 -12.18 44.85 -2.83
N ILE A 196 -11.36 43.81 -2.82
CA ILE A 196 -10.39 43.63 -1.73
C ILE A 196 -9.33 44.73 -1.79
N ALA A 197 -8.79 44.99 -2.99
CA ALA A 197 -7.73 45.98 -3.12
C ALA A 197 -8.20 47.37 -2.74
N ASP A 198 -9.49 47.67 -2.89
CA ASP A 198 -10.02 48.99 -2.55
C ASP A 198 -10.13 49.21 -1.04
N PHE A 199 -9.89 48.18 -0.24
CA PHE A 199 -9.93 48.35 1.20
C PHE A 199 -8.77 49.24 1.67
N PRO A 200 -8.96 49.97 2.76
CA PRO A 200 -7.84 50.71 3.35
C PRO A 200 -6.66 49.77 3.63
N ASN A 201 -5.45 50.34 3.54
CA ASN A 201 -4.24 49.54 3.71
C ASN A 201 -4.04 49.07 5.15
N SER A 202 -4.85 49.55 6.10
CA SER A 202 -4.74 49.10 7.48
C SER A 202 -5.45 47.78 7.73
N LEU A 203 -6.15 47.25 6.73
CA LEU A 203 -6.92 46.01 6.92
C LEU A 203 -6.00 44.87 7.34
N LYS A 204 -6.42 44.12 8.35
CA LYS A 204 -5.71 42.95 8.84
C LYS A 204 -6.51 41.67 8.72
N HIS A 205 -7.82 41.72 8.95
CA HIS A 205 -8.67 40.54 9.03
C HIS A 205 -9.89 40.77 8.15
N LEU A 206 -10.03 39.97 7.10
CA LEU A 206 -11.18 40.04 6.19
C LEU A 206 -11.77 38.64 6.01
N ASP A 207 -13.04 38.48 6.36
CA ASP A 207 -13.72 37.19 6.32
C ASP A 207 -14.96 37.29 5.46
N LEU A 208 -14.98 36.54 4.36
CA LEU A 208 -16.10 36.52 3.42
C LEU A 208 -16.79 35.17 3.36
N SER A 209 -16.63 34.33 4.39
CA SER A 209 -17.11 32.96 4.33
C SER A 209 -18.63 32.90 4.37
N GLY A 210 -19.16 31.75 3.97
CA GLY A 210 -20.56 31.45 4.19
C GLY A 210 -21.53 32.23 3.34
N ASN A 211 -21.16 32.56 2.10
CA ASN A 211 -22.06 33.22 1.18
C ASN A 211 -22.18 32.40 -0.10
N ASN A 212 -22.55 33.01 -1.22
CA ASN A 212 -22.54 32.31 -2.50
C ASN A 212 -22.04 33.25 -3.59
N VAL A 213 -20.93 33.94 -3.32
CA VAL A 213 -20.29 34.72 -4.37
C VAL A 213 -19.68 33.79 -5.41
N THR A 214 -19.41 34.35 -6.59
CA THR A 214 -18.92 33.58 -7.73
C THR A 214 -17.74 34.32 -8.35
N GLY A 215 -17.16 33.70 -9.37
CA GLY A 215 -16.15 34.37 -10.17
C GLY A 215 -14.82 33.64 -10.27
N ASP A 216 -14.17 33.80 -11.42
CA ASP A 216 -12.82 33.29 -11.64
C ASP A 216 -11.87 33.94 -10.62
N PHE A 217 -11.37 33.15 -9.67
CA PHE A 217 -10.52 33.68 -8.61
C PHE A 217 -9.35 34.46 -9.17
N SER A 218 -8.83 34.04 -10.33
CA SER A 218 -7.63 34.66 -10.89
C SER A 218 -7.86 36.12 -11.27
N ARG A 219 -9.10 36.55 -11.45
CA ARG A 219 -9.40 37.90 -11.88
C ARG A 219 -9.78 38.82 -10.73
N LEU A 220 -9.47 38.42 -9.50
CA LEU A 220 -9.77 39.20 -8.30
C LEU A 220 -8.48 39.80 -7.78
N SER A 221 -8.45 41.12 -7.63
CA SER A 221 -7.25 41.84 -7.21
C SER A 221 -7.25 42.00 -5.69
N PHE A 222 -6.14 41.65 -5.06
CA PHE A 222 -5.90 41.96 -3.67
C PHE A 222 -5.18 43.28 -3.47
N GLY A 223 -4.68 43.88 -4.55
CA GLY A 223 -3.93 45.12 -4.41
C GLY A 223 -2.60 44.89 -3.72
N LEU A 224 -2.20 45.89 -2.93
CA LEU A 224 -0.94 45.78 -2.20
C LEU A 224 -1.07 44.80 -1.03
N CYS A 225 -2.28 44.66 -0.48
CA CYS A 225 -2.60 43.76 0.62
CA CYS A 225 -2.52 43.66 0.54
C CYS A 225 -1.46 43.72 1.64
N GLU A 226 -0.96 44.90 1.95
CA GLU A 226 -0.02 45.07 3.04
C GLU A 226 -0.78 44.98 4.36
N ASN A 227 -0.18 44.34 5.35
CA ASN A 227 -0.69 44.18 6.71
C ASN A 227 -1.81 43.14 6.79
N LEU A 228 -2.26 42.55 5.68
CA LEU A 228 -3.32 41.54 5.75
C LEU A 228 -2.74 40.24 6.30
N THR A 229 -3.33 39.74 7.39
CA THR A 229 -2.87 38.52 8.03
C THR A 229 -3.88 37.38 7.96
N VAL A 230 -5.18 37.68 7.86
CA VAL A 230 -6.23 36.68 7.92
C VAL A 230 -7.22 36.94 6.79
N PHE A 231 -7.43 35.95 5.93
CA PHE A 231 -8.38 36.07 4.84
C PHE A 231 -9.08 34.74 4.59
N SER A 232 -10.40 34.78 4.47
CA SER A 232 -11.17 33.59 4.15
C SER A 232 -12.20 33.90 3.08
N LEU A 233 -12.25 33.05 2.05
CA LEU A 233 -13.34 32.99 1.10
C LEU A 233 -14.08 31.65 1.21
N SER A 234 -14.01 31.00 2.37
CA SER A 234 -14.48 29.63 2.50
C SER A 234 -15.98 29.54 2.30
N GLN A 235 -16.42 28.42 1.72
CA GLN A 235 -17.84 28.11 1.52
C GLN A 235 -18.51 29.19 0.65
N ASN A 236 -18.08 29.19 -0.62
CA ASN A 236 -18.71 30.02 -1.65
C ASN A 236 -18.76 29.20 -2.94
N SER A 237 -18.73 29.87 -4.08
CA SER A 237 -18.73 29.23 -5.39
C SER A 237 -17.69 29.90 -6.29
N ILE A 238 -16.46 29.96 -5.80
CA ILE A 238 -15.35 30.53 -6.56
C ILE A 238 -14.75 29.44 -7.44
N SER A 239 -14.36 29.82 -8.66
CA SER A 239 -13.83 28.91 -9.66
C SER A 239 -12.46 29.41 -10.13
N GLY A 240 -11.88 28.67 -11.08
CA GLY A 240 -10.61 29.06 -11.66
C GLY A 240 -9.50 28.07 -11.38
N ASP A 241 -8.57 27.94 -12.31
CA ASP A 241 -7.42 27.06 -12.17
C ASP A 241 -6.16 27.80 -11.75
N ARG A 242 -6.29 29.07 -11.36
CA ARG A 242 -5.14 29.89 -11.01
C ARG A 242 -5.50 30.78 -9.82
N PHE A 243 -4.47 31.13 -9.04
CA PHE A 243 -4.68 32.20 -8.07
C PHE A 243 -4.38 33.54 -8.72
N PRO A 244 -5.01 34.61 -8.24
CA PRO A 244 -4.66 35.95 -8.74
C PRO A 244 -3.24 36.30 -8.36
N VAL A 245 -2.54 37.00 -9.26
CA VAL A 245 -1.13 37.26 -9.04
C VAL A 245 -0.95 38.19 -7.84
N SER A 246 -1.92 39.07 -7.59
CA SER A 246 -1.81 40.01 -6.48
C SER A 246 -1.84 39.33 -5.12
N LEU A 247 -2.35 38.09 -5.04
CA LEU A 247 -2.35 37.39 -3.77
C LEU A 247 -0.93 37.25 -3.21
N SER A 248 0.05 37.06 -4.09
CA SER A 248 1.44 36.92 -3.67
C SER A 248 1.98 38.17 -2.99
N ASN A 249 1.28 39.30 -3.09
CA ASN A 249 1.72 40.52 -2.43
C ASN A 249 1.44 40.53 -0.93
N CYS A 250 0.66 39.58 -0.43
CA CYS A 250 0.29 39.55 0.99
C CYS A 250 1.38 38.81 1.76
N LYS A 251 2.49 39.51 1.98
CA LYS A 251 3.65 38.89 2.60
C LYS A 251 3.42 38.51 4.05
N LEU A 252 2.40 39.09 4.70
CA LEU A 252 2.17 38.91 6.13
C LEU A 252 0.98 38.00 6.43
N LEU A 253 0.54 37.22 5.46
CA LEU A 253 -0.64 36.38 5.65
C LEU A 253 -0.34 35.26 6.65
N GLU A 254 -1.22 35.11 7.63
CA GLU A 254 -1.11 34.04 8.63
C GLU A 254 -2.17 32.96 8.48
N THR A 255 -3.34 33.29 7.94
N THR A 255 -3.34 33.30 7.94
CA THR A 255 -4.37 32.30 7.64
CA THR A 255 -4.40 32.35 7.65
C THR A 255 -4.93 32.56 6.26
C THR A 255 -4.90 32.58 6.23
N LEU A 256 -4.92 31.52 5.41
CA LEU A 256 -5.50 31.56 4.08
C LEU A 256 -6.47 30.40 3.98
N ASN A 257 -7.77 30.71 3.92
CA ASN A 257 -8.82 29.70 3.94
C ASN A 257 -9.66 29.82 2.68
N LEU A 258 -9.55 28.84 1.79
CA LEU A 258 -10.25 28.84 0.51
C LEU A 258 -11.10 27.59 0.34
N SER A 259 -11.62 27.03 1.44
CA SER A 259 -12.23 25.72 1.40
C SER A 259 -13.66 25.81 0.87
N ARG A 260 -14.18 24.65 0.47
CA ARG A 260 -15.56 24.51 -0.01
C ARG A 260 -15.87 25.52 -1.12
N ASN A 261 -14.98 25.56 -2.11
CA ASN A 261 -15.22 26.30 -3.34
C ASN A 261 -15.02 25.31 -4.49
N SER A 262 -14.85 25.83 -5.70
CA SER A 262 -14.72 25.02 -6.90
C SER A 262 -13.41 25.31 -7.64
N LEU A 263 -12.38 25.73 -6.91
CA LEU A 263 -11.04 25.81 -7.49
C LEU A 263 -10.67 24.47 -8.08
N ILE A 264 -10.00 24.48 -9.23
CA ILE A 264 -9.70 23.28 -9.98
C ILE A 264 -8.22 23.27 -10.36
N GLY A 265 -7.76 22.11 -10.79
CA GLY A 265 -6.40 21.96 -11.28
C GLY A 265 -5.42 21.44 -10.24
N LYS A 266 -4.15 21.79 -10.40
CA LYS A 266 -3.10 21.38 -9.47
C LYS A 266 -2.87 22.46 -8.41
N ILE A 267 -2.49 22.02 -7.22
CA ILE A 267 -2.10 22.98 -6.18
C ILE A 267 -0.85 23.73 -6.64
N PRO A 268 -0.81 25.05 -6.58
CA PRO A 268 0.38 25.77 -7.03
C PRO A 268 1.61 25.34 -6.24
N GLY A 269 2.71 25.13 -6.97
CA GLY A 269 3.95 24.69 -6.37
C GLY A 269 5.11 25.59 -6.75
N ASP A 270 6.24 24.96 -7.07
CA ASP A 270 7.45 25.68 -7.45
C ASP A 270 7.87 26.66 -6.36
N ASP A 271 7.73 27.96 -6.62
CA ASP A 271 8.17 28.98 -5.69
C ASP A 271 7.03 29.70 -5.00
N TYR A 272 5.78 29.35 -5.31
CA TYR A 272 4.66 30.21 -4.92
C TYR A 272 4.59 30.37 -3.40
N TRP A 273 4.64 29.26 -2.67
CA TRP A 273 4.42 29.32 -1.23
C TRP A 273 5.58 29.92 -0.47
N GLY A 274 6.66 30.31 -1.16
CA GLY A 274 7.69 31.11 -0.52
C GLY A 274 7.28 32.54 -0.28
N ASN A 275 6.24 33.01 -0.98
CA ASN A 275 5.75 34.37 -0.76
C ASN A 275 5.19 34.54 0.65
N PHE A 276 4.73 33.45 1.26
CA PHE A 276 4.02 33.49 2.55
C PHE A 276 4.89 32.81 3.59
N GLN A 277 5.81 33.58 4.17
CA GLN A 277 6.72 33.08 5.19
C GLN A 277 6.24 33.37 6.60
N ASN A 278 4.99 33.76 6.76
CA ASN A 278 4.36 33.85 8.07
C ASN A 278 3.14 32.95 8.19
N LEU A 279 2.80 32.20 7.14
CA LEU A 279 1.54 31.49 7.10
C LEU A 279 1.50 30.38 8.14
N ARG A 280 0.53 30.46 9.05
CA ARG A 280 0.34 29.45 10.09
C ARG A 280 -0.80 28.49 9.76
N GLN A 281 -1.80 28.93 8.99
CA GLN A 281 -2.95 28.10 8.66
C GLN A 281 -3.28 28.23 7.18
N LEU A 282 -3.33 27.10 6.48
CA LEU A 282 -3.74 27.05 5.09
C LEU A 282 -4.81 25.99 4.93
N SER A 283 -5.91 26.34 4.26
CA SER A 283 -6.96 25.38 3.93
C SER A 283 -7.34 25.53 2.47
N LEU A 284 -7.23 24.43 1.72
CA LEU A 284 -7.69 24.33 0.35
C LEU A 284 -8.69 23.19 0.21
N ALA A 285 -9.35 22.84 1.30
CA ALA A 285 -10.16 21.63 1.33
C ALA A 285 -11.45 21.81 0.52
N HIS A 286 -11.98 20.68 0.06
CA HIS A 286 -13.29 20.62 -0.58
C HIS A 286 -13.37 21.56 -1.78
N ASN A 287 -12.32 21.52 -2.59
CA ASN A 287 -12.31 22.09 -3.92
C ASN A 287 -12.26 20.93 -4.93
N LEU A 288 -11.73 21.19 -6.12
CA LEU A 288 -11.61 20.17 -7.16
C LEU A 288 -10.15 19.95 -7.55
N TYR A 289 -9.22 20.10 -6.60
CA TYR A 289 -7.81 19.93 -6.91
C TYR A 289 -7.48 18.46 -7.18
N SER A 290 -6.47 18.25 -8.02
CA SER A 290 -6.06 16.91 -8.42
C SER A 290 -4.53 16.85 -8.41
N GLY A 291 -3.99 15.74 -8.88
CA GLY A 291 -2.57 15.56 -8.88
C GLY A 291 -2.04 15.16 -7.51
N GLU A 292 -0.73 15.35 -7.34
CA GLU A 292 -0.08 15.07 -6.07
C GLU A 292 0.02 16.35 -5.25
N ILE A 293 0.49 16.19 -4.00
CA ILE A 293 0.68 17.32 -3.10
C ILE A 293 2.05 17.92 -3.39
N PRO A 294 2.14 19.18 -3.81
CA PRO A 294 3.43 19.73 -4.26
C PRO A 294 4.46 19.69 -3.14
N PRO A 295 5.63 19.11 -3.38
CA PRO A 295 6.70 19.20 -2.37
C PRO A 295 7.03 20.63 -2.02
N GLU A 296 6.81 21.55 -2.96
CA GLU A 296 7.19 22.94 -2.76
C GLU A 296 6.28 23.63 -1.76
N LEU A 297 5.11 23.04 -1.46
CA LEU A 297 4.28 23.56 -0.38
C LEU A 297 4.99 23.56 0.95
N SER A 298 6.10 22.82 1.06
CA SER A 298 6.85 22.74 2.30
C SER A 298 7.66 23.99 2.60
N LEU A 299 7.52 25.03 1.79
CA LEU A 299 8.16 26.30 2.12
C LEU A 299 7.38 27.06 3.17
N LEU A 300 6.25 26.52 3.64
CA LEU A 300 5.56 27.04 4.80
C LEU A 300 5.96 26.35 6.09
N CYS A 301 6.79 25.30 6.01
CA CYS A 301 7.02 24.44 7.17
C CYS A 301 7.81 25.12 8.28
N ARG A 302 8.43 26.28 8.02
CA ARG A 302 9.01 27.05 9.10
C ARG A 302 7.94 27.49 10.10
N THR A 303 6.73 27.77 9.62
CA THR A 303 5.68 28.35 10.44
C THR A 303 4.35 27.61 10.40
N LEU A 304 4.13 26.70 9.44
CA LEU A 304 2.82 26.11 9.25
C LEU A 304 2.37 25.31 10.46
N GLU A 305 1.19 25.66 10.97
CA GLU A 305 0.62 25.01 12.14
C GLU A 305 -0.59 24.16 11.81
N VAL A 306 -1.41 24.58 10.84
CA VAL A 306 -2.63 23.91 10.47
C VAL A 306 -2.68 23.76 8.96
N LEU A 307 -2.99 22.55 8.49
CA LEU A 307 -3.18 22.28 7.07
C LEU A 307 -4.44 21.46 6.87
N ASP A 308 -5.26 21.87 5.90
CA ASP A 308 -6.45 21.10 5.53
C ASP A 308 -6.53 21.04 4.01
N LEU A 309 -6.11 19.91 3.45
CA LEU A 309 -6.21 19.65 2.02
C LEU A 309 -7.25 18.58 1.71
N SER A 310 -8.20 18.38 2.62
CA SER A 310 -9.14 17.27 2.52
C SER A 310 -10.20 17.55 1.48
N GLY A 311 -10.94 16.51 1.11
CA GLY A 311 -12.06 16.68 0.21
C GLY A 311 -11.69 17.09 -1.20
N ASN A 312 -10.55 16.63 -1.71
CA ASN A 312 -10.18 16.84 -3.11
C ASN A 312 -10.04 15.49 -3.79
N SER A 313 -9.21 15.40 -4.82
CA SER A 313 -8.87 14.14 -5.49
C SER A 313 -7.35 14.02 -5.63
N LEU A 314 -6.65 14.22 -4.51
CA LEU A 314 -5.20 14.16 -4.49
C LEU A 314 -4.73 12.72 -4.37
N THR A 315 -3.64 12.40 -5.07
CA THR A 315 -3.06 11.07 -5.10
C THR A 315 -1.62 11.11 -4.56
N GLY A 316 -0.91 10.00 -4.74
CA GLY A 316 0.45 9.94 -4.24
C GLY A 316 0.44 9.98 -2.72
N GLN A 317 1.22 10.89 -2.15
CA GLN A 317 1.36 10.93 -0.70
C GLN A 317 1.93 12.28 -0.28
N LEU A 318 2.04 12.47 1.02
CA LEU A 318 2.70 13.65 1.54
C LEU A 318 4.17 13.60 1.15
N PRO A 319 4.70 14.62 0.49
CA PRO A 319 6.09 14.57 0.06
C PRO A 319 7.04 14.56 1.26
N GLN A 320 8.20 13.93 1.06
CA GLN A 320 9.20 13.84 2.12
C GLN A 320 9.65 15.21 2.59
N SER A 321 9.45 16.23 1.78
CA SER A 321 9.87 17.58 2.13
C SER A 321 9.24 18.07 3.42
N PHE A 322 8.13 17.47 3.85
CA PHE A 322 7.39 17.97 5.01
C PHE A 322 7.97 17.52 6.35
N THR A 323 9.05 16.73 6.35
CA THR A 323 9.71 16.42 7.62
C THR A 323 10.18 17.67 8.34
N SER A 324 10.29 18.80 7.63
CA SER A 324 10.72 20.06 8.20
C SER A 324 9.58 20.86 8.81
N CYS A 325 8.39 20.28 8.89
CA CYS A 325 7.23 20.98 9.46
C CYS A 325 7.17 20.78 10.97
N GLY A 326 8.26 21.18 11.62
CA GLY A 326 8.38 20.99 13.06
C GLY A 326 7.34 21.71 13.88
N SER A 327 6.56 22.62 13.26
CA SER A 327 5.54 23.37 13.98
C SER A 327 4.13 22.88 13.66
N LEU A 328 3.97 21.94 12.73
CA LEU A 328 2.64 21.53 12.29
C LEU A 328 1.91 20.79 13.40
N GLN A 329 0.66 21.19 13.65
CA GLN A 329 -0.17 20.62 14.70
C GLN A 329 -1.36 19.84 14.17
N SER A 330 -2.09 20.38 13.20
CA SER A 330 -3.27 19.75 12.64
C SER A 330 -3.00 19.48 11.16
N LEU A 331 -3.04 18.22 10.76
CA LEU A 331 -2.82 17.81 9.39
C LEU A 331 -4.05 17.03 8.95
N ASN A 332 -4.83 17.61 8.04
CA ASN A 332 -6.06 16.98 7.57
C ASN A 332 -5.95 16.75 6.07
N LEU A 333 -5.94 15.47 5.68
CA LEU A 333 -5.83 15.07 4.28
C LEU A 333 -6.91 14.08 3.90
N GLY A 334 -8.00 14.03 4.66
CA GLY A 334 -9.05 13.06 4.42
C GLY A 334 -9.74 13.26 3.09
N ASN A 335 -10.51 12.25 2.71
CA ASN A 335 -11.29 12.25 1.48
C ASN A 335 -10.44 12.71 0.30
N ASN A 336 -9.39 11.93 0.05
CA ASN A 336 -8.59 12.08 -1.15
C ASN A 336 -8.33 10.68 -1.69
N LYS A 337 -7.21 10.47 -2.38
CA LYS A 337 -6.83 9.15 -2.89
C LYS A 337 -5.36 8.86 -2.58
N LEU A 338 -4.94 9.22 -1.37
CA LEU A 338 -3.54 9.08 -0.98
C LEU A 338 -3.20 7.64 -0.63
N SER A 339 -1.93 7.29 -0.80
CA SER A 339 -1.48 5.93 -0.55
C SER A 339 0.01 5.94 -0.25
N GLY A 340 0.47 4.86 0.34
CA GLY A 340 1.88 4.68 0.63
C GLY A 340 2.17 4.73 2.12
N ASP A 341 3.44 4.54 2.43
CA ASP A 341 3.96 4.50 3.79
C ASP A 341 4.35 5.89 4.30
N PHE A 342 3.84 6.95 3.68
CA PHE A 342 4.20 8.30 4.13
C PHE A 342 3.83 8.54 5.58
N LEU A 343 2.95 7.70 6.16
CA LEU A 343 2.62 7.82 7.57
C LEU A 343 3.83 7.55 8.47
N SER A 344 4.73 6.66 8.04
CA SER A 344 5.93 6.33 8.79
C SER A 344 7.17 7.09 8.30
N THR A 345 7.30 7.29 6.99
CA THR A 345 8.45 7.98 6.43
C THR A 345 8.36 9.49 6.59
N VAL A 346 7.20 10.03 6.97
CA VAL A 346 7.04 11.47 7.07
C VAL A 346 6.29 11.85 8.35
N VAL A 347 5.07 11.33 8.51
CA VAL A 347 4.20 11.86 9.56
C VAL A 347 4.81 11.62 10.94
N SER A 348 5.40 10.44 11.15
CA SER A 348 5.95 10.12 12.45
C SER A 348 7.07 11.09 12.85
N LYS A 349 7.73 11.73 11.89
CA LYS A 349 8.80 12.66 12.20
C LYS A 349 8.30 14.06 12.56
N LEU A 350 7.01 14.32 12.41
CA LEU A 350 6.42 15.60 12.83
C LEU A 350 6.27 15.57 14.34
N SER A 351 7.25 16.14 15.06
CA SER A 351 7.31 15.97 16.50
C SER A 351 6.16 16.64 17.23
N ARG A 352 5.44 17.57 16.60
CA ARG A 352 4.39 18.32 17.28
C ARG A 352 3.00 18.03 16.76
N ILE A 353 2.82 16.96 15.97
CA ILE A 353 1.48 16.59 15.54
C ILE A 353 0.60 16.33 16.74
N THR A 354 -0.65 16.82 16.67
CA THR A 354 -1.61 16.58 17.74
C THR A 354 -2.95 16.08 17.17
N ASN A 355 -3.25 16.44 15.93
CA ASN A 355 -4.51 16.09 15.29
C ASN A 355 -4.21 15.63 13.87
N LEU A 356 -4.32 14.32 13.63
CA LEU A 356 -3.95 13.72 12.35
C LEU A 356 -5.18 13.03 11.75
N TYR A 357 -5.69 13.59 10.66
CA TYR A 357 -6.87 13.05 9.99
C TYR A 357 -6.47 12.58 8.59
N LEU A 358 -6.51 11.28 8.36
CA LEU A 358 -6.38 10.80 6.99
C LEU A 358 -7.50 9.84 6.61
N PRO A 359 -8.72 10.04 7.10
CA PRO A 359 -9.81 9.12 6.73
C PRO A 359 -10.17 9.25 5.26
N PHE A 360 -10.72 8.16 4.72
CA PHE A 360 -11.22 8.11 3.35
C PHE A 360 -10.09 8.33 2.35
N ASN A 361 -9.13 7.40 2.38
CA ASN A 361 -8.02 7.39 1.44
C ASN A 361 -7.80 5.95 0.97
N ASN A 362 -6.64 5.69 0.38
CA ASN A 362 -6.29 4.39 -0.16
C ASN A 362 -5.01 3.83 0.47
N ILE A 363 -4.85 4.04 1.78
CA ILE A 363 -3.64 3.60 2.47
C ILE A 363 -3.81 2.14 2.89
N SER A 364 -2.93 1.28 2.42
CA SER A 364 -2.98 -0.15 2.70
C SER A 364 -1.81 -0.56 3.57
N GLY A 365 -1.88 -1.79 4.07
CA GLY A 365 -0.84 -2.31 4.95
C GLY A 365 -1.16 -2.09 6.41
N SER A 366 -0.16 -2.37 7.24
CA SER A 366 -0.30 -2.20 8.67
C SER A 366 -0.28 -0.73 9.06
N VAL A 367 -0.91 -0.42 10.18
CA VAL A 367 -0.76 0.90 10.78
C VAL A 367 0.66 0.98 11.31
N PRO A 368 1.53 1.81 10.73
CA PRO A 368 2.94 1.76 11.12
C PRO A 368 3.12 1.99 12.62
N ILE A 369 4.01 1.19 13.22
CA ILE A 369 4.29 1.34 14.65
C ILE A 369 5.01 2.65 14.91
N SER A 370 5.73 3.19 13.92
CA SER A 370 6.51 4.41 14.12
C SER A 370 5.63 5.62 14.42
N LEU A 371 4.33 5.53 14.13
CA LEU A 371 3.43 6.64 14.40
C LEU A 371 3.40 7.02 15.88
N THR A 372 3.81 6.11 16.77
CA THR A 372 3.84 6.40 18.20
C THR A 372 4.93 7.41 18.56
N ASN A 373 5.91 7.63 17.67
CA ASN A 373 6.86 8.70 17.88
C ASN A 373 6.20 10.08 17.87
N CYS A 374 4.91 10.16 17.55
CA CYS A 374 4.16 11.41 17.64
C CYS A 374 3.67 11.55 19.09
N SER A 375 4.55 12.06 19.94
CA SER A 375 4.29 12.08 21.37
C SER A 375 3.04 12.86 21.74
N ASN A 376 2.70 13.90 20.97
CA ASN A 376 1.62 14.82 21.32
C ASN A 376 0.31 14.50 20.63
N LEU A 377 0.15 13.29 20.12
CA LEU A 377 -1.03 12.93 19.33
C LEU A 377 -2.27 12.80 20.23
N ARG A 378 -3.27 13.64 19.96
CA ARG A 378 -4.54 13.60 20.69
C ARG A 378 -5.68 12.99 19.90
N VAL A 379 -5.74 13.23 18.58
CA VAL A 379 -6.81 12.71 17.74
C VAL A 379 -6.19 12.10 16.50
N LEU A 380 -6.48 10.81 16.27
CA LEU A 380 -5.99 10.08 15.12
C LEU A 380 -7.19 9.47 14.42
N ASP A 381 -7.38 9.80 13.15
CA ASP A 381 -8.48 9.27 12.37
C ASP A 381 -7.91 8.61 11.10
N LEU A 382 -8.02 7.28 11.03
CA LEU A 382 -7.57 6.51 9.87
C LEU A 382 -8.71 5.71 9.26
N SER A 383 -9.95 6.09 9.53
CA SER A 383 -11.10 5.34 9.05
C SER A 383 -11.14 5.31 7.53
N SER A 384 -11.88 4.32 7.01
CA SER A 384 -12.13 4.17 5.58
C SER A 384 -10.83 4.20 4.77
N ASN A 385 -9.95 3.27 5.12
CA ASN A 385 -8.73 3.02 4.35
C ASN A 385 -8.71 1.53 4.05
N GLU A 386 -7.54 1.02 3.70
CA GLU A 386 -7.29 -0.40 3.47
C GLU A 386 -6.27 -0.95 4.46
N PHE A 387 -6.36 -0.52 5.72
CA PHE A 387 -5.41 -1.02 6.72
C PHE A 387 -5.72 -2.46 7.09
N THR A 388 -4.66 -3.24 7.28
CA THR A 388 -4.74 -4.63 7.71
C THR A 388 -3.94 -4.81 9.00
N GLY A 389 -3.91 -6.05 9.50
CA GLY A 389 -3.15 -6.33 10.71
C GLY A 389 -3.97 -6.04 11.97
N GLU A 390 -3.27 -5.61 13.02
CA GLU A 390 -3.86 -5.49 14.35
C GLU A 390 -4.19 -4.04 14.69
N VAL A 391 -5.09 -3.89 15.65
CA VAL A 391 -5.43 -2.54 16.16
C VAL A 391 -4.16 -1.90 16.70
N PRO A 392 -3.83 -0.66 16.33
CA PRO A 392 -2.67 -0.01 16.94
C PRO A 392 -2.94 0.37 18.39
N SER A 393 -1.97 0.09 19.25
CA SER A 393 -2.09 0.44 20.67
C SER A 393 -0.79 0.95 21.28
N GLY A 394 0.30 0.98 20.54
CA GLY A 394 1.57 1.37 21.11
C GLY A 394 1.55 2.75 21.75
N PHE A 395 0.65 3.63 21.31
CA PHE A 395 0.61 4.98 21.83
C PHE A 395 0.53 4.99 23.35
N CYS A 396 -0.04 3.93 23.93
CA CYS A 396 -0.31 3.90 25.37
C CYS A 396 0.90 3.50 26.20
N SER A 397 1.91 2.87 25.59
CA SER A 397 3.09 2.39 26.29
C SER A 397 4.32 3.25 26.01
N LEU A 398 4.13 4.56 25.87
CA LEU A 398 5.26 5.45 25.71
C LEU A 398 6.01 5.59 27.04
N GLN A 399 7.14 6.30 27.01
CA GLN A 399 7.83 6.66 28.25
CA GLN A 399 7.84 6.66 28.24
C GLN A 399 7.11 7.75 29.02
N SER A 400 6.12 8.40 28.41
CA SER A 400 5.25 9.36 29.06
C SER A 400 3.81 8.94 28.84
N SER A 401 2.95 9.29 29.79
CA SER A 401 1.52 9.00 29.66
C SER A 401 0.99 9.58 28.36
N SER A 402 0.20 8.77 27.65
CA SER A 402 -0.34 9.17 26.36
C SER A 402 -1.47 10.17 26.55
N VAL A 403 -1.52 11.17 25.66
CA VAL A 403 -2.63 12.11 25.63
C VAL A 403 -3.63 11.77 24.54
N LEU A 404 -3.54 10.58 23.95
CA LEU A 404 -4.46 10.18 22.89
C LEU A 404 -5.89 10.12 23.41
N GLU A 405 -6.77 10.89 22.79
CA GLU A 405 -8.17 10.97 23.21
C GLU A 405 -9.14 10.32 22.25
N LYS A 406 -8.88 10.37 20.95
CA LYS A 406 -9.77 9.81 19.93
C LYS A 406 -8.96 8.89 19.04
N LEU A 407 -9.40 7.64 18.92
CA LEU A 407 -8.81 6.67 18.00
C LEU A 407 -9.92 6.17 17.09
N LEU A 408 -9.79 6.44 15.80
CA LEU A 408 -10.83 6.15 14.83
C LEU A 408 -10.20 5.42 13.66
N ILE A 409 -10.59 4.15 13.47
CA ILE A 409 -10.08 3.31 12.40
C ILE A 409 -11.21 2.46 11.82
N ALA A 410 -12.40 3.03 11.72
CA ALA A 410 -13.54 2.28 11.20
C ALA A 410 -13.39 2.01 9.71
N ASN A 411 -14.18 1.05 9.22
CA ASN A 411 -14.20 0.66 7.82
C ASN A 411 -12.77 0.38 7.33
N ASN A 412 -12.06 -0.48 8.05
CA ASN A 412 -10.81 -1.04 7.60
C ASN A 412 -10.88 -2.56 7.71
N TYR A 413 -9.76 -3.25 7.62
CA TYR A 413 -9.71 -4.70 7.72
C TYR A 413 -8.82 -5.13 8.88
N LEU A 414 -8.87 -4.38 9.97
CA LEU A 414 -8.14 -4.75 11.18
C LEU A 414 -8.66 -6.07 11.72
N SER A 415 -7.75 -6.97 12.09
CA SER A 415 -8.08 -8.29 12.62
C SER A 415 -7.47 -8.46 14.01
N GLY A 416 -7.71 -9.62 14.62
CA GLY A 416 -7.27 -9.88 15.97
C GLY A 416 -8.31 -9.47 16.99
N THR A 417 -7.83 -9.21 18.20
CA THR A 417 -8.69 -8.83 19.31
C THR A 417 -8.46 -7.37 19.69
N VAL A 418 -9.44 -6.77 20.38
CA VAL A 418 -9.28 -5.42 20.90
C VAL A 418 -8.11 -5.48 21.88
N PRO A 419 -6.94 -4.95 21.53
CA PRO A 419 -5.75 -5.17 22.37
C PRO A 419 -5.91 -4.57 23.76
N VAL A 420 -5.48 -5.35 24.76
CA VAL A 420 -5.58 -4.95 26.16
C VAL A 420 -4.74 -3.73 26.46
N GLU A 421 -3.75 -3.44 25.61
CA GLU A 421 -2.86 -2.30 25.84
C GLU A 421 -3.60 -0.96 25.77
N LEU A 422 -4.73 -0.89 25.05
CA LEU A 422 -5.49 0.35 24.99
C LEU A 422 -5.95 0.82 26.37
N GLY A 423 -6.05 -0.10 27.34
CA GLY A 423 -6.37 0.29 28.70
C GLY A 423 -5.37 1.23 29.31
N LYS A 424 -4.15 1.29 28.78
CA LYS A 424 -3.14 2.20 29.28
C LYS A 424 -3.25 3.60 28.69
N CYS A 425 -4.08 3.80 27.66
CA CYS A 425 -4.36 5.14 27.12
C CYS A 425 -5.47 5.77 27.97
N LYS A 426 -5.07 6.31 29.11
CA LYS A 426 -6.02 6.74 30.12
C LYS A 426 -6.79 7.99 29.72
N SER A 427 -6.34 8.69 28.68
CA SER A 427 -7.01 9.89 28.22
C SER A 427 -8.00 9.62 27.09
N LEU A 428 -8.34 8.35 26.84
CA LEU A 428 -9.21 8.03 25.72
C LEU A 428 -10.65 8.40 26.03
N LYS A 429 -11.30 9.07 25.08
CA LYS A 429 -12.72 9.38 25.18
C LYS A 429 -13.54 8.71 24.09
N THR A 430 -12.94 8.38 22.95
CA THR A 430 -13.69 7.88 21.79
C THR A 430 -12.87 6.77 21.14
N ILE A 431 -13.45 5.58 21.04
CA ILE A 431 -12.84 4.43 20.40
C ILE A 431 -13.79 3.96 19.32
N ASP A 432 -13.37 4.06 18.05
CA ASP A 432 -14.20 3.70 16.90
C ASP A 432 -13.45 2.66 16.08
N LEU A 433 -13.77 1.39 16.31
CA LEU A 433 -13.20 0.27 15.57
C LEU A 433 -14.23 -0.43 14.71
N SER A 434 -15.36 0.23 14.45
CA SER A 434 -16.47 -0.42 13.76
C SER A 434 -16.08 -0.81 12.34
N PHE A 435 -16.83 -1.76 11.78
CA PHE A 435 -16.63 -2.27 10.43
C PHE A 435 -15.17 -2.69 10.22
N ASN A 436 -14.69 -3.56 11.10
CA ASN A 436 -13.41 -4.22 10.91
C ASN A 436 -13.63 -5.73 10.99
N ALA A 437 -12.53 -6.47 10.97
CA ALA A 437 -12.55 -7.92 11.11
C ALA A 437 -12.18 -8.37 12.52
N LEU A 438 -12.50 -7.56 13.53
CA LEU A 438 -12.12 -7.90 14.89
C LEU A 438 -12.89 -9.11 15.38
N THR A 439 -12.28 -9.82 16.33
CA THR A 439 -12.86 -11.03 16.89
C THR A 439 -12.59 -11.07 18.38
N GLY A 440 -13.12 -12.08 19.03
CA GLY A 440 -12.82 -12.30 20.43
C GLY A 440 -13.60 -11.40 21.35
N LEU A 441 -13.13 -11.36 22.59
CA LEU A 441 -13.81 -10.69 23.68
C LEU A 441 -13.42 -9.21 23.74
N ILE A 442 -14.25 -8.43 24.40
CA ILE A 442 -13.93 -7.04 24.71
C ILE A 442 -13.22 -7.03 26.07
N PRO A 443 -11.93 -6.71 26.13
CA PRO A 443 -11.22 -6.84 27.40
C PRO A 443 -11.83 -5.97 28.48
N LYS A 444 -11.62 -6.39 29.73
CA LYS A 444 -12.10 -5.62 30.86
C LYS A 444 -11.47 -4.24 30.92
N GLU A 445 -10.30 -4.06 30.31
CA GLU A 445 -9.58 -2.80 30.42
C GLU A 445 -10.26 -1.68 29.64
N ILE A 446 -11.12 -2.02 28.68
CA ILE A 446 -11.84 -0.99 27.95
C ILE A 446 -12.96 -0.41 28.82
N TRP A 447 -13.73 -1.28 29.46
CA TRP A 447 -14.82 -0.86 30.33
C TRP A 447 -14.33 -0.16 31.60
N THR A 448 -13.02 -0.04 31.79
CA THR A 448 -12.47 0.64 32.93
C THR A 448 -11.69 1.89 32.57
N LEU A 449 -11.60 2.24 31.28
CA LEU A 449 -10.99 3.50 30.87
C LEU A 449 -11.72 4.64 31.59
N PRO A 450 -11.02 5.45 32.38
CA PRO A 450 -11.74 6.40 33.26
C PRO A 450 -12.52 7.47 32.53
N LYS A 451 -12.05 7.93 31.36
CA LYS A 451 -12.70 9.03 30.66
C LYS A 451 -13.39 8.60 29.36
N LEU A 452 -13.59 7.30 29.15
CA LEU A 452 -14.25 6.84 27.94
C LEU A 452 -15.67 7.38 27.88
N SER A 453 -16.06 7.83 26.70
CA SER A 453 -17.40 8.35 26.45
C SER A 453 -18.09 7.67 25.27
N ASP A 454 -17.34 7.34 24.22
CA ASP A 454 -17.88 6.70 23.04
C ASP A 454 -17.15 5.39 22.80
N LEU A 455 -17.87 4.28 22.89
CA LEU A 455 -17.36 2.97 22.53
C LEU A 455 -18.10 2.54 21.27
N VAL A 456 -17.42 2.61 20.13
CA VAL A 456 -18.04 2.38 18.83
C VAL A 456 -17.28 1.25 18.17
N MET A 457 -17.91 0.06 18.12
CA MET A 457 -17.27 -1.10 17.53
C MET A 457 -18.28 -2.03 16.88
N TRP A 458 -19.36 -1.49 16.32
CA TRP A 458 -20.33 -2.32 15.63
C TRP A 458 -19.73 -2.85 14.33
N ALA A 459 -20.36 -3.91 13.81
CA ALA A 459 -19.97 -4.55 12.55
C ALA A 459 -18.63 -5.29 12.70
N ASN A 460 -18.48 -6.02 13.80
CA ASN A 460 -17.38 -6.95 13.96
C ASN A 460 -17.93 -8.32 14.36
N ASN A 461 -17.05 -9.23 14.77
CA ASN A 461 -17.46 -10.53 15.28
C ASN A 461 -17.15 -10.65 16.78
N LEU A 462 -17.26 -9.54 17.50
CA LEU A 462 -16.90 -9.53 18.91
C LEU A 462 -17.83 -10.43 19.72
N THR A 463 -17.23 -11.21 20.61
CA THR A 463 -17.93 -12.12 21.51
C THR A 463 -17.87 -11.57 22.94
N GLY A 464 -18.53 -12.29 23.85
CA GLY A 464 -18.58 -11.90 25.24
C GLY A 464 -19.88 -11.25 25.64
N GLY A 465 -19.84 -10.57 26.79
CA GLY A 465 -21.00 -9.87 27.29
C GLY A 465 -20.72 -8.44 27.74
N ILE A 466 -21.69 -7.83 28.39
CA ILE A 466 -21.57 -6.48 28.94
C ILE A 466 -21.30 -6.61 30.44
N PRO A 467 -20.15 -6.17 30.94
CA PRO A 467 -19.88 -6.30 32.38
C PRO A 467 -20.93 -5.60 33.23
N GLU A 468 -21.09 -6.08 34.46
CA GLU A 468 -21.96 -5.45 35.44
C GLU A 468 -21.35 -4.20 36.06
N SER A 469 -20.12 -3.84 35.68
CA SER A 469 -19.40 -2.72 36.30
C SER A 469 -19.22 -1.56 35.31
N ILE A 470 -20.11 -1.42 34.34
CA ILE A 470 -19.99 -0.36 33.35
C ILE A 470 -20.31 0.98 33.99
N CYS A 471 -19.51 1.99 33.64
CA CYS A 471 -19.78 3.39 33.97
C CYS A 471 -19.60 3.73 35.44
N VAL A 472 -19.39 2.73 36.28
CA VAL A 472 -19.15 2.95 37.70
C VAL A 472 -17.66 2.97 38.00
N ASP A 473 -16.92 1.98 37.52
CA ASP A 473 -15.45 2.01 37.57
C ASP A 473 -14.85 2.61 36.32
N GLY A 474 -15.58 2.59 35.20
CA GLY A 474 -15.17 3.25 33.98
C GLY A 474 -15.97 4.53 33.74
N GLY A 475 -15.69 5.15 32.60
CA GLY A 475 -16.28 6.43 32.29
C GLY A 475 -17.77 6.36 32.03
N ASN A 476 -18.45 7.47 32.31
CA ASN A 476 -19.89 7.58 32.11
C ASN A 476 -20.13 7.83 30.62
N LEU A 477 -20.54 6.78 29.92
CA LEU A 477 -20.54 6.80 28.46
C LEU A 477 -21.68 7.63 27.89
N GLU A 478 -21.44 8.14 26.67
CA GLU A 478 -22.49 8.78 25.88
C GLU A 478 -23.03 7.88 24.78
N THR A 479 -22.17 7.07 24.17
CA THR A 479 -22.59 6.13 23.14
C THR A 479 -22.02 4.76 23.42
N LEU A 480 -22.86 3.75 23.26
CA LEU A 480 -22.45 2.35 23.34
C LEU A 480 -23.05 1.69 22.11
N ILE A 481 -22.22 1.51 21.08
CA ILE A 481 -22.70 1.17 19.74
C ILE A 481 -21.95 -0.10 19.33
N LEU A 482 -22.56 -1.25 19.60
CA LEU A 482 -21.95 -2.55 19.36
C LEU A 482 -22.89 -3.48 18.59
N ASN A 483 -23.85 -2.91 17.87
CA ASN A 483 -24.74 -3.72 17.07
C ASN A 483 -23.95 -4.54 16.03
N ASN A 484 -24.60 -5.59 15.53
CA ASN A 484 -24.01 -6.47 14.53
C ASN A 484 -22.68 -7.06 15.04
N ASN A 485 -22.73 -7.65 16.22
CA ASN A 485 -21.63 -8.45 16.75
C ASN A 485 -22.20 -9.81 17.15
N LEU A 486 -21.43 -10.57 17.96
CA LEU A 486 -21.88 -11.84 18.51
C LEU A 486 -21.97 -11.79 20.04
N LEU A 487 -22.23 -10.60 20.59
CA LEU A 487 -22.27 -10.45 22.04
C LEU A 487 -23.38 -11.34 22.62
N THR A 488 -23.12 -11.88 23.80
CA THR A 488 -24.04 -12.77 24.50
C THR A 488 -24.40 -12.17 25.85
N GLY A 489 -25.22 -12.89 26.61
CA GLY A 489 -25.62 -12.44 27.92
C GLY A 489 -26.72 -11.39 27.83
N SER A 490 -26.96 -10.75 28.98
CA SER A 490 -28.01 -9.76 29.12
C SER A 490 -27.42 -8.39 29.40
N LEU A 491 -28.26 -7.36 29.23
CA LEU A 491 -27.89 -5.96 29.43
C LEU A 491 -27.98 -5.63 30.91
N PRO A 492 -26.86 -5.37 31.58
CA PRO A 492 -26.89 -5.26 33.04
C PRO A 492 -27.75 -4.11 33.52
N GLU A 493 -28.40 -4.32 34.67
CA GLU A 493 -29.04 -3.21 35.36
C GLU A 493 -28.04 -2.10 35.68
N SER A 494 -26.74 -2.43 35.69
CA SER A 494 -25.70 -1.43 35.92
C SER A 494 -25.67 -0.36 34.84
N ILE A 495 -26.36 -0.57 33.71
CA ILE A 495 -26.48 0.46 32.70
C ILE A 495 -27.11 1.71 33.29
N SER A 496 -27.89 1.58 34.37
CA SER A 496 -28.46 2.73 35.03
C SER A 496 -27.41 3.75 35.47
N LYS A 497 -26.15 3.33 35.59
CA LYS A 497 -25.10 4.23 36.05
C LYS A 497 -24.53 5.09 34.92
N CYS A 498 -24.92 4.84 33.67
CA CYS A 498 -24.44 5.61 32.53
C CYS A 498 -25.38 6.79 32.25
N THR A 499 -25.47 7.68 33.23
CA THR A 499 -26.44 8.77 33.16
C THR A 499 -26.22 9.68 31.96
N ASN A 500 -25.00 9.72 31.42
CA ASN A 500 -24.73 10.58 30.27
C ASN A 500 -25.15 9.96 28.95
N MET A 501 -25.69 8.75 28.95
CA MET A 501 -25.89 8.00 27.71
C MET A 501 -26.83 8.72 26.77
N LEU A 502 -26.43 8.81 25.51
CA LEU A 502 -27.26 9.37 24.45
C LEU A 502 -27.75 8.33 23.46
N TRP A 503 -26.94 7.31 23.17
CA TRP A 503 -27.23 6.38 22.08
C TRP A 503 -26.69 5.00 22.44
N ILE A 504 -27.60 4.03 22.58
CA ILE A 504 -27.26 2.63 22.78
C ILE A 504 -27.74 1.84 21.58
N SER A 505 -26.82 1.11 20.95
CA SER A 505 -27.16 0.22 19.83
C SER A 505 -26.55 -1.14 20.09
N LEU A 506 -27.40 -2.14 20.29
CA LEU A 506 -26.97 -3.52 20.47
C LEU A 506 -27.80 -4.46 19.59
N SER A 507 -28.40 -3.95 18.54
CA SER A 507 -29.20 -4.78 17.66
C SER A 507 -28.32 -5.85 17.01
N SER A 508 -28.97 -6.90 16.54
CA SER A 508 -28.33 -8.00 15.81
C SER A 508 -27.13 -8.58 16.56
N ASN A 509 -27.33 -8.83 17.86
CA ASN A 509 -26.39 -9.62 18.63
C ASN A 509 -27.07 -10.94 19.02
N LEU A 510 -26.54 -11.62 20.04
CA LEU A 510 -27.12 -12.84 20.58
C LEU A 510 -27.59 -12.65 22.01
N LEU A 511 -28.13 -11.48 22.31
CA LEU A 511 -28.44 -11.16 23.71
C LEU A 511 -29.68 -11.89 24.19
N THR A 512 -29.77 -12.04 25.52
CA THR A 512 -30.85 -12.74 26.19
C THR A 512 -31.22 -11.98 27.46
N GLY A 513 -32.20 -12.50 28.17
CA GLY A 513 -32.64 -11.88 29.41
C GLY A 513 -33.70 -10.81 29.18
N GLU A 514 -33.94 -10.06 30.25
CA GLU A 514 -34.93 -9.00 30.26
C GLU A 514 -34.30 -7.64 30.04
N ILE A 515 -35.11 -6.71 29.54
CA ILE A 515 -34.71 -5.32 29.40
C ILE A 515 -34.69 -4.69 30.79
N PRO A 516 -33.53 -4.20 31.25
CA PRO A 516 -33.45 -3.74 32.65
C PRO A 516 -34.30 -2.51 32.88
N VAL A 517 -35.04 -2.52 33.99
CA VAL A 517 -35.84 -1.35 34.37
C VAL A 517 -34.94 -0.16 34.65
N GLY A 518 -33.66 -0.39 34.94
CA GLY A 518 -32.74 0.70 35.20
C GLY A 518 -32.50 1.60 34.01
N ILE A 519 -32.89 1.17 32.81
CA ILE A 519 -32.82 2.05 31.65
C ILE A 519 -33.54 3.36 31.93
N GLY A 520 -34.51 3.34 32.84
CA GLY A 520 -35.30 4.52 33.14
C GLY A 520 -34.52 5.65 33.76
N LYS A 521 -33.40 5.36 34.40
CA LYS A 521 -32.59 6.43 34.99
C LYS A 521 -31.85 7.24 33.94
N LEU A 522 -31.87 6.82 32.68
CA LEU A 522 -31.11 7.49 31.62
C LEU A 522 -31.99 8.56 30.96
N GLU A 523 -32.02 9.72 31.61
CA GLU A 523 -32.89 10.81 31.17
C GLU A 523 -32.32 11.62 30.02
N LYS A 524 -31.12 11.26 29.54
CA LYS A 524 -30.57 11.88 28.33
C LYS A 524 -30.51 10.89 27.17
N LEU A 525 -30.92 9.65 27.38
CA LEU A 525 -30.94 8.67 26.31
C LEU A 525 -31.91 9.11 25.22
N ALA A 526 -31.41 9.19 23.98
CA ALA A 526 -32.20 9.60 22.83
C ALA A 526 -32.49 8.47 21.86
N ILE A 527 -31.57 7.52 21.71
CA ILE A 527 -31.71 6.43 20.74
C ILE A 527 -31.42 5.12 21.46
N LEU A 528 -32.32 4.14 21.30
CA LEU A 528 -32.15 2.83 21.92
C LEU A 528 -32.54 1.78 20.90
N GLN A 529 -31.56 1.00 20.45
CA GLN A 529 -31.77 -0.07 19.48
C GLN A 529 -31.36 -1.39 20.11
N LEU A 530 -32.29 -2.35 20.13
CA LEU A 530 -32.02 -3.68 20.67
C LEU A 530 -32.67 -4.75 19.80
N GLY A 531 -32.93 -4.45 18.54
CA GLY A 531 -33.65 -5.38 17.70
C GLY A 531 -32.81 -6.56 17.27
N ASN A 532 -33.51 -7.61 16.86
CA ASN A 532 -32.91 -8.88 16.40
C ASN A 532 -32.00 -9.48 17.47
N ASN A 533 -32.60 -9.72 18.64
CA ASN A 533 -31.95 -10.51 19.68
C ASN A 533 -32.91 -11.58 20.18
N SER A 534 -32.78 -11.99 21.42
CA SER A 534 -33.70 -12.94 22.03
C SER A 534 -34.15 -12.45 23.40
N LEU A 535 -34.32 -11.14 23.53
CA LEU A 535 -34.77 -10.57 24.79
C LEU A 535 -36.13 -11.14 25.18
N THR A 536 -36.34 -11.28 26.48
CA THR A 536 -37.59 -11.81 27.02
C THR A 536 -38.15 -10.85 28.05
N GLY A 537 -39.33 -11.16 28.56
CA GLY A 537 -39.94 -10.36 29.59
C GLY A 537 -40.79 -9.23 29.04
N ASN A 538 -41.10 -8.30 29.92
CA ASN A 538 -41.94 -7.15 29.59
C ASN A 538 -41.10 -6.02 29.02
N ILE A 539 -41.76 -5.15 28.25
CA ILE A 539 -41.22 -3.84 27.93
C ILE A 539 -41.39 -3.01 29.19
N PRO A 540 -40.30 -2.65 29.90
CA PRO A 540 -40.48 -2.00 31.20
C PRO A 540 -41.22 -0.68 31.09
N SER A 541 -42.11 -0.45 32.07
CA SER A 541 -42.77 0.85 32.19
C SER A 541 -41.78 1.97 32.45
N GLU A 542 -40.62 1.65 33.02
CA GLU A 542 -39.64 2.67 33.37
C GLU A 542 -39.06 3.38 32.15
N LEU A 543 -39.27 2.85 30.94
CA LEU A 543 -38.84 3.57 29.74
C LEU A 543 -39.52 4.93 29.64
N GLY A 544 -40.67 5.11 30.28
CA GLY A 544 -41.36 6.38 30.23
C GLY A 544 -40.62 7.51 30.90
N ASN A 545 -39.66 7.20 31.78
CA ASN A 545 -38.90 8.22 32.46
C ASN A 545 -37.70 8.70 31.66
N CYS A 546 -37.47 8.15 30.48
CA CYS A 546 -36.38 8.59 29.59
C CYS A 546 -36.83 9.88 28.92
N LYS A 547 -36.45 11.02 29.53
CA LYS A 547 -37.05 12.30 29.15
C LYS A 547 -36.81 12.65 27.68
N ASN A 548 -35.70 12.18 27.10
CA ASN A 548 -35.30 12.59 25.77
C ASN A 548 -35.37 11.46 24.74
N LEU A 549 -35.94 10.31 25.09
CA LEU A 549 -35.94 9.17 24.18
C LEU A 549 -36.80 9.48 22.96
N ILE A 550 -36.18 9.46 21.78
CA ILE A 550 -36.88 9.72 20.53
C ILE A 550 -36.87 8.53 19.58
N TRP A 551 -36.10 7.48 19.86
CA TRP A 551 -35.93 6.40 18.91
C TRP A 551 -35.80 5.07 19.65
N LEU A 552 -36.81 4.21 19.53
CA LEU A 552 -36.88 2.96 20.28
C LEU A 552 -37.20 1.81 19.34
N ASP A 553 -36.22 0.92 19.16
CA ASP A 553 -36.34 -0.20 18.24
C ASP A 553 -36.08 -1.49 19.01
N LEU A 554 -37.14 -2.27 19.23
CA LEU A 554 -37.08 -3.55 19.93
C LEU A 554 -37.60 -4.70 19.09
N ASN A 555 -37.57 -4.57 17.76
CA ASN A 555 -38.19 -5.57 16.92
C ASN A 555 -37.41 -6.89 16.98
N SER A 556 -38.10 -7.97 16.62
CA SER A 556 -37.47 -9.27 16.44
C SER A 556 -36.79 -9.73 17.73
N ASN A 557 -37.55 -9.69 18.83
CA ASN A 557 -37.12 -10.28 20.08
C ASN A 557 -38.17 -11.27 20.55
N ASN A 558 -38.16 -11.64 21.83
CA ASN A 558 -39.15 -12.57 22.37
C ASN A 558 -39.89 -11.94 23.54
N LEU A 559 -40.33 -10.68 23.37
CA LEU A 559 -40.92 -9.91 24.45
C LEU A 559 -42.41 -10.20 24.58
N THR A 560 -42.91 -10.14 25.81
CA THR A 560 -44.30 -10.42 26.11
C THR A 560 -44.82 -9.34 27.06
N GLY A 561 -46.02 -9.55 27.58
CA GLY A 561 -46.67 -8.55 28.40
C GLY A 561 -47.47 -7.57 27.57
N ASN A 562 -47.88 -6.49 28.23
CA ASN A 562 -48.71 -5.47 27.62
C ASN A 562 -47.84 -4.32 27.10
N LEU A 563 -48.44 -3.51 26.24
CA LEU A 563 -47.80 -2.26 25.84
C LEU A 563 -47.89 -1.29 27.02
N PRO A 564 -46.76 -0.75 27.50
CA PRO A 564 -46.84 0.24 28.58
C PRO A 564 -47.32 1.59 28.05
N GLY A 565 -48.44 2.07 28.59
CA GLY A 565 -48.91 3.39 28.23
C GLY A 565 -47.90 4.47 28.54
N GLU A 566 -46.97 4.19 29.47
CA GLU A 566 -45.97 5.16 29.87
C GLU A 566 -44.97 5.51 28.76
N LEU A 567 -44.96 4.75 27.66
CA LEU A 567 -44.04 5.08 26.57
C LEU A 567 -44.35 6.45 25.96
N ALA A 568 -45.61 6.86 25.97
CA ALA A 568 -46.00 8.16 25.44
C ALA A 568 -46.11 9.23 26.51
N SER A 569 -45.75 8.91 27.76
CA SER A 569 -45.93 9.87 28.85
C SER A 569 -45.02 11.09 28.72
N GLN A 570 -44.06 11.07 27.80
CA GLN A 570 -43.22 12.22 27.52
C GLN A 570 -43.63 12.98 26.27
N ALA A 571 -44.74 12.58 25.65
CA ALA A 571 -45.22 13.27 24.45
C ALA A 571 -45.45 14.75 24.74
N GLY A 572 -44.99 15.61 23.85
CA GLY A 572 -45.14 17.03 24.00
C GLY A 572 -44.18 17.67 24.98
N LEU A 573 -43.24 16.90 25.55
CA LEU A 573 -42.30 17.41 26.52
C LEU A 573 -40.85 17.15 26.16
N VAL A 574 -40.57 16.40 25.10
CA VAL A 574 -39.22 15.95 24.80
C VAL A 574 -38.36 17.14 24.39
N MET A 575 -37.17 17.23 25.00
CA MET A 575 -36.20 18.25 24.63
C MET A 575 -35.08 17.64 23.80
N PRO A 576 -34.56 18.36 22.81
CA PRO A 576 -33.38 17.87 22.10
C PRO A 576 -32.16 17.76 23.01
N GLY A 577 -31.07 17.23 22.47
CA GLY A 577 -29.89 17.00 23.27
C GLY A 577 -28.67 16.73 22.41
N SER A 578 -27.58 16.35 23.09
CA SER A 578 -26.26 16.24 22.47
C SER A 578 -26.13 15.10 21.49
N VAL A 579 -27.21 14.36 21.21
CA VAL A 579 -27.16 13.37 20.14
C VAL A 579 -27.21 14.02 18.75
N SER A 580 -27.52 15.31 18.65
CA SER A 580 -27.52 15.97 17.36
C SER A 580 -26.09 16.11 16.83
N GLY A 581 -25.96 16.12 15.51
CA GLY A 581 -24.68 16.37 14.88
C GLY A 581 -23.80 15.16 14.70
N LYS A 582 -24.37 13.96 14.70
CA LYS A 582 -23.62 12.72 14.55
C LYS A 582 -23.96 12.11 13.19
N GLN A 583 -22.93 11.57 12.52
CA GLN A 583 -23.12 10.92 11.25
C GLN A 583 -23.95 9.66 11.39
N PHE A 584 -24.94 9.48 10.52
CA PHE A 584 -25.82 8.32 10.57
C PHE A 584 -26.14 7.85 9.16
N ALA A 585 -26.54 6.58 9.06
CA ALA A 585 -27.15 6.04 7.85
C ALA A 585 -28.41 5.28 8.24
N PHE A 586 -29.44 5.36 7.40
CA PHE A 586 -30.70 4.66 7.62
C PHE A 586 -30.98 3.76 6.44
N VAL A 587 -31.21 2.48 6.72
CA VAL A 587 -31.51 1.47 5.70
C VAL A 587 -33.00 1.21 5.77
N ARG A 588 -33.75 1.78 4.83
CA ARG A 588 -35.20 1.59 4.82
C ARG A 588 -35.53 0.24 4.19
N ASN A 589 -36.22 -0.61 4.96
CA ASN A 589 -36.75 -1.87 4.43
C ASN A 589 -38.00 -1.55 3.63
N GLU A 590 -37.87 -1.51 2.31
CA GLU A 590 -38.98 -1.20 1.42
C GLU A 590 -39.81 -2.43 1.05
N GLY A 591 -39.71 -3.51 1.82
CA GLY A 591 -40.42 -4.73 1.54
C GLY A 591 -41.71 -4.93 2.32
N GLY A 592 -42.20 -3.90 2.99
CA GLY A 592 -43.46 -4.01 3.71
C GLY A 592 -43.33 -4.76 5.03
N THR A 593 -44.28 -5.67 5.29
CA THR A 593 -44.32 -6.36 6.57
C THR A 593 -43.54 -7.67 6.56
N ASP A 594 -43.40 -8.31 5.40
CA ASP A 594 -42.58 -9.53 5.32
C ASP A 594 -41.19 -9.28 5.87
N CYS A 595 -40.60 -8.12 5.54
CA CYS A 595 -39.26 -7.79 6.00
C CYS A 595 -39.30 -7.36 7.46
N ARG A 596 -38.41 -7.94 8.26
CA ARG A 596 -38.44 -7.74 9.71
C ARG A 596 -37.96 -6.33 10.06
N GLY A 597 -38.77 -5.61 10.82
CA GLY A 597 -38.46 -4.26 11.21
C GLY A 597 -38.78 -3.25 10.11
N ALA A 598 -38.94 -1.99 10.52
CA ALA A 598 -39.17 -0.91 9.58
C ALA A 598 -37.90 -0.48 8.86
N GLY A 599 -36.74 -0.71 9.46
CA GLY A 599 -35.49 -0.35 8.82
C GLY A 599 -34.31 -0.54 9.77
N GLY A 600 -33.24 0.19 9.49
CA GLY A 600 -32.05 0.14 10.30
C GLY A 600 -31.27 1.45 10.35
N LEU A 601 -31.16 2.01 11.55
CA LEU A 601 -30.34 3.19 11.79
C LEU A 601 -28.97 2.75 12.29
N VAL A 602 -27.92 3.36 11.76
CA VAL A 602 -26.56 3.03 12.18
C VAL A 602 -25.74 4.30 12.32
N GLU A 603 -24.96 4.36 13.40
CA GLU A 603 -23.86 5.31 13.49
C GLU A 603 -22.94 5.10 12.29
N PHE A 604 -22.59 6.20 11.59
CA PHE A 604 -21.90 6.07 10.31
C PHE A 604 -20.66 6.96 10.23
N GLU A 605 -20.08 7.32 11.36
CA GLU A 605 -18.84 8.09 11.32
C GLU A 605 -17.77 7.28 10.63
N GLY A 606 -17.10 7.91 9.67
CA GLY A 606 -15.89 7.34 9.09
C GLY A 606 -16.10 6.13 8.21
N ILE A 607 -17.30 5.89 7.73
CA ILE A 607 -17.60 4.71 6.92
C ILE A 607 -18.12 5.15 5.56
N ARG A 608 -17.57 4.56 4.50
CA ARG A 608 -18.09 4.77 3.15
C ARG A 608 -19.44 4.09 2.99
N ALA A 609 -20.30 4.70 2.17
CA ALA A 609 -21.62 4.13 1.94
C ALA A 609 -21.53 2.77 1.27
N GLU A 610 -20.54 2.60 0.39
CA GLU A 610 -20.41 1.33 -0.33
C GLU A 610 -20.23 0.15 0.62
N ARG A 611 -19.46 0.34 1.69
CA ARG A 611 -19.25 -0.75 2.64
C ARG A 611 -20.58 -1.22 3.23
N LEU A 612 -21.58 -0.34 3.28
CA LEU A 612 -22.88 -0.70 3.81
C LEU A 612 -23.78 -1.34 2.77
N GLU A 613 -23.68 -0.89 1.51
CA GLU A 613 -24.49 -1.46 0.45
C GLU A 613 -24.19 -2.93 0.23
N HIS A 614 -23.05 -3.42 0.70
CA HIS A 614 -22.66 -4.81 0.56
C HIS A 614 -22.66 -5.56 1.88
N PHE A 615 -23.15 -4.95 2.95
CA PHE A 615 -23.34 -5.66 4.21
C PHE A 615 -24.56 -6.56 4.07
N PRO A 616 -24.40 -7.89 4.19
CA PRO A 616 -25.56 -8.78 3.97
C PRO A 616 -26.78 -8.44 4.81
N MET A 617 -26.59 -7.71 5.93
CA MET A 617 -27.76 -7.23 6.65
C MET A 617 -28.67 -6.40 5.75
N VAL A 618 -28.07 -5.67 4.80
CA VAL A 618 -28.87 -4.88 3.86
C VAL A 618 -29.74 -5.80 3.01
N HIS A 619 -29.13 -6.81 2.39
CA HIS A 619 -29.85 -7.70 1.49
C HIS A 619 -30.86 -8.60 2.22
N SER A 620 -30.96 -8.51 3.55
CA SER A 620 -31.97 -9.29 4.27
C SER A 620 -33.37 -9.01 3.76
N CYS A 621 -33.59 -7.84 3.17
CA CYS A 621 -34.85 -7.47 2.53
C CYS A 621 -34.59 -7.25 1.04
N PRO A 622 -35.45 -7.78 0.15
CA PRO A 622 -35.18 -7.63 -1.28
C PRO A 622 -35.14 -6.20 -1.78
N LYS A 623 -35.76 -5.26 -1.07
CA LYS A 623 -35.80 -3.86 -1.48
C LYS A 623 -35.26 -2.99 -0.35
N THR A 624 -34.29 -2.13 -0.67
CA THR A 624 -33.67 -1.28 0.34
C THR A 624 -33.25 0.04 -0.28
N ARG A 625 -33.14 1.06 0.57
CA ARG A 625 -32.63 2.38 0.20
C ARG A 625 -31.78 2.91 1.35
N ILE A 626 -30.75 3.69 0.99
CA ILE A 626 -29.79 4.20 1.97
C ILE A 626 -30.03 5.70 2.11
N TYR A 627 -30.76 6.10 3.15
CA TYR A 627 -30.77 7.49 3.58
C TYR A 627 -29.55 7.75 4.45
N SER A 628 -28.98 8.95 4.33
CA SER A 628 -27.72 9.27 4.98
C SER A 628 -27.67 10.75 5.35
N GLY A 629 -26.97 11.05 6.44
CA GLY A 629 -26.79 12.45 6.82
C GLY A 629 -26.27 12.60 8.24
N MET A 630 -26.61 13.74 8.84
CA MET A 630 -26.24 14.04 10.21
C MET A 630 -27.51 14.15 11.05
N THR A 631 -27.48 13.53 12.24
CA THR A 631 -28.65 13.54 13.12
C THR A 631 -29.07 14.98 13.41
N MET A 632 -30.36 15.25 13.22
CA MET A 632 -30.88 16.60 13.37
C MET A 632 -32.30 16.53 13.91
N TYR A 633 -32.51 17.11 15.09
CA TYR A 633 -33.86 17.27 15.61
C TYR A 633 -34.66 18.22 14.72
N MET A 634 -35.96 17.93 14.57
CA MET A 634 -36.87 18.79 13.82
C MET A 634 -37.78 19.59 14.75
N PHE A 635 -37.41 19.72 16.02
CA PHE A 635 -38.13 20.60 16.93
C PHE A 635 -37.15 21.19 17.93
N SER A 636 -37.57 22.30 18.54
CA SER A 636 -36.78 23.01 19.54
C SER A 636 -37.20 22.69 20.96
N SER A 637 -38.45 22.30 21.16
CA SER A 637 -38.95 21.95 22.48
C SER A 637 -40.27 21.22 22.30
N ASN A 638 -40.81 20.71 23.40
CA ASN A 638 -42.16 20.16 23.42
C ASN A 638 -42.36 19.11 22.32
N GLY A 639 -41.32 18.35 22.01
CA GLY A 639 -41.39 17.33 20.98
C GLY A 639 -41.96 16.02 21.49
N SER A 640 -41.79 14.97 20.68
CA SER A 640 -42.24 13.64 21.05
C SER A 640 -41.28 12.61 20.48
N MET A 641 -41.59 11.34 20.71
CA MET A 641 -40.82 10.27 20.11
C MET A 641 -40.98 10.31 18.60
N ILE A 642 -39.93 9.88 17.90
CA ILE A 642 -39.83 10.02 16.46
C ILE A 642 -39.97 8.68 15.75
N TYR A 643 -39.46 7.60 16.34
CA TYR A 643 -39.38 6.29 15.70
C TYR A 643 -39.65 5.22 16.72
N LEU A 644 -40.63 4.35 16.45
CA LEU A 644 -41.05 3.34 17.41
C LEU A 644 -41.37 2.04 16.68
N ASP A 645 -40.50 1.05 16.84
CA ASP A 645 -40.70 -0.26 16.23
C ASP A 645 -40.67 -1.30 17.34
N LEU A 646 -41.82 -1.92 17.60
CA LEU A 646 -41.95 -3.04 18.53
C LEU A 646 -42.38 -4.30 17.81
N SER A 647 -42.25 -4.33 16.49
CA SER A 647 -42.81 -5.41 15.68
C SER A 647 -42.08 -6.72 15.94
N TYR A 648 -42.73 -7.81 15.55
CA TYR A 648 -42.17 -9.16 15.65
C TYR A 648 -41.75 -9.47 17.09
N ASN A 649 -42.77 -9.52 17.96
CA ASN A 649 -42.61 -9.95 19.33
C ASN A 649 -43.82 -10.82 19.68
N ALA A 650 -44.25 -10.82 20.93
CA ALA A 650 -45.47 -11.50 21.35
C ALA A 650 -46.18 -10.66 22.40
N VAL A 651 -46.32 -9.36 22.12
CA VAL A 651 -46.95 -8.43 23.03
C VAL A 651 -48.47 -8.56 22.87
N SER A 652 -49.17 -8.57 24.00
CA SER A 652 -50.61 -8.75 24.06
C SER A 652 -51.25 -7.46 24.60
N GLY A 653 -52.55 -7.52 24.86
CA GLY A 653 -53.26 -6.37 25.36
C GLY A 653 -53.63 -5.38 24.27
N SER A 654 -54.05 -4.21 24.71
CA SER A 654 -54.58 -3.18 23.82
C SER A 654 -53.58 -2.06 23.60
N ILE A 655 -53.69 -1.41 22.45
CA ILE A 655 -52.89 -0.24 22.11
C ILE A 655 -53.26 0.88 23.07
N PRO A 656 -52.32 1.39 23.88
CA PRO A 656 -52.65 2.51 24.77
C PRO A 656 -53.12 3.72 24.00
N LEU A 657 -54.22 4.33 24.47
CA LEU A 657 -54.76 5.50 23.81
C LEU A 657 -53.72 6.61 23.69
N GLY A 658 -52.85 6.74 24.69
CA GLY A 658 -51.89 7.83 24.69
C GLY A 658 -50.92 7.81 23.54
N TYR A 659 -50.76 6.66 22.88
CA TYR A 659 -49.75 6.56 21.82
C TYR A 659 -50.04 7.53 20.68
N GLY A 660 -51.31 7.86 20.46
CA GLY A 660 -51.72 8.71 19.34
C GLY A 660 -51.42 10.18 19.52
N ALA A 661 -50.96 10.61 20.69
CA ALA A 661 -50.67 12.01 20.95
C ALA A 661 -49.21 12.36 20.64
N MET A 662 -48.47 11.49 19.97
CA MET A 662 -47.06 11.74 19.65
C MET A 662 -47.01 12.45 18.30
N GLY A 663 -46.93 13.78 18.33
CA GLY A 663 -47.12 14.59 17.14
C GLY A 663 -45.97 14.55 16.15
N TYR A 664 -44.77 14.22 16.59
CA TYR A 664 -43.64 14.10 15.70
C TYR A 664 -43.32 12.66 15.33
N LEU A 665 -44.07 11.69 15.85
CA LEU A 665 -43.83 10.30 15.55
C LEU A 665 -43.95 10.09 14.04
N GLN A 666 -42.86 9.64 13.42
CA GLN A 666 -42.82 9.44 11.99
C GLN A 666 -42.92 7.98 11.59
N VAL A 667 -42.62 7.06 12.50
CA VAL A 667 -42.72 5.63 12.24
C VAL A 667 -43.31 4.95 13.46
N LEU A 668 -44.35 4.14 13.26
CA LEU A 668 -44.96 3.37 14.33
C LEU A 668 -45.22 1.96 13.82
N ASN A 669 -44.37 1.03 14.21
CA ASN A 669 -44.47 -0.36 13.77
C ASN A 669 -44.80 -1.23 14.96
N LEU A 670 -46.05 -1.67 15.04
CA LEU A 670 -46.48 -2.64 16.04
C LEU A 670 -46.86 -3.97 15.41
N GLY A 671 -46.37 -4.24 14.20
CA GLY A 671 -46.80 -5.42 13.48
C GLY A 671 -46.28 -6.70 14.07
N HIS A 672 -47.01 -7.79 13.81
CA HIS A 672 -46.63 -9.13 14.21
C HIS A 672 -46.47 -9.22 15.73
N ASN A 673 -47.61 -9.10 16.40
CA ASN A 673 -47.69 -9.28 17.84
C ASN A 673 -49.00 -10.02 18.13
N LEU A 674 -49.48 -9.93 19.36
CA LEU A 674 -50.76 -10.50 19.78
C LEU A 674 -51.64 -9.40 20.37
N LEU A 675 -51.59 -8.22 19.76
CA LEU A 675 -52.37 -7.09 20.25
C LEU A 675 -53.85 -7.30 20.02
N THR A 676 -54.66 -6.85 20.97
CA THR A 676 -56.12 -6.97 20.93
C THR A 676 -56.76 -5.59 21.06
N GLY A 677 -58.09 -5.56 21.13
CA GLY A 677 -58.81 -4.32 21.22
C GLY A 677 -58.95 -3.61 19.88
N THR A 678 -59.31 -2.33 19.95
CA THR A 678 -59.48 -1.51 18.76
C THR A 678 -58.27 -0.62 18.53
N ILE A 679 -58.17 -0.11 17.32
CA ILE A 679 -57.20 0.94 16.99
C ILE A 679 -57.74 2.25 17.57
N PRO A 680 -57.01 2.91 18.47
CA PRO A 680 -57.56 4.11 19.11
C PRO A 680 -57.82 5.21 18.09
N ASP A 681 -58.93 5.91 18.29
CA ASP A 681 -59.23 7.10 17.50
C ASP A 681 -58.20 8.21 17.72
N SER A 682 -57.52 8.19 18.86
CA SER A 682 -56.46 9.16 19.12
C SER A 682 -55.39 9.14 18.04
N PHE A 683 -55.28 8.05 17.29
CA PHE A 683 -54.28 7.97 16.24
C PHE A 683 -54.46 9.06 15.18
N GLY A 684 -55.60 9.74 15.16
CA GLY A 684 -55.73 10.92 14.33
C GLY A 684 -54.80 12.04 14.72
N GLY A 685 -54.11 11.92 15.84
CA GLY A 685 -53.14 12.90 16.30
C GLY A 685 -51.73 12.69 15.81
N LEU A 686 -51.47 11.60 15.07
CA LEU A 686 -50.12 11.27 14.62
C LEU A 686 -49.76 12.08 13.37
N LYS A 687 -49.75 13.40 13.55
CA LYS A 687 -49.61 14.32 12.42
C LYS A 687 -48.40 14.00 11.54
N ALA A 688 -47.27 13.65 12.15
CA ALA A 688 -46.05 13.46 11.41
C ALA A 688 -45.93 12.07 10.77
N ILE A 689 -46.84 11.15 11.08
CA ILE A 689 -46.59 9.75 10.76
C ILE A 689 -46.55 9.55 9.25
N GLY A 690 -45.60 8.73 8.80
CA GLY A 690 -45.48 8.39 7.40
C GLY A 690 -45.57 6.90 7.17
N VAL A 691 -45.24 6.11 8.20
CA VAL A 691 -45.28 4.66 8.14
C VAL A 691 -46.03 4.17 9.37
N LEU A 692 -47.15 3.47 9.15
CA LEU A 692 -47.95 2.89 10.22
C LEU A 692 -48.18 1.42 9.89
N ASP A 693 -47.71 0.53 10.76
CA ASP A 693 -47.81 -0.91 10.54
C ASP A 693 -48.42 -1.54 11.79
N LEU A 694 -49.66 -2.00 11.66
CA LEU A 694 -50.37 -2.69 12.74
C LEU A 694 -50.76 -4.10 12.31
N SER A 695 -50.12 -4.62 11.27
CA SER A 695 -50.51 -5.89 10.69
C SER A 695 -50.14 -7.05 11.60
N HIS A 696 -50.81 -8.19 11.37
CA HIS A 696 -50.57 -9.44 12.09
C HIS A 696 -50.74 -9.27 13.59
N ASN A 697 -51.96 -8.90 13.97
CA ASN A 697 -52.39 -8.89 15.36
C ASN A 697 -53.78 -9.51 15.42
N ASP A 698 -54.50 -9.26 16.51
CA ASP A 698 -55.89 -9.67 16.66
C ASP A 698 -56.75 -8.45 16.99
N LEU A 699 -56.50 -7.35 16.29
CA LEU A 699 -57.25 -6.12 16.52
C LEU A 699 -58.64 -6.21 15.90
N GLN A 700 -59.62 -5.63 16.60
CA GLN A 700 -61.00 -5.63 16.17
C GLN A 700 -61.48 -4.23 15.81
N GLY A 701 -62.71 -4.15 15.34
CA GLY A 701 -63.38 -2.88 15.21
C GLY A 701 -63.11 -2.19 13.89
N PHE A 702 -63.30 -0.87 13.92
CA PHE A 702 -63.27 -0.03 12.73
C PHE A 702 -61.93 0.70 12.61
N LEU A 703 -61.56 0.99 11.38
CA LEU A 703 -60.45 1.90 11.14
C LEU A 703 -60.87 3.32 11.49
N PRO A 704 -60.13 4.01 12.36
CA PRO A 704 -60.51 5.39 12.69
C PRO A 704 -60.56 6.29 11.45
N GLY A 705 -61.62 7.07 11.35
CA GLY A 705 -61.74 7.99 10.24
C GLY A 705 -60.62 9.01 10.21
N SER A 706 -60.16 9.46 11.38
CA SER A 706 -59.13 10.49 11.45
C SER A 706 -57.83 10.06 10.78
N LEU A 707 -57.67 8.78 10.47
CA LEU A 707 -56.52 8.35 9.69
C LEU A 707 -56.46 9.10 8.36
N GLY A 708 -57.62 9.51 7.84
CA GLY A 708 -57.65 10.29 6.62
C GLY A 708 -57.09 11.69 6.76
N GLY A 709 -56.98 12.19 7.99
CA GLY A 709 -56.41 13.50 8.26
C GLY A 709 -54.91 13.51 8.43
N LEU A 710 -54.24 12.39 8.16
CA LEU A 710 -52.78 12.29 8.27
C LEU A 710 -52.21 12.56 6.89
N SER A 711 -51.73 13.80 6.68
CA SER A 711 -51.36 14.22 5.33
C SER A 711 -50.07 13.58 4.84
N PHE A 712 -49.32 12.90 5.70
CA PHE A 712 -48.06 12.29 5.33
C PHE A 712 -48.06 10.77 5.41
N LEU A 713 -49.20 10.16 5.76
CA LEU A 713 -49.28 8.71 5.89
C LEU A 713 -49.13 8.08 4.51
N SER A 714 -47.94 7.54 4.23
CA SER A 714 -47.62 6.97 2.93
C SER A 714 -47.40 5.46 2.96
N ASP A 715 -47.42 4.84 4.13
CA ASP A 715 -47.15 3.40 4.22
C ASP A 715 -48.00 2.86 5.36
N LEU A 716 -49.19 2.36 5.01
CA LEU A 716 -50.11 1.78 5.96
C LEU A 716 -50.20 0.27 5.72
N ASP A 717 -50.38 -0.48 6.80
CA ASP A 717 -50.58 -1.91 6.68
C ASP A 717 -51.34 -2.36 7.93
N VAL A 718 -52.60 -2.74 7.74
CA VAL A 718 -53.43 -3.31 8.78
C VAL A 718 -53.87 -4.73 8.44
N SER A 719 -53.21 -5.35 7.47
CA SER A 719 -53.63 -6.66 7.01
C SER A 719 -53.45 -7.69 8.11
N ASN A 720 -54.24 -8.76 8.04
CA ASN A 720 -54.18 -9.86 8.98
C ASN A 720 -54.57 -9.43 10.40
N ASN A 721 -55.81 -8.95 10.53
CA ASN A 721 -56.44 -8.66 11.81
C ASN A 721 -57.90 -9.10 11.71
N ASN A 722 -58.70 -8.72 12.71
CA ASN A 722 -60.16 -8.88 12.63
C ASN A 722 -60.78 -7.49 12.51
N LEU A 723 -60.33 -6.70 11.54
CA LEU A 723 -60.88 -5.37 11.32
C LEU A 723 -62.10 -5.44 10.40
N THR A 724 -63.00 -4.48 10.57
CA THR A 724 -64.24 -4.47 9.80
C THR A 724 -64.68 -3.03 9.59
N GLY A 725 -65.63 -2.87 8.67
CA GLY A 725 -66.22 -1.59 8.41
C GLY A 725 -65.59 -0.89 7.22
N PRO A 726 -66.01 0.35 6.97
CA PRO A 726 -65.49 1.07 5.80
C PRO A 726 -64.03 1.48 6.00
N ILE A 727 -63.34 1.61 4.88
CA ILE A 727 -61.98 2.15 4.86
C ILE A 727 -62.09 3.67 4.80
N PRO A 728 -61.55 4.41 5.79
CA PRO A 728 -61.64 5.87 5.76
C PRO A 728 -61.45 6.47 4.38
N PHE A 729 -62.31 7.42 4.01
CA PHE A 729 -62.28 7.99 2.67
C PHE A 729 -61.27 9.11 2.51
N GLY A 730 -60.69 9.60 3.60
CA GLY A 730 -59.81 10.75 3.53
C GLY A 730 -58.38 10.39 3.20
N GLY A 731 -57.54 11.42 3.23
CA GLY A 731 -56.11 11.20 3.09
C GLY A 731 -55.74 10.39 1.87
N GLN A 732 -54.90 9.38 2.07
CA GLN A 732 -54.35 8.57 0.99
C GLN A 732 -54.74 7.11 1.13
N LEU A 733 -55.75 6.82 1.97
CA LEU A 733 -56.07 5.43 2.29
C LEU A 733 -56.67 4.69 1.11
N THR A 734 -57.55 5.34 0.36
CA THR A 734 -58.22 4.65 -0.75
C THR A 734 -57.27 4.18 -1.83
N THR A 735 -56.01 4.62 -1.80
CA THR A 735 -55.05 4.30 -2.85
C THR A 735 -54.08 3.19 -2.47
N PHE A 736 -53.95 2.85 -1.19
CA PHE A 736 -52.99 1.83 -0.80
C PHE A 736 -53.35 0.49 -1.45
N PRO A 737 -52.37 -0.35 -1.72
CA PRO A 737 -52.66 -1.63 -2.39
C PRO A 737 -53.58 -2.52 -1.57
N LEU A 738 -54.29 -3.40 -2.28
CA LEU A 738 -55.17 -4.36 -1.63
C LEU A 738 -54.43 -5.19 -0.59
N THR A 739 -53.12 -5.37 -0.78
CA THR A 739 -52.34 -6.20 0.13
C THR A 739 -52.34 -5.63 1.54
N ARG A 740 -52.54 -4.31 1.67
CA ARG A 740 -52.43 -3.62 2.94
C ARG A 740 -53.67 -3.78 3.82
N TYR A 741 -54.79 -4.23 3.27
CA TYR A 741 -56.01 -4.43 4.04
C TYR A 741 -56.46 -5.88 4.12
N ALA A 742 -55.79 -6.79 3.40
CA ALA A 742 -56.31 -8.14 3.20
C ALA A 742 -56.28 -8.95 4.50
N ASN A 743 -57.06 -10.04 4.50
CA ASN A 743 -57.11 -10.97 5.62
C ASN A 743 -57.68 -10.30 6.87
N ASN A 744 -58.81 -9.63 6.68
CA ASN A 744 -59.57 -8.99 7.74
C ASN A 744 -60.98 -9.56 7.76
N SER A 745 -61.85 -8.98 8.58
CA SER A 745 -63.18 -9.53 8.82
C SER A 745 -64.30 -8.57 8.43
N GLY A 746 -64.29 -8.10 7.18
CA GLY A 746 -65.40 -7.32 6.67
C GLY A 746 -65.07 -5.90 6.27
N LEU A 747 -63.81 -5.62 5.97
CA LEU A 747 -63.47 -4.32 5.41
C LEU A 747 -64.15 -4.16 4.06
N CYS A 748 -64.64 -2.95 3.80
CA CYS A 748 -65.28 -2.63 2.53
C CYS A 748 -64.92 -1.21 2.15
N GLY A 749 -65.26 -0.85 0.93
CA GLY A 749 -64.94 0.48 0.42
C GLY A 749 -63.59 0.52 -0.24
N VAL A 750 -63.50 1.38 -1.26
CA VAL A 750 -62.29 1.51 -2.08
C VAL A 750 -61.07 1.45 -1.17
N PRO A 751 -60.03 0.67 -1.52
CA PRO A 751 -59.85 -0.12 -2.75
C PRO A 751 -60.63 -1.44 -2.76
N LEU A 752 -61.44 -1.72 -1.75
CA LEU A 752 -62.22 -2.94 -1.70
C LEU A 752 -63.57 -2.73 -2.36
N PRO A 753 -64.34 -3.81 -2.57
CA PRO A 753 -65.71 -3.64 -3.07
C PRO A 753 -66.49 -2.68 -2.20
N PRO A 754 -67.39 -1.90 -2.79
CA PRO A 754 -68.06 -0.84 -2.02
C PRO A 754 -68.92 -1.41 -0.91
N CYS A 755 -69.11 -0.60 0.13
CA CYS A 755 -69.86 -1.05 1.30
C CYS A 755 -71.36 -1.14 0.99
N SER A 756 -71.87 -0.21 0.18
CA SER A 756 -73.30 -0.17 -0.12
C SER A 756 -73.74 -1.34 -1.00
N SER A 757 -72.81 -2.08 -1.59
CA SER A 757 -73.15 -3.29 -2.33
C SER A 757 -72.51 -4.51 -1.66
N VAL B 31 60.55 -5.74 -44.17
CA VAL B 31 61.19 -7.02 -44.45
C VAL B 31 60.29 -7.85 -45.37
N ASN B 32 59.39 -7.17 -46.09
CA ASN B 32 58.34 -7.80 -46.87
C ASN B 32 57.22 -8.26 -45.94
N ASP B 33 55.97 -7.96 -46.32
CA ASP B 33 54.84 -8.35 -45.47
C ASP B 33 54.76 -9.88 -45.33
N THR B 34 55.08 -10.61 -46.41
CA THR B 34 54.99 -12.06 -46.35
C THR B 34 55.92 -12.64 -45.29
N ALA B 35 57.06 -11.99 -45.03
CA ALA B 35 58.00 -12.47 -44.04
C ALA B 35 57.58 -12.08 -42.63
N LEU B 36 56.97 -10.91 -42.45
CA LEU B 36 56.53 -10.48 -41.13
C LEU B 36 55.54 -11.47 -40.54
N LEU B 37 54.51 -11.83 -41.31
CA LEU B 37 53.56 -12.84 -40.85
C LEU B 37 54.25 -14.13 -40.44
N THR B 38 55.35 -14.47 -41.13
CA THR B 38 56.06 -15.71 -40.83
C THR B 38 56.60 -15.72 -39.42
N ALA B 39 57.24 -14.62 -39.00
CA ALA B 39 57.77 -14.53 -37.65
C ALA B 39 56.67 -14.49 -36.59
N PHE B 40 55.45 -14.10 -36.97
CA PHE B 40 54.34 -14.12 -36.02
C PHE B 40 53.97 -15.56 -35.67
N LYS B 41 53.82 -16.41 -36.68
CA LYS B 41 53.43 -17.79 -36.42
C LYS B 41 54.49 -18.54 -35.64
N GLN B 42 55.76 -18.19 -35.82
CA GLN B 42 56.84 -18.92 -35.15
C GLN B 42 57.07 -18.41 -33.72
N THR B 43 57.33 -17.10 -33.57
CA THR B 43 57.65 -16.58 -32.26
C THR B 43 56.45 -16.62 -31.33
N SER B 44 55.27 -16.27 -31.84
CA SER B 44 54.09 -16.05 -30.99
C SER B 44 53.25 -17.32 -30.85
N ILE B 45 52.73 -17.84 -31.96
CA ILE B 45 51.84 -19.00 -31.89
C ILE B 45 52.61 -20.17 -31.31
N LYS B 46 51.99 -20.85 -30.34
CA LYS B 46 52.57 -22.03 -29.74
C LYS B 46 51.71 -23.27 -29.91
N SER B 47 50.43 -23.14 -30.23
CA SER B 47 49.59 -24.29 -30.52
C SER B 47 48.48 -23.85 -31.46
N ASP B 48 48.21 -24.68 -32.46
CA ASP B 48 47.13 -24.44 -33.42
C ASP B 48 46.38 -25.76 -33.57
N PRO B 49 45.51 -26.09 -32.60
CA PRO B 49 44.90 -27.43 -32.60
C PRO B 49 43.94 -27.67 -33.75
N THR B 50 43.47 -26.62 -34.43
CA THR B 50 42.56 -26.77 -35.56
C THR B 50 43.27 -26.72 -36.90
N ASN B 51 44.57 -26.43 -36.92
CA ASN B 51 45.29 -26.17 -38.17
C ASN B 51 44.67 -24.97 -38.90
N PHE B 52 44.31 -23.94 -38.14
CA PHE B 52 43.82 -22.71 -38.76
C PHE B 52 44.93 -22.07 -39.60
N LEU B 53 46.15 -22.04 -39.09
CA LEU B 53 47.26 -21.39 -39.77
C LEU B 53 48.06 -22.34 -40.65
N GLY B 54 47.45 -23.44 -41.13
CA GLY B 54 48.16 -24.33 -42.01
C GLY B 54 48.41 -23.74 -43.38
N ASN B 55 47.51 -22.87 -43.84
CA ASN B 55 47.67 -22.24 -45.15
C ASN B 55 48.90 -21.35 -45.22
N TRP B 56 49.47 -20.98 -44.07
CA TRP B 56 50.60 -20.02 -44.04
C TRP B 56 51.89 -20.76 -44.39
N ARG B 57 52.09 -20.98 -45.68
CA ARG B 57 53.33 -21.56 -46.19
C ARG B 57 53.78 -20.80 -47.43
N TYR B 58 55.10 -20.72 -47.60
CA TYR B 58 55.69 -20.11 -48.79
C TYR B 58 55.88 -21.22 -49.82
N GLY B 59 54.94 -21.32 -50.75
CA GLY B 59 55.05 -22.21 -51.89
C GLY B 59 54.26 -21.72 -53.09
N SER B 60 53.27 -22.49 -53.50
CA SER B 60 52.37 -22.09 -54.56
C SER B 60 51.78 -20.71 -54.28
N GLY B 61 52.06 -19.77 -55.18
CA GLY B 61 51.63 -18.39 -54.97
C GLY B 61 51.99 -17.91 -53.57
N ARG B 62 53.29 -17.75 -53.31
CA ARG B 62 53.74 -17.36 -51.97
C ARG B 62 53.15 -16.03 -51.50
N ASP B 63 52.46 -15.29 -52.36
CA ASP B 63 51.83 -14.06 -51.93
C ASP B 63 51.01 -14.34 -50.67
N PRO B 64 51.08 -13.47 -49.66
CA PRO B 64 50.43 -13.79 -48.38
C PRO B 64 48.91 -13.69 -48.42
N CYS B 65 48.33 -13.41 -49.58
CA CYS B 65 46.90 -13.16 -49.69
C CYS B 65 46.09 -14.44 -49.81
N THR B 66 46.70 -15.53 -50.26
CA THR B 66 46.05 -16.83 -50.17
C THR B 66 45.97 -17.32 -48.73
N TRP B 67 46.84 -16.80 -47.85
CA TRP B 67 46.89 -17.28 -46.47
C TRP B 67 45.56 -17.03 -45.77
N ARG B 68 45.18 -17.96 -44.90
CA ARG B 68 43.89 -17.89 -44.23
C ARG B 68 43.88 -16.73 -43.23
N GLY B 69 42.75 -16.03 -43.18
CA GLY B 69 42.62 -14.85 -42.34
C GLY B 69 43.32 -13.62 -42.84
N VAL B 70 44.08 -13.71 -43.94
CA VAL B 70 44.82 -12.59 -44.48
C VAL B 70 44.02 -11.98 -45.63
N SER B 71 44.14 -10.68 -45.79
CA SER B 71 43.48 -9.95 -46.87
C SER B 71 44.39 -8.82 -47.34
N CYS B 72 44.54 -8.69 -48.65
CA CYS B 72 45.46 -7.74 -49.25
C CYS B 72 44.71 -6.70 -50.06
N SER B 73 45.37 -5.56 -50.28
CA SER B 73 44.91 -4.59 -51.25
C SER B 73 45.38 -5.00 -52.65
N SER B 74 44.81 -4.35 -53.67
CA SER B 74 45.08 -4.77 -55.04
C SER B 74 46.56 -4.81 -55.35
N ASP B 75 47.33 -3.85 -54.82
CA ASP B 75 48.76 -3.81 -55.10
C ASP B 75 49.54 -4.92 -54.40
N GLY B 76 48.89 -5.78 -53.63
CA GLY B 76 49.53 -6.95 -53.07
C GLY B 76 50.03 -6.85 -51.65
N ARG B 77 49.70 -5.77 -50.94
CA ARG B 77 50.11 -5.59 -49.56
C ARG B 77 48.93 -5.87 -48.62
N VAL B 78 49.25 -6.31 -47.41
CA VAL B 78 48.23 -6.75 -46.46
C VAL B 78 47.59 -5.54 -45.79
N ILE B 79 46.26 -5.59 -45.66
CA ILE B 79 45.50 -4.55 -44.98
C ILE B 79 44.61 -5.11 -43.88
N GLY B 80 44.68 -6.40 -43.60
CA GLY B 80 43.84 -6.99 -42.58
C GLY B 80 44.20 -8.41 -42.22
N LEU B 81 44.11 -8.74 -40.93
CA LEU B 81 44.39 -10.09 -40.43
C LEU B 81 43.28 -10.48 -39.47
N ASP B 82 42.48 -11.47 -39.85
CA ASP B 82 41.31 -11.91 -39.08
C ASP B 82 41.48 -13.38 -38.74
N LEU B 83 41.76 -13.66 -37.46
CA LEU B 83 41.95 -15.01 -36.94
C LEU B 83 41.05 -15.23 -35.73
N ARG B 84 39.79 -14.83 -35.85
CA ARG B 84 38.90 -14.76 -34.71
C ARG B 84 38.40 -16.15 -34.30
N ASN B 85 38.15 -16.30 -33.00
CA ASN B 85 37.64 -17.53 -32.39
C ASN B 85 38.25 -18.76 -33.06
N GLY B 86 39.58 -18.76 -33.15
CA GLY B 86 40.30 -19.79 -33.89
C GLY B 86 41.13 -20.71 -33.03
N GLY B 87 40.86 -20.75 -31.74
CA GLY B 87 41.59 -21.66 -30.87
C GLY B 87 43.10 -21.50 -30.91
N LEU B 88 43.58 -20.28 -31.11
CA LEU B 88 45.01 -20.01 -31.17
C LEU B 88 45.53 -19.72 -29.76
N THR B 89 46.66 -20.35 -29.42
CA THR B 89 47.29 -20.18 -28.11
C THR B 89 48.72 -19.71 -28.32
N GLY B 90 49.11 -18.68 -27.58
CA GLY B 90 50.47 -18.20 -27.69
C GLY B 90 50.63 -16.85 -27.00
N THR B 91 51.86 -16.33 -27.10
CA THR B 91 52.23 -15.06 -26.50
C THR B 91 52.21 -13.98 -27.56
N LEU B 92 51.47 -12.90 -27.31
CA LEU B 92 51.27 -11.83 -28.28
C LEU B 92 52.17 -10.65 -27.96
N ASN B 93 52.92 -10.19 -28.97
CA ASN B 93 53.51 -8.85 -28.97
C ASN B 93 53.04 -8.16 -30.24
N LEU B 94 52.26 -7.09 -30.07
CA LEU B 94 51.68 -6.42 -31.23
C LEU B 94 52.76 -5.87 -32.17
N ASN B 95 53.91 -5.48 -31.63
CA ASN B 95 54.92 -4.81 -32.44
C ASN B 95 55.32 -5.65 -33.65
N ASN B 96 55.27 -6.98 -33.54
CA ASN B 96 55.64 -7.82 -34.66
C ASN B 96 54.57 -7.81 -35.76
N LEU B 97 53.35 -7.36 -35.45
CA LEU B 97 52.28 -7.27 -36.44
C LEU B 97 52.06 -5.85 -36.95
N THR B 98 52.18 -4.85 -36.09
CA THR B 98 52.01 -3.47 -36.53
C THR B 98 53.13 -3.03 -37.46
N ALA B 99 54.23 -3.77 -37.52
CA ALA B 99 55.28 -3.48 -38.49
C ALA B 99 54.77 -3.50 -39.93
N LEU B 100 53.58 -4.08 -40.15
CA LEU B 100 52.96 -4.07 -41.47
C LEU B 100 52.51 -2.64 -41.80
N SER B 101 53.13 -2.04 -42.81
CA SER B 101 52.87 -0.65 -43.12
C SER B 101 51.41 -0.39 -43.45
N ASN B 102 50.71 -1.36 -44.05
CA ASN B 102 49.37 -1.15 -44.54
C ASN B 102 48.30 -1.87 -43.70
N LEU B 103 48.67 -2.40 -42.55
CA LEU B 103 47.71 -3.14 -41.72
C LEU B 103 46.74 -2.14 -41.09
N ARG B 104 45.46 -2.22 -41.49
CA ARG B 104 44.43 -1.34 -40.99
C ARG B 104 43.41 -2.05 -40.10
N SER B 105 43.35 -3.39 -40.13
CA SER B 105 42.41 -4.15 -39.33
C SER B 105 43.10 -5.39 -38.76
N LEU B 106 42.87 -5.68 -37.48
CA LEU B 106 43.49 -6.83 -36.82
C LEU B 106 42.47 -7.43 -35.84
N TYR B 107 41.83 -8.52 -36.26
CA TYR B 107 40.85 -9.23 -35.44
C TYR B 107 41.51 -10.49 -34.88
N LEU B 108 41.89 -10.46 -33.60
CA LEU B 108 42.39 -11.64 -32.91
C LEU B 108 41.52 -12.02 -31.72
N GLN B 109 40.26 -11.60 -31.71
CA GLN B 109 39.40 -11.86 -30.56
C GLN B 109 38.98 -13.33 -30.51
N GLY B 110 38.75 -13.81 -29.30
CA GLY B 110 38.24 -15.15 -29.10
C GLY B 110 39.26 -16.26 -29.10
N ASN B 111 40.54 -15.93 -28.93
CA ASN B 111 41.61 -16.91 -28.88
C ASN B 111 42.17 -16.96 -27.45
N ASN B 112 43.35 -17.56 -27.30
CA ASN B 112 43.99 -17.70 -26.00
C ASN B 112 45.37 -17.08 -26.03
N PHE B 113 45.46 -15.85 -26.55
CA PHE B 113 46.72 -15.12 -26.61
C PHE B 113 47.02 -14.52 -25.24
N SER B 114 48.19 -14.86 -24.70
CA SER B 114 48.69 -14.21 -23.49
C SER B 114 49.50 -12.97 -23.90
N SER B 115 50.17 -12.34 -22.94
CA SER B 115 50.92 -11.12 -23.17
C SER B 115 52.41 -11.42 -23.13
N GLY B 116 53.15 -10.90 -24.10
CA GLY B 116 54.59 -10.96 -24.14
C GLY B 116 55.22 -9.67 -23.67
N ASP B 117 56.50 -9.51 -23.99
CA ASP B 117 57.26 -8.32 -23.60
C ASP B 117 57.14 -7.28 -24.70
N SER B 118 56.70 -6.07 -24.33
CA SER B 118 56.44 -5.02 -25.29
C SER B 118 57.75 -4.44 -25.81
N SER B 119 57.64 -3.67 -26.90
CA SER B 119 58.76 -2.99 -27.52
C SER B 119 58.41 -1.52 -27.65
N SER B 120 59.45 -0.68 -27.74
CA SER B 120 59.27 0.76 -27.83
C SER B 120 58.12 1.12 -28.77
N SER B 121 58.22 0.71 -30.03
CA SER B 121 57.13 0.94 -30.98
C SER B 121 57.51 0.38 -32.35
N SER B 122 56.49 0.29 -33.22
CA SER B 122 56.67 -0.13 -34.62
C SER B 122 55.59 0.55 -35.47
N GLY B 123 55.82 1.84 -35.75
CA GLY B 123 55.08 2.59 -36.75
C GLY B 123 53.71 2.04 -37.11
N CYS B 124 52.72 2.24 -36.24
CA CYS B 124 51.43 1.59 -36.39
C CYS B 124 50.48 2.45 -37.22
N SER B 125 49.58 1.76 -37.95
CA SER B 125 48.60 2.42 -38.81
C SER B 125 47.25 1.73 -38.73
N LEU B 126 46.95 1.12 -37.59
CA LEU B 126 45.70 0.38 -37.44
C LEU B 126 44.50 1.32 -37.32
N GLU B 127 43.36 0.87 -37.85
CA GLU B 127 42.11 1.61 -37.74
C GLU B 127 41.05 0.87 -36.95
N VAL B 128 41.10 -0.47 -36.91
CA VAL B 128 40.17 -1.28 -36.15
C VAL B 128 40.96 -2.40 -35.48
N LEU B 129 40.80 -2.54 -34.16
CA LEU B 129 41.54 -3.52 -33.38
C LEU B 129 40.59 -4.23 -32.44
N ASP B 130 40.55 -5.56 -32.51
CA ASP B 130 39.71 -6.39 -31.65
C ASP B 130 40.58 -7.46 -31.01
N LEU B 131 40.85 -7.31 -29.72
CA LEU B 131 41.61 -8.29 -28.95
C LEU B 131 40.79 -8.86 -27.81
N SER B 132 39.46 -8.88 -27.97
CA SER B 132 38.58 -9.34 -26.92
C SER B 132 38.80 -10.83 -26.63
N SER B 133 38.37 -11.24 -25.44
CA SER B 133 38.37 -12.64 -25.02
C SER B 133 39.73 -13.30 -25.31
N ASN B 134 40.72 -12.85 -24.56
CA ASN B 134 42.04 -13.46 -24.57
C ASN B 134 42.52 -13.52 -23.12
N SER B 135 43.80 -13.79 -22.94
CA SER B 135 44.44 -13.82 -21.62
C SER B 135 45.51 -12.75 -21.51
N LEU B 136 45.24 -11.58 -22.10
CA LEU B 136 46.19 -10.49 -22.02
C LEU B 136 46.28 -9.95 -20.60
N THR B 137 47.51 -9.63 -20.17
CA THR B 137 47.76 -9.19 -18.82
C THR B 137 48.41 -7.81 -18.77
N ASP B 138 49.44 -7.58 -19.57
CA ASP B 138 50.18 -6.31 -19.55
C ASP B 138 49.36 -5.24 -20.25
N SER B 139 48.97 -4.20 -19.50
CA SER B 139 48.23 -3.09 -20.07
C SER B 139 49.11 -2.11 -20.84
N SER B 140 50.42 -2.35 -20.89
CA SER B 140 51.29 -1.52 -21.72
C SER B 140 50.91 -1.62 -23.19
N ILE B 141 50.26 -2.72 -23.60
CA ILE B 141 49.74 -2.82 -24.95
C ILE B 141 48.71 -1.73 -25.19
N VAL B 142 48.01 -1.29 -24.15
CA VAL B 142 46.99 -0.26 -24.31
C VAL B 142 47.64 1.11 -24.44
N ASP B 143 48.68 1.39 -23.64
CA ASP B 143 49.40 2.65 -23.77
C ASP B 143 50.10 2.76 -25.11
N TYR B 144 50.54 1.63 -25.66
CA TYR B 144 51.14 1.64 -27.00
C TYR B 144 50.10 2.01 -28.04
N VAL B 145 49.00 1.25 -28.10
CA VAL B 145 47.98 1.48 -29.12
C VAL B 145 47.38 2.88 -28.99
N PHE B 146 47.32 3.42 -27.77
CA PHE B 146 46.77 4.75 -27.57
C PHE B 146 47.73 5.86 -28.00
N SER B 147 49.04 5.60 -27.95
CA SER B 147 50.04 6.61 -28.29
C SER B 147 50.37 6.60 -29.78
N THR B 148 50.67 5.42 -30.32
CA THR B 148 50.80 5.24 -31.76
C THR B 148 49.43 4.88 -32.32
N CYS B 149 49.36 4.38 -33.56
CA CYS B 149 48.09 4.04 -34.19
C CYS B 149 47.16 5.26 -34.19
N LEU B 150 47.63 6.35 -34.76
CA LEU B 150 46.87 7.59 -34.70
C LEU B 150 45.68 7.62 -35.65
N ASN B 151 45.30 6.46 -36.21
CA ASN B 151 44.13 6.35 -37.07
C ASN B 151 43.07 5.41 -36.50
N LEU B 152 43.25 4.93 -35.27
CA LEU B 152 42.30 4.01 -34.66
C LEU B 152 40.91 4.59 -34.64
N VAL B 153 39.94 3.82 -35.14
CA VAL B 153 38.53 4.17 -35.01
C VAL B 153 37.85 3.37 -33.91
N SER B 154 38.19 2.08 -33.78
CA SER B 154 37.64 1.25 -32.72
C SER B 154 38.68 0.25 -32.22
N VAL B 155 38.75 0.13 -30.89
CA VAL B 155 39.66 -0.82 -30.24
C VAL B 155 38.88 -1.53 -29.15
N ASN B 156 38.98 -2.86 -29.13
CA ASN B 156 38.28 -3.70 -28.16
C ASN B 156 39.30 -4.51 -27.37
N PHE B 157 39.49 -4.16 -26.10
CA PHE B 157 40.33 -4.90 -25.18
C PHE B 157 39.50 -5.70 -24.17
N SER B 158 38.18 -5.76 -24.35
CA SER B 158 37.31 -6.34 -23.33
C SER B 158 37.64 -7.81 -23.08
N HIS B 159 37.20 -8.30 -21.94
CA HIS B 159 37.33 -9.70 -21.53
C HIS B 159 38.78 -10.19 -21.66
N ASN B 160 39.66 -9.49 -20.95
CA ASN B 160 41.04 -9.93 -20.78
C ASN B 160 41.37 -9.87 -19.29
N LYS B 161 42.65 -9.97 -18.96
CA LYS B 161 43.11 -9.84 -17.58
C LYS B 161 44.04 -8.64 -17.40
N LEU B 162 43.89 -7.63 -18.26
CA LEU B 162 44.66 -6.39 -18.15
C LEU B 162 44.50 -5.77 -16.77
N ALA B 163 45.61 -5.66 -16.05
CA ALA B 163 45.60 -5.13 -14.69
C ALA B 163 46.27 -3.76 -14.66
N GLY B 164 46.22 -3.13 -13.49
CA GLY B 164 46.87 -1.85 -13.27
C GLY B 164 45.92 -0.68 -13.35
N LYS B 165 46.46 0.49 -13.02
CA LYS B 165 45.68 1.72 -13.05
C LYS B 165 45.46 2.17 -14.50
N LEU B 166 44.34 2.85 -14.71
CA LEU B 166 44.15 3.64 -15.92
C LEU B 166 44.93 4.95 -15.81
N LYS B 167 45.58 5.35 -16.89
CA LYS B 167 46.34 6.59 -16.89
C LYS B 167 46.25 7.33 -18.22
N SER B 168 46.46 6.62 -19.32
CA SER B 168 46.66 7.24 -20.61
C SER B 168 45.39 7.19 -21.45
N SER B 169 45.02 8.33 -22.02
CA SER B 169 43.96 8.42 -23.01
C SER B 169 44.56 8.43 -24.40
N PRO B 170 43.75 8.18 -25.44
CA PRO B 170 44.29 8.22 -26.80
C PRO B 170 44.98 9.54 -27.09
N SER B 171 46.05 9.48 -27.87
CA SER B 171 46.85 10.66 -28.17
C SER B 171 45.97 11.79 -28.69
N ALA B 172 46.42 13.02 -28.43
CA ALA B 172 45.74 14.20 -28.96
C ALA B 172 45.88 14.32 -30.47
N SER B 173 46.75 13.53 -31.09
CA SER B 173 46.87 13.52 -32.55
C SER B 173 45.86 12.60 -33.21
N ASN B 174 45.16 11.77 -32.44
CA ASN B 174 44.14 10.87 -32.99
C ASN B 174 42.86 11.67 -33.18
N LYS B 175 42.49 11.89 -34.45
CA LYS B 175 41.30 12.65 -34.77
C LYS B 175 40.05 11.81 -34.90
N ARG B 176 40.18 10.47 -34.91
CA ARG B 176 39.15 9.62 -35.48
C ARG B 176 38.45 8.69 -34.49
N ILE B 177 39.10 8.34 -33.37
CA ILE B 177 38.61 7.24 -32.55
C ILE B 177 37.17 7.50 -32.11
N THR B 178 36.32 6.49 -32.27
CA THR B 178 34.91 6.56 -31.89
C THR B 178 34.56 5.62 -30.75
N THR B 179 34.91 4.34 -30.84
CA THR B 179 34.48 3.34 -29.87
C THR B 179 35.69 2.71 -29.17
N VAL B 180 35.66 2.70 -27.84
CA VAL B 180 36.71 2.10 -27.03
C VAL B 180 36.04 1.23 -25.98
N ASP B 181 36.40 -0.05 -25.93
CA ASP B 181 35.83 -1.00 -24.99
C ASP B 181 36.97 -1.56 -24.13
N LEU B 182 37.00 -1.15 -22.87
CA LEU B 182 38.00 -1.61 -21.92
C LEU B 182 37.38 -2.49 -20.84
N SER B 183 36.21 -3.08 -21.10
CA SER B 183 35.40 -3.69 -20.05
C SER B 183 35.93 -5.08 -19.69
N ASN B 184 35.44 -5.59 -18.56
CA ASN B 184 35.73 -6.93 -18.06
C ASN B 184 37.23 -7.24 -18.11
N ASN B 185 37.97 -6.46 -17.34
CA ASN B 185 39.40 -6.61 -17.18
C ASN B 185 39.72 -6.59 -15.69
N ARG B 186 40.90 -6.17 -15.30
CA ARG B 186 41.30 -6.07 -13.91
C ARG B 186 41.93 -4.72 -13.61
N PHE B 187 41.42 -3.65 -14.23
CA PHE B 187 41.92 -2.31 -13.92
C PHE B 187 41.54 -1.93 -12.49
N SER B 188 42.36 -1.06 -11.89
CA SER B 188 42.33 -0.87 -10.46
C SER B 188 42.49 0.61 -10.09
N ASP B 189 42.08 0.92 -8.87
CA ASP B 189 42.37 2.20 -8.23
C ASP B 189 41.77 3.38 -8.99
N GLU B 190 42.19 4.58 -8.64
CA GLU B 190 41.51 5.80 -9.07
C GLU B 190 41.49 5.92 -10.59
N ILE B 191 40.37 6.40 -11.11
CA ILE B 191 40.33 6.89 -12.49
C ILE B 191 40.90 8.31 -12.52
N PRO B 192 41.78 8.65 -13.45
CA PRO B 192 42.23 10.04 -13.55
C PRO B 192 41.05 10.98 -13.76
N GLU B 193 41.06 12.10 -13.03
CA GLU B 193 39.95 13.03 -13.11
C GLU B 193 39.66 13.45 -14.54
N THR B 194 40.71 13.59 -15.37
CA THR B 194 40.55 13.99 -16.76
C THR B 194 40.72 12.84 -17.72
N PHE B 195 40.62 11.60 -17.25
CA PHE B 195 40.76 10.45 -18.15
C PHE B 195 39.78 10.55 -19.30
N ILE B 196 38.50 10.73 -18.99
CA ILE B 196 37.48 10.76 -20.03
C ILE B 196 37.63 12.02 -20.89
N ALA B 197 37.92 13.16 -20.27
CA ALA B 197 37.98 14.42 -21.01
C ALA B 197 39.14 14.47 -21.99
N ASP B 198 40.21 13.69 -21.76
CA ASP B 198 41.38 13.72 -22.62
C ASP B 198 41.25 12.83 -23.85
N PHE B 199 40.12 12.14 -24.02
CA PHE B 199 39.89 11.39 -25.26
C PHE B 199 39.58 12.37 -26.40
N PRO B 200 39.93 12.01 -27.64
CA PRO B 200 39.52 12.83 -28.78
C PRO B 200 38.05 13.18 -28.73
N ASN B 201 37.65 14.24 -29.43
CA ASN B 201 36.26 14.68 -29.38
C ASN B 201 35.34 13.85 -30.26
N SER B 202 35.88 12.89 -31.01
CA SER B 202 35.08 12.01 -31.85
C SER B 202 34.54 10.80 -31.09
N LEU B 203 34.82 10.70 -29.79
CA LEU B 203 34.43 9.53 -29.01
C LEU B 203 32.91 9.40 -28.94
N LYS B 204 32.41 8.21 -29.27
CA LYS B 204 30.98 7.91 -29.23
C LYS B 204 30.62 6.75 -28.31
N HIS B 205 31.54 5.81 -28.07
CA HIS B 205 31.26 4.61 -27.28
CA HIS B 205 31.25 4.63 -27.26
C HIS B 205 32.45 4.34 -26.38
N LEU B 206 32.25 4.40 -25.06
CA LEU B 206 33.29 4.12 -24.09
C LEU B 206 32.75 3.18 -23.03
N ASP B 207 33.35 1.98 -22.94
CA ASP B 207 32.89 0.93 -22.04
C ASP B 207 33.99 0.64 -21.02
N LEU B 208 33.72 0.96 -19.75
CA LEU B 208 34.68 0.73 -18.68
C LEU B 208 34.16 -0.26 -17.63
N SER B 209 33.08 -0.97 -17.93
CA SER B 209 32.47 -1.85 -16.94
C SER B 209 33.39 -3.02 -16.62
N GLY B 210 33.06 -3.72 -15.54
CA GLY B 210 33.70 -4.97 -15.23
C GLY B 210 35.13 -4.87 -14.76
N ASN B 211 35.45 -3.85 -13.97
CA ASN B 211 36.76 -3.74 -13.34
C ASN B 211 36.54 -3.45 -11.86
N ASN B 212 37.51 -2.82 -11.21
CA ASN B 212 37.37 -2.35 -9.85
C ASN B 212 38.09 -1.01 -9.70
N VAL B 213 37.68 -0.03 -10.51
CA VAL B 213 38.25 1.31 -10.45
C VAL B 213 37.46 2.12 -9.43
N THR B 214 38.17 2.96 -8.68
CA THR B 214 37.60 3.77 -7.62
C THR B 214 37.61 5.24 -8.01
N GLY B 215 36.90 6.04 -7.25
CA GLY B 215 36.95 7.48 -7.42
C GLY B 215 35.63 8.18 -7.11
N ASP B 216 35.74 9.43 -6.69
CA ASP B 216 34.58 10.30 -6.52
C ASP B 216 34.06 10.70 -7.89
N PHE B 217 32.78 10.41 -8.15
CA PHE B 217 32.20 10.61 -9.47
C PHE B 217 31.99 12.09 -9.77
N SER B 218 31.75 12.91 -8.74
CA SER B 218 31.59 14.34 -8.96
C SER B 218 32.89 14.97 -9.46
N ARG B 219 34.04 14.40 -9.09
CA ARG B 219 35.34 14.93 -9.49
C ARG B 219 35.74 14.51 -10.90
N LEU B 220 34.97 13.66 -11.57
CA LEU B 220 35.34 13.14 -12.87
C LEU B 220 34.88 14.09 -13.97
N SER B 221 35.82 14.48 -14.84
CA SER B 221 35.53 15.36 -15.95
C SER B 221 35.31 14.56 -17.22
N PHE B 222 34.17 14.77 -17.86
CA PHE B 222 33.90 14.21 -19.18
C PHE B 222 34.31 15.13 -20.31
N GLY B 223 34.81 16.34 -19.98
CA GLY B 223 35.16 17.29 -21.01
C GLY B 223 33.93 17.92 -21.64
N LEU B 224 34.03 18.21 -22.93
CA LEU B 224 32.92 18.80 -23.66
C LEU B 224 31.92 17.75 -24.13
N CYS B 225 32.30 16.48 -24.16
CA CYS B 225 31.36 15.36 -24.33
C CYS B 225 30.45 15.60 -25.53
N GLU B 226 31.06 15.90 -26.67
CA GLU B 226 30.29 16.40 -27.80
C GLU B 226 29.77 15.30 -28.72
N ASN B 227 30.36 14.10 -28.71
CA ASN B 227 29.87 13.02 -29.56
C ASN B 227 29.56 11.74 -28.80
N LEU B 228 29.76 11.69 -27.49
CA LEU B 228 29.60 10.44 -26.75
C LEU B 228 28.13 10.06 -26.67
N THR B 229 27.83 8.80 -26.98
CA THR B 229 26.47 8.31 -27.00
C THR B 229 26.22 7.08 -26.13
N VAL B 230 27.26 6.30 -25.83
CA VAL B 230 27.15 5.10 -25.01
C VAL B 230 28.26 5.16 -23.98
N PHE B 231 27.91 5.29 -22.70
CA PHE B 231 28.89 5.30 -21.62
C PHE B 231 28.47 4.32 -20.54
N SER B 232 29.45 3.59 -20.01
CA SER B 232 29.17 2.70 -18.90
C SER B 232 30.37 2.62 -17.98
N LEU B 233 30.11 2.74 -16.68
CA LEU B 233 31.08 2.48 -15.63
C LEU B 233 30.59 1.38 -14.70
N SER B 234 29.67 0.55 -15.16
CA SER B 234 28.97 -0.36 -14.28
C SER B 234 29.89 -1.48 -13.80
N GLN B 235 29.64 -1.95 -12.58
CA GLN B 235 30.47 -2.96 -11.93
C GLN B 235 31.88 -2.41 -11.72
N ASN B 236 32.00 -1.54 -10.72
CA ASN B 236 33.26 -0.99 -10.24
C ASN B 236 33.07 -0.65 -8.76
N SER B 237 33.91 0.23 -8.23
CA SER B 237 33.83 0.69 -6.85
C SER B 237 33.87 2.21 -6.80
N ILE B 238 33.04 2.83 -7.61
CA ILE B 238 33.01 4.29 -7.73
C ILE B 238 32.08 4.86 -6.67
N SER B 239 32.45 6.03 -6.15
CA SER B 239 31.74 6.62 -5.03
C SER B 239 31.32 8.06 -5.32
N GLY B 240 30.80 8.76 -4.31
CA GLY B 240 30.40 10.14 -4.46
C GLY B 240 28.91 10.33 -4.25
N ASP B 241 28.50 11.55 -3.91
CA ASP B 241 27.11 11.87 -3.66
C ASP B 241 26.55 12.88 -4.65
N ARG B 242 27.28 13.20 -5.71
CA ARG B 242 26.83 14.12 -6.75
C ARG B 242 27.23 13.58 -8.11
N PHE B 243 26.55 14.07 -9.13
CA PHE B 243 27.06 13.81 -10.47
C PHE B 243 28.00 14.93 -10.90
N PRO B 244 29.01 14.63 -11.71
CA PRO B 244 29.89 15.70 -12.20
C PRO B 244 29.11 16.65 -13.09
N VAL B 245 29.41 17.95 -12.94
CA VAL B 245 28.78 18.94 -13.81
C VAL B 245 29.09 18.63 -15.26
N SER B 246 30.33 18.19 -15.53
CA SER B 246 30.76 17.90 -16.89
C SER B 246 29.80 16.95 -17.60
N LEU B 247 29.23 15.99 -16.86
CA LEU B 247 28.39 14.97 -17.50
C LEU B 247 27.18 15.57 -18.22
N SER B 248 26.70 16.75 -17.79
CA SER B 248 25.56 17.37 -18.46
C SER B 248 25.93 17.90 -19.84
N ASN B 249 27.21 17.93 -20.19
CA ASN B 249 27.60 18.34 -21.54
C ASN B 249 27.33 17.27 -22.57
N CYS B 250 27.10 16.02 -22.15
CA CYS B 250 26.89 14.92 -23.08
CA CYS B 250 26.89 14.91 -23.07
C CYS B 250 25.43 14.93 -23.55
N LYS B 251 25.11 15.97 -24.33
CA LYS B 251 23.75 16.18 -24.79
C LYS B 251 23.26 15.05 -25.69
N LEU B 252 24.17 14.27 -26.28
CA LEU B 252 23.79 13.23 -27.23
C LEU B 252 23.81 11.82 -26.62
N LEU B 253 24.01 11.71 -25.31
CA LEU B 253 24.06 10.40 -24.67
C LEU B 253 22.78 9.62 -24.95
N GLU B 254 22.92 8.30 -25.13
CA GLU B 254 21.77 7.46 -25.44
C GLU B 254 21.65 6.29 -24.48
N THR B 255 22.77 5.77 -24.00
CA THR B 255 22.76 4.81 -22.89
C THR B 255 23.75 5.27 -21.84
N LEU B 256 23.30 5.31 -20.59
CA LEU B 256 24.13 5.67 -19.45
C LEU B 256 23.96 4.61 -18.38
N ASN B 257 25.05 3.93 -18.03
CA ASN B 257 25.00 2.75 -17.18
C ASN B 257 26.03 2.90 -16.06
N LEU B 258 25.54 3.18 -14.85
CA LEU B 258 26.39 3.33 -13.67
C LEU B 258 26.06 2.27 -12.62
N SER B 259 25.54 1.13 -13.06
CA SER B 259 25.05 0.13 -12.11
C SER B 259 26.20 -0.48 -11.32
N ARG B 260 25.87 -0.97 -10.12
CA ARG B 260 26.79 -1.75 -9.29
C ARG B 260 28.04 -0.94 -8.97
N ASN B 261 27.81 0.10 -8.17
CA ASN B 261 28.87 0.96 -7.66
C ASN B 261 28.43 1.42 -6.28
N SER B 262 29.15 2.38 -5.71
CA SER B 262 28.89 2.84 -4.36
C SER B 262 28.43 4.29 -4.33
N LEU B 263 27.66 4.70 -5.34
CA LEU B 263 27.10 6.05 -5.39
C LEU B 263 26.06 6.23 -4.30
N ILE B 264 26.15 7.33 -3.56
CA ILE B 264 25.30 7.58 -2.41
C ILE B 264 24.50 8.86 -2.67
N GLY B 265 23.55 9.11 -1.78
CA GLY B 265 22.78 10.34 -1.81
C GLY B 265 21.47 10.20 -2.55
N LYS B 266 20.94 11.33 -2.97
CA LYS B 266 19.72 11.35 -3.75
C LYS B 266 20.05 11.25 -5.23
N ILE B 267 19.12 10.71 -5.99
CA ILE B 267 19.25 10.74 -7.46
C ILE B 267 19.17 12.18 -7.93
N PRO B 268 20.03 12.62 -8.86
CA PRO B 268 19.96 14.03 -9.29
C PRO B 268 18.58 14.39 -9.82
N GLY B 269 18.11 15.59 -9.46
CA GLY B 269 16.80 16.07 -9.82
C GLY B 269 16.88 17.45 -10.47
N ASP B 270 15.85 18.24 -10.20
CA ASP B 270 15.72 19.58 -10.82
C ASP B 270 15.77 19.37 -12.34
N ASP B 271 16.37 20.27 -13.10
CA ASP B 271 16.39 20.18 -14.55
C ASP B 271 17.57 19.37 -15.08
N TYR B 272 18.26 18.62 -14.22
CA TYR B 272 19.48 17.95 -14.65
C TYR B 272 19.22 17.00 -15.81
N TRP B 273 18.19 16.17 -15.70
CA TRP B 273 17.92 15.18 -16.75
C TRP B 273 17.34 15.82 -18.00
N GLY B 274 16.94 17.09 -17.94
CA GLY B 274 16.64 17.81 -19.17
C GLY B 274 17.83 17.95 -20.10
N ASN B 275 19.05 17.73 -19.59
CA ASN B 275 20.25 17.83 -20.42
C ASN B 275 20.41 16.64 -21.36
N PHE B 276 19.69 15.54 -21.13
CA PHE B 276 19.82 14.32 -21.93
C PHE B 276 18.50 14.07 -22.65
N GLN B 277 18.29 14.80 -23.74
CA GLN B 277 17.05 14.74 -24.51
C GLN B 277 17.02 13.59 -25.50
N ASN B 278 18.07 12.77 -25.57
CA ASN B 278 18.09 11.60 -26.42
C ASN B 278 18.30 10.31 -25.65
N LEU B 279 18.34 10.37 -24.32
CA LEU B 279 18.69 9.21 -23.52
C LEU B 279 17.64 8.12 -23.65
N ARG B 280 18.08 6.91 -23.93
CA ARG B 280 17.19 5.77 -24.08
C ARG B 280 17.31 4.76 -22.96
N GLN B 281 18.52 4.49 -22.47
CA GLN B 281 18.75 3.49 -21.44
C GLN B 281 19.56 4.10 -20.31
N LEU B 282 18.95 4.17 -19.13
CA LEU B 282 19.60 4.67 -17.92
C LEU B 282 19.57 3.59 -16.86
N SER B 283 20.72 3.32 -16.23
CA SER B 283 20.81 2.36 -15.15
C SER B 283 21.58 2.96 -14.00
N LEU B 284 20.94 3.05 -12.83
CA LEU B 284 21.57 3.42 -11.57
C LEU B 284 21.45 2.28 -10.55
N ALA B 285 21.31 1.05 -11.03
CA ALA B 285 20.96 -0.06 -10.17
C ALA B 285 22.13 -0.43 -9.25
N HIS B 286 21.78 -0.98 -8.10
CA HIS B 286 22.77 -1.49 -7.14
C HIS B 286 23.85 -0.44 -6.87
N ASN B 287 23.39 0.68 -6.32
CA ASN B 287 24.25 1.67 -5.67
C ASN B 287 23.70 1.83 -4.25
N LEU B 288 23.93 2.98 -3.61
CA LEU B 288 23.45 3.24 -2.26
C LEU B 288 22.48 4.43 -2.25
N TYR B 289 21.72 4.60 -3.32
CA TYR B 289 20.80 5.72 -3.40
C TYR B 289 19.66 5.57 -2.40
N SER B 290 19.17 6.71 -1.92
CA SER B 290 18.11 6.78 -0.93
C SER B 290 17.16 7.89 -1.34
N GLY B 291 16.16 8.13 -0.50
CA GLY B 291 15.16 9.15 -0.81
C GLY B 291 14.17 8.67 -1.85
N GLU B 292 13.48 9.64 -2.43
CA GLU B 292 12.45 9.36 -3.44
C GLU B 292 13.05 9.34 -4.84
N ILE B 293 12.27 8.83 -5.78
CA ILE B 293 12.60 8.94 -7.20
C ILE B 293 12.23 10.34 -7.66
N PRO B 294 13.17 11.16 -8.13
CA PRO B 294 12.86 12.57 -8.46
C PRO B 294 11.84 12.66 -9.59
N PRO B 295 10.73 13.39 -9.38
CA PRO B 295 9.76 13.55 -10.48
C PRO B 295 10.40 14.14 -11.73
N GLU B 296 11.41 15.00 -11.56
CA GLU B 296 12.10 15.60 -12.70
C GLU B 296 12.98 14.59 -13.43
N LEU B 297 13.04 13.34 -12.99
CA LEU B 297 13.61 12.30 -13.83
C LEU B 297 12.76 12.07 -15.07
N SER B 298 11.48 12.47 -15.01
CA SER B 298 10.55 12.28 -16.12
C SER B 298 10.91 13.11 -17.36
N LEU B 299 11.81 14.08 -17.23
CA LEU B 299 12.27 14.84 -18.39
C LEU B 299 12.87 13.96 -19.48
N LEU B 300 13.08 12.67 -19.20
CA LEU B 300 13.56 11.74 -20.21
C LEU B 300 12.44 11.06 -20.98
N CYS B 301 11.19 11.27 -20.57
CA CYS B 301 10.11 10.36 -20.95
C CYS B 301 9.66 10.51 -22.40
N ARG B 302 10.23 11.45 -23.15
CA ARG B 302 10.02 11.40 -24.60
C ARG B 302 10.83 10.27 -25.22
N THR B 303 11.97 9.95 -24.63
CA THR B 303 12.97 9.08 -25.25
C THR B 303 13.24 7.80 -24.46
N LEU B 304 13.04 7.82 -23.14
CA LEU B 304 13.44 6.70 -22.29
C LEU B 304 12.74 5.41 -22.69
N GLU B 305 13.54 4.38 -22.96
CA GLU B 305 13.02 3.06 -23.29
C GLU B 305 13.28 2.03 -22.21
N VAL B 306 14.40 2.16 -21.48
CA VAL B 306 14.82 1.18 -20.49
C VAL B 306 15.33 1.91 -19.26
N LEU B 307 14.71 1.67 -18.11
CA LEU B 307 15.13 2.22 -16.83
C LEU B 307 15.38 1.09 -15.84
N ASP B 308 16.47 1.18 -15.08
CA ASP B 308 16.78 0.22 -14.03
C ASP B 308 17.32 0.97 -12.82
N LEU B 309 16.48 1.16 -11.81
CA LEU B 309 16.88 1.73 -10.53
C LEU B 309 16.90 0.68 -9.41
N SER B 310 17.00 -0.60 -9.77
CA SER B 310 16.86 -1.67 -8.79
C SER B 310 18.07 -1.76 -7.88
N GLY B 311 17.84 -2.31 -6.69
CA GLY B 311 18.94 -2.52 -5.76
C GLY B 311 19.43 -1.26 -5.09
N ASN B 312 18.53 -0.39 -4.64
CA ASN B 312 18.92 0.75 -3.84
C ASN B 312 18.06 0.74 -2.58
N SER B 313 17.96 1.90 -1.92
CA SER B 313 17.06 2.09 -0.79
C SER B 313 16.04 3.19 -1.11
N LEU B 314 15.59 3.23 -2.36
CA LEU B 314 14.59 4.21 -2.76
C LEU B 314 13.27 3.96 -2.04
N THR B 315 12.60 5.06 -1.67
CA THR B 315 11.32 5.01 -0.98
C THR B 315 10.27 5.76 -1.80
N GLY B 316 9.02 5.60 -1.38
CA GLY B 316 7.93 6.31 -2.02
C GLY B 316 7.37 5.60 -3.22
N GLN B 317 7.06 6.37 -4.27
CA GLN B 317 6.39 5.84 -5.45
C GLN B 317 7.13 6.28 -6.70
N LEU B 318 6.79 5.64 -7.81
CA LEU B 318 7.17 6.17 -9.12
C LEU B 318 6.33 7.43 -9.36
N PRO B 319 6.95 8.59 -9.52
CA PRO B 319 6.16 9.83 -9.59
C PRO B 319 5.18 9.86 -10.76
N GLN B 320 4.13 10.68 -10.58
CA GLN B 320 3.07 10.80 -11.58
C GLN B 320 3.61 11.33 -12.91
N SER B 321 4.66 12.16 -12.88
CA SER B 321 5.21 12.71 -14.10
C SER B 321 5.65 11.64 -15.09
N PHE B 322 5.70 10.38 -14.68
CA PHE B 322 6.10 9.30 -15.58
C PHE B 322 4.95 8.80 -16.45
N THR B 323 3.75 9.38 -16.34
CA THR B 323 2.68 9.00 -17.24
C THR B 323 3.04 9.30 -18.70
N SER B 324 4.02 10.17 -18.94
CA SER B 324 4.38 10.59 -20.29
C SER B 324 5.50 9.75 -20.91
N CYS B 325 5.87 8.63 -20.29
N CYS B 325 5.87 8.63 -20.27
CA CYS B 325 6.95 7.79 -20.81
CA CYS B 325 6.94 7.77 -20.76
C CYS B 325 6.38 6.71 -21.73
C CYS B 325 6.37 6.71 -21.73
N GLY B 326 5.71 7.19 -22.78
CA GLY B 326 5.06 6.31 -23.75
C GLY B 326 6.02 5.41 -24.52
N SER B 327 7.32 5.61 -24.39
CA SER B 327 8.29 4.76 -25.05
C SER B 327 8.95 3.76 -24.10
N LEU B 328 8.58 3.80 -22.82
CA LEU B 328 9.23 2.96 -21.82
C LEU B 328 8.82 1.50 -22.00
N GLN B 329 9.79 0.63 -22.28
CA GLN B 329 9.55 -0.79 -22.47
C GLN B 329 9.95 -1.64 -21.27
N SER B 330 11.11 -1.34 -20.66
CA SER B 330 11.60 -2.08 -19.50
C SER B 330 11.71 -1.11 -18.33
N LEU B 331 10.96 -1.39 -17.26
CA LEU B 331 11.03 -0.64 -16.02
C LEU B 331 11.37 -1.60 -14.89
N ASN B 332 12.54 -1.40 -14.26
CA ASN B 332 13.00 -2.27 -13.18
C ASN B 332 13.28 -1.46 -11.93
N LEU B 333 12.39 -1.59 -10.94
CA LEU B 333 12.51 -0.88 -9.66
C LEU B 333 12.64 -1.88 -8.51
N GLY B 334 13.13 -3.07 -8.78
CA GLY B 334 13.19 -4.11 -7.78
C GLY B 334 14.21 -3.81 -6.69
N ASN B 335 14.02 -4.46 -5.54
CA ASN B 335 14.92 -4.37 -4.39
CA ASN B 335 14.95 -4.36 -4.43
C ASN B 335 15.12 -2.91 -3.96
N ASN B 336 14.01 -2.30 -3.57
CA ASN B 336 13.99 -0.95 -3.00
C ASN B 336 13.03 -1.00 -1.81
N LYS B 337 12.50 0.17 -1.43
CA LYS B 337 11.51 0.27 -0.36
C LYS B 337 10.24 0.97 -0.85
N LEU B 338 9.92 0.81 -2.14
CA LEU B 338 8.80 1.51 -2.73
C LEU B 338 7.48 1.00 -2.18
N SER B 339 6.46 1.85 -2.22
CA SER B 339 5.12 1.48 -1.81
C SER B 339 4.13 2.38 -2.53
N GLY B 340 2.85 2.22 -2.21
CA GLY B 340 1.81 3.04 -2.74
C GLY B 340 0.97 2.34 -3.80
N ASP B 341 0.23 3.14 -4.55
CA ASP B 341 -0.64 2.65 -5.61
C ASP B 341 -0.15 3.10 -6.99
N PHE B 342 1.16 3.25 -7.15
CA PHE B 342 1.67 3.76 -8.41
C PHE B 342 1.61 2.71 -9.51
N LEU B 343 1.51 1.43 -9.18
CA LEU B 343 1.23 0.43 -10.22
C LEU B 343 0.00 0.81 -11.01
N SER B 344 -1.00 1.39 -10.32
CA SER B 344 -2.29 1.70 -10.91
C SER B 344 -2.37 3.13 -11.43
N THR B 345 -1.84 4.09 -10.69
CA THR B 345 -1.95 5.49 -11.05
C THR B 345 -0.92 5.93 -12.08
N VAL B 346 0.17 5.18 -12.24
CA VAL B 346 1.22 5.54 -13.18
C VAL B 346 1.51 4.40 -14.13
N VAL B 347 1.89 3.24 -13.60
CA VAL B 347 2.43 2.18 -14.44
C VAL B 347 1.40 1.68 -15.45
N SER B 348 0.13 1.63 -15.04
CA SER B 348 -0.91 1.12 -15.92
C SER B 348 -1.12 2.02 -17.13
N LYS B 349 -0.76 3.30 -17.03
CA LYS B 349 -0.94 4.25 -18.13
C LYS B 349 0.27 4.30 -19.06
N LEU B 350 1.23 3.40 -18.89
CA LEU B 350 2.38 3.29 -19.78
C LEU B 350 2.02 2.30 -20.89
N SER B 351 1.93 2.80 -22.12
CA SER B 351 1.39 2.00 -23.21
C SER B 351 2.26 0.79 -23.52
N ARG B 352 3.57 1.01 -23.65
CA ARG B 352 4.46 0.03 -24.28
C ARG B 352 5.28 -0.78 -23.28
N ILE B 353 4.92 -0.75 -22.00
CA ILE B 353 5.67 -1.51 -20.99
C ILE B 353 5.63 -2.99 -21.35
N THR B 354 6.79 -3.60 -21.53
CA THR B 354 6.88 -5.02 -21.84
C THR B 354 7.47 -5.84 -20.71
N ASN B 355 8.42 -5.28 -19.95
CA ASN B 355 9.11 -5.99 -18.87
C ASN B 355 9.03 -5.13 -17.62
N LEU B 356 8.23 -5.57 -16.65
CA LEU B 356 7.97 -4.82 -15.42
C LEU B 356 8.46 -5.61 -14.22
N TYR B 357 9.43 -5.03 -13.50
CA TYR B 357 10.04 -5.67 -12.34
C TYR B 357 9.86 -4.78 -11.12
N LEU B 358 9.06 -5.23 -10.16
CA LEU B 358 8.96 -4.50 -8.91
C LEU B 358 9.16 -5.37 -7.68
N PRO B 359 9.97 -6.42 -7.77
CA PRO B 359 10.09 -7.34 -6.64
C PRO B 359 10.88 -6.72 -5.50
N PHE B 360 10.70 -7.29 -4.31
CA PHE B 360 11.43 -6.88 -3.11
C PHE B 360 11.17 -5.40 -2.81
N ASN B 361 9.90 -5.09 -2.57
CA ASN B 361 9.50 -3.74 -2.19
C ASN B 361 8.48 -3.86 -1.05
N ASN B 362 7.70 -2.80 -0.84
CA ASN B 362 6.75 -2.75 0.27
C ASN B 362 5.35 -2.45 -0.22
N ILE B 363 5.03 -2.86 -1.44
CA ILE B 363 3.71 -2.58 -2.00
C ILE B 363 2.67 -3.49 -1.36
N SER B 364 1.73 -2.89 -0.63
CA SER B 364 0.64 -3.65 -0.03
C SER B 364 -0.61 -3.46 -0.88
N GLY B 365 -1.74 -3.92 -0.37
CA GLY B 365 -2.98 -3.92 -1.12
C GLY B 365 -3.09 -5.15 -2.00
N SER B 366 -4.07 -5.10 -2.90
CA SER B 366 -4.26 -6.15 -3.89
C SER B 366 -3.50 -5.80 -5.17
N VAL B 367 -3.27 -6.83 -5.99
CA VAL B 367 -2.62 -6.62 -7.27
C VAL B 367 -3.55 -5.73 -8.10
N PRO B 368 -3.09 -4.57 -8.56
CA PRO B 368 -4.00 -3.67 -9.28
C PRO B 368 -4.54 -4.33 -10.54
N ILE B 369 -5.86 -4.36 -10.68
CA ILE B 369 -6.46 -4.96 -11.86
C ILE B 369 -6.14 -4.12 -13.09
N SER B 370 -5.97 -2.80 -12.91
CA SER B 370 -5.65 -1.92 -14.03
C SER B 370 -4.33 -2.26 -14.70
N LEU B 371 -3.50 -3.09 -14.05
CA LEU B 371 -2.26 -3.54 -14.68
C LEU B 371 -2.54 -4.28 -15.99
N THR B 372 -3.78 -4.72 -16.21
CA THR B 372 -4.11 -5.41 -17.45
C THR B 372 -4.13 -4.46 -18.65
N ASN B 373 -4.41 -3.17 -18.42
CA ASN B 373 -4.35 -2.18 -19.48
C ASN B 373 -2.99 -2.15 -20.16
N CYS B 374 -1.96 -2.75 -19.55
CA CYS B 374 -0.66 -2.91 -20.18
C CYS B 374 -0.75 -4.13 -21.11
N SER B 375 -1.22 -3.88 -22.33
CA SER B 375 -1.52 -4.95 -23.27
C SER B 375 -0.28 -5.54 -23.94
N ASN B 376 0.91 -5.06 -23.61
CA ASN B 376 2.14 -5.61 -24.17
C ASN B 376 3.01 -6.24 -23.09
N LEU B 377 2.51 -6.32 -21.87
CA LEU B 377 3.29 -6.85 -20.75
C LEU B 377 3.66 -8.30 -20.99
N ARG B 378 4.95 -8.58 -21.08
CA ARG B 378 5.46 -9.94 -21.25
C ARG B 378 5.99 -10.54 -19.96
N VAL B 379 6.65 -9.75 -19.13
CA VAL B 379 7.27 -10.23 -17.90
C VAL B 379 6.83 -9.33 -16.76
N LEU B 380 6.16 -9.92 -15.77
CA LEU B 380 5.71 -9.21 -14.58
C LEU B 380 6.25 -9.93 -13.35
N ASP B 381 7.00 -9.19 -12.54
CA ASP B 381 7.55 -9.73 -11.31
C ASP B 381 7.14 -8.81 -10.17
N LEU B 382 6.33 -9.33 -9.25
CA LEU B 382 5.87 -8.61 -8.08
C LEU B 382 6.19 -9.41 -6.80
N SER B 383 7.28 -10.17 -6.84
CA SER B 383 7.63 -11.02 -5.70
C SER B 383 8.16 -10.18 -4.54
N SER B 384 7.96 -10.71 -3.33
CA SER B 384 8.51 -10.11 -2.12
C SER B 384 7.99 -8.69 -1.91
N ASN B 385 6.67 -8.57 -1.95
CA ASN B 385 5.97 -7.36 -1.51
C ASN B 385 4.98 -7.80 -0.43
N GLU B 386 3.92 -7.05 -0.19
CA GLU B 386 2.94 -7.36 0.84
C GLU B 386 1.54 -7.52 0.23
N PHE B 387 1.48 -8.11 -0.96
CA PHE B 387 0.21 -8.19 -1.67
C PHE B 387 -0.74 -9.17 -0.98
N THR B 388 -2.03 -8.87 -1.09
CA THR B 388 -3.09 -9.68 -0.52
C THR B 388 -4.19 -9.85 -1.56
N GLY B 389 -5.00 -10.89 -1.35
CA GLY B 389 -6.11 -11.17 -2.24
C GLY B 389 -5.85 -12.35 -3.16
N GLU B 390 -6.46 -12.33 -4.34
CA GLU B 390 -6.37 -13.43 -5.28
C GLU B 390 -5.28 -13.17 -6.31
N VAL B 391 -4.88 -14.24 -6.98
CA VAL B 391 -3.94 -14.09 -8.10
C VAL B 391 -4.64 -13.37 -9.25
N PRO B 392 -3.97 -12.45 -9.96
CA PRO B 392 -4.59 -11.81 -11.11
C PRO B 392 -5.27 -12.78 -12.06
N SER B 393 -6.56 -12.58 -12.31
CA SER B 393 -7.33 -13.39 -13.25
C SER B 393 -7.76 -12.60 -14.48
N GLY B 394 -7.10 -11.47 -14.75
CA GLY B 394 -7.55 -10.55 -15.78
C GLY B 394 -6.63 -10.42 -16.97
N PHE B 395 -5.33 -10.63 -16.78
CA PHE B 395 -4.39 -10.41 -17.87
C PHE B 395 -4.75 -11.24 -19.10
N CYS B 396 -5.41 -12.36 -18.91
CA CYS B 396 -5.61 -13.34 -19.97
C CYS B 396 -6.93 -13.18 -20.69
N SER B 397 -7.98 -12.82 -19.97
CA SER B 397 -9.33 -12.74 -20.53
C SER B 397 -9.59 -11.35 -21.11
N LEU B 398 -8.75 -10.96 -22.07
CA LEU B 398 -8.82 -9.66 -22.70
C LEU B 398 -9.31 -9.81 -24.15
N GLN B 399 -9.38 -8.66 -24.85
CA GLN B 399 -9.89 -8.63 -26.21
CA GLN B 399 -9.89 -8.63 -26.21
C GLN B 399 -8.87 -9.05 -27.25
N SER B 400 -7.66 -9.40 -26.86
CA SER B 400 -6.63 -9.81 -27.81
C SER B 400 -5.81 -10.94 -27.20
N SER B 401 -5.01 -11.57 -28.05
CA SER B 401 -4.08 -12.61 -27.62
C SER B 401 -3.14 -12.06 -26.56
N SER B 402 -3.27 -12.55 -25.32
CA SER B 402 -2.37 -12.11 -24.27
C SER B 402 -0.94 -12.51 -24.59
N VAL B 403 -0.02 -11.56 -24.48
CA VAL B 403 1.40 -11.81 -24.76
C VAL B 403 2.17 -12.16 -23.49
N LEU B 404 1.50 -12.23 -22.35
CA LEU B 404 2.16 -12.47 -21.08
C LEU B 404 2.90 -13.80 -21.08
N GLU B 405 4.19 -13.75 -20.75
CA GLU B 405 5.04 -14.93 -20.73
C GLU B 405 5.47 -15.36 -19.35
N LYS B 406 5.67 -14.41 -18.42
CA LYS B 406 6.14 -14.74 -17.07
C LYS B 406 5.30 -13.99 -16.05
N LEU B 407 4.69 -14.71 -15.12
CA LEU B 407 3.96 -14.13 -14.00
C LEU B 407 4.63 -14.59 -12.72
N LEU B 408 5.25 -13.67 -12.00
CA LEU B 408 6.04 -13.97 -10.82
C LEU B 408 5.50 -13.16 -9.66
N ILE B 409 4.91 -13.85 -8.67
CA ILE B 409 4.33 -13.17 -7.51
C ILE B 409 4.71 -13.92 -6.25
N ALA B 410 5.91 -14.48 -6.22
CA ALA B 410 6.36 -15.27 -5.08
C ALA B 410 6.51 -14.40 -3.83
N ASN B 411 6.35 -15.03 -2.67
CA ASN B 411 6.60 -14.41 -1.37
C ASN B 411 5.72 -13.17 -1.19
N ASN B 412 4.41 -13.43 -1.23
CA ASN B 412 3.41 -12.42 -0.88
C ASN B 412 2.42 -13.10 0.07
N TYR B 413 1.23 -12.53 0.21
CA TYR B 413 0.19 -13.07 1.07
C TYR B 413 -1.09 -13.33 0.29
N LEU B 414 -0.93 -13.78 -0.96
CA LEU B 414 -2.08 -14.09 -1.79
C LEU B 414 -2.83 -15.30 -1.25
N SER B 415 -4.14 -15.29 -1.45
CA SER B 415 -5.01 -16.32 -0.90
C SER B 415 -5.99 -16.77 -1.97
N GLY B 416 -6.65 -17.89 -1.71
CA GLY B 416 -7.61 -18.45 -2.61
C GLY B 416 -7.05 -19.57 -3.47
N THR B 417 -7.71 -19.80 -4.59
CA THR B 417 -7.33 -20.83 -5.53
C THR B 417 -6.60 -20.22 -6.73
N VAL B 418 -5.83 -21.06 -7.41
CA VAL B 418 -5.18 -20.66 -8.65
C VAL B 418 -6.29 -20.41 -9.67
N PRO B 419 -6.45 -19.19 -10.16
CA PRO B 419 -7.56 -18.92 -11.09
C PRO B 419 -7.48 -19.81 -12.33
N VAL B 420 -8.65 -20.34 -12.71
CA VAL B 420 -8.75 -21.07 -13.98
C VAL B 420 -8.45 -20.16 -15.15
N GLU B 421 -8.61 -18.84 -14.96
CA GLU B 421 -8.45 -17.90 -16.07
C GLU B 421 -7.05 -17.92 -16.66
N LEU B 422 -6.06 -18.35 -15.88
CA LEU B 422 -4.69 -18.40 -16.40
C LEU B 422 -4.59 -19.28 -17.64
N GLY B 423 -5.47 -20.26 -17.78
CA GLY B 423 -5.48 -21.08 -18.98
C GLY B 423 -5.64 -20.30 -20.26
N LYS B 424 -6.21 -19.09 -20.18
CA LYS B 424 -6.35 -18.25 -21.35
C LYS B 424 -5.04 -17.56 -21.73
N CYS B 425 -4.07 -17.52 -20.82
CA CYS B 425 -2.76 -16.91 -21.10
C CYS B 425 -1.89 -17.91 -21.86
N LYS B 426 -2.34 -18.25 -23.07
CA LYS B 426 -1.73 -19.33 -23.86
C LYS B 426 -0.26 -19.09 -24.15
N SER B 427 0.29 -17.94 -23.78
CA SER B 427 1.70 -17.67 -23.98
C SER B 427 2.52 -17.85 -22.71
N LEU B 428 1.88 -18.13 -21.58
CA LEU B 428 2.62 -18.29 -20.33
C LEU B 428 3.69 -19.36 -20.48
N LYS B 429 4.90 -19.00 -20.04
CA LYS B 429 6.01 -19.94 -19.93
C LYS B 429 6.45 -20.17 -18.48
N THR B 430 6.09 -19.28 -17.56
CA THR B 430 6.58 -19.35 -16.19
C THR B 430 5.52 -18.78 -15.25
N ILE B 431 5.03 -19.60 -14.33
CA ILE B 431 4.17 -19.15 -13.24
C ILE B 431 4.90 -19.43 -11.93
N ASP B 432 5.13 -18.40 -11.14
CA ASP B 432 5.75 -18.54 -9.82
C ASP B 432 4.80 -17.95 -8.81
N LEU B 433 4.11 -18.82 -8.06
CA LEU B 433 3.18 -18.39 -7.01
C LEU B 433 3.62 -18.91 -5.64
N SER B 434 4.90 -19.24 -5.51
CA SER B 434 5.38 -19.88 -4.30
C SER B 434 5.33 -18.93 -3.10
N PHE B 435 5.35 -19.54 -1.92
CA PHE B 435 5.34 -18.83 -0.64
C PHE B 435 4.19 -17.82 -0.57
N ASN B 436 2.99 -18.34 -0.75
CA ASN B 436 1.77 -17.58 -0.52
C ASN B 436 0.90 -18.38 0.44
N ALA B 437 -0.39 -18.05 0.49
CA ALA B 437 -1.37 -18.83 1.24
C ALA B 437 -2.46 -19.30 0.29
N LEU B 438 -2.06 -19.87 -0.85
CA LEU B 438 -3.03 -20.43 -1.79
C LEU B 438 -3.47 -21.81 -1.33
N THR B 439 -4.67 -22.20 -1.74
CA THR B 439 -5.28 -23.46 -1.33
C THR B 439 -6.02 -24.08 -2.52
N GLY B 440 -6.61 -25.26 -2.29
CA GLY B 440 -7.37 -25.93 -3.31
C GLY B 440 -6.50 -26.69 -4.29
N LEU B 441 -7.09 -27.00 -5.44
CA LEU B 441 -6.44 -27.82 -6.46
C LEU B 441 -5.85 -26.93 -7.55
N ILE B 442 -4.81 -27.46 -8.21
CA ILE B 442 -4.31 -26.85 -9.44
C ILE B 442 -5.27 -27.25 -10.56
N PRO B 443 -6.02 -26.32 -11.15
CA PRO B 443 -6.91 -26.70 -12.25
C PRO B 443 -6.14 -27.25 -13.44
N LYS B 444 -6.79 -28.17 -14.17
CA LYS B 444 -6.17 -28.73 -15.36
C LYS B 444 -5.92 -27.67 -16.42
N GLU B 445 -6.60 -26.53 -16.36
CA GLU B 445 -6.27 -25.44 -17.26
C GLU B 445 -4.84 -24.96 -17.07
N ILE B 446 -4.21 -25.28 -15.94
CA ILE B 446 -2.79 -24.98 -15.76
C ILE B 446 -1.94 -26.05 -16.45
N TRP B 447 -2.30 -27.32 -16.27
CA TRP B 447 -1.54 -28.41 -16.86
C TRP B 447 -1.71 -28.51 -18.37
N THR B 448 -2.47 -27.61 -19.00
CA THR B 448 -2.66 -27.63 -20.43
C THR B 448 -2.14 -26.37 -21.14
N LEU B 449 -1.56 -25.42 -20.41
CA LEU B 449 -0.92 -24.28 -21.07
C LEU B 449 0.10 -24.81 -22.07
N PRO B 450 -0.12 -24.62 -23.37
CA PRO B 450 0.76 -25.29 -24.35
C PRO B 450 2.20 -24.89 -24.26
N LYS B 451 2.51 -23.67 -23.82
CA LYS B 451 3.87 -23.17 -23.77
C LYS B 451 4.49 -23.26 -22.38
N LEU B 452 3.76 -23.79 -21.40
CA LEU B 452 4.25 -23.74 -20.02
C LEU B 452 5.55 -24.50 -19.86
N SER B 453 6.46 -23.93 -19.10
CA SER B 453 7.78 -24.50 -18.90
C SER B 453 8.16 -24.61 -17.43
N ASP B 454 7.82 -23.61 -16.62
CA ASP B 454 8.16 -23.56 -15.20
C ASP B 454 6.87 -23.40 -14.41
N LEU B 455 6.57 -24.38 -13.55
CA LEU B 455 5.39 -24.35 -12.67
C LEU B 455 5.91 -24.40 -11.24
N VAL B 456 6.00 -23.24 -10.61
CA VAL B 456 6.69 -23.06 -9.34
C VAL B 456 5.71 -22.50 -8.33
N MET B 457 5.25 -23.34 -7.41
CA MET B 457 4.21 -22.91 -6.47
C MET B 457 4.42 -23.55 -5.10
N TRP B 458 5.67 -23.74 -4.69
CA TRP B 458 5.91 -24.43 -3.44
C TRP B 458 5.56 -23.51 -2.26
N ALA B 459 5.59 -24.09 -1.05
CA ALA B 459 5.26 -23.38 0.18
C ALA B 459 3.87 -22.75 0.10
N ASN B 460 2.88 -23.59 -0.23
CA ASN B 460 1.47 -23.21 -0.19
C ASN B 460 0.70 -24.32 0.52
N ASN B 461 -0.63 -24.31 0.40
CA ASN B 461 -1.46 -25.38 0.94
C ASN B 461 -2.34 -25.96 -0.17
N LEU B 462 -1.72 -26.25 -1.31
CA LEU B 462 -2.44 -26.85 -2.42
C LEU B 462 -2.67 -28.34 -2.20
N THR B 463 -3.73 -28.86 -2.81
CA THR B 463 -4.15 -30.25 -2.63
C THR B 463 -4.42 -30.90 -3.99
N GLY B 464 -4.89 -32.16 -3.96
CA GLY B 464 -5.05 -32.92 -5.18
C GLY B 464 -3.71 -33.50 -5.61
N GLY B 465 -3.67 -33.95 -6.86
CA GLY B 465 -2.51 -34.67 -7.36
C GLY B 465 -2.09 -34.19 -8.73
N ILE B 466 -0.94 -34.71 -9.16
CA ILE B 466 -0.48 -34.45 -10.53
C ILE B 466 -1.36 -35.24 -11.49
N PRO B 467 -1.98 -34.60 -12.48
CA PRO B 467 -2.80 -35.35 -13.43
C PRO B 467 -1.99 -36.47 -14.09
N GLU B 468 -2.66 -37.36 -14.80
CA GLU B 468 -1.98 -38.41 -15.54
C GLU B 468 -1.56 -37.96 -16.94
N SER B 469 -1.93 -36.75 -17.36
CA SER B 469 -1.67 -36.29 -18.71
C SER B 469 -0.75 -35.09 -18.75
N ILE B 470 0.41 -35.20 -18.11
CA ILE B 470 1.33 -34.08 -17.95
C ILE B 470 2.26 -34.03 -19.14
N CYS B 471 2.53 -32.82 -19.61
CA CYS B 471 3.46 -32.58 -20.70
C CYS B 471 3.02 -33.23 -22.00
N VAL B 472 1.77 -33.69 -22.06
CA VAL B 472 1.21 -34.24 -23.29
C VAL B 472 0.20 -33.23 -23.83
N ASP B 473 -0.89 -33.04 -23.10
CA ASP B 473 -1.83 -31.96 -23.44
C ASP B 473 -1.25 -30.60 -23.09
N GLY B 474 -0.39 -30.54 -22.08
CA GLY B 474 0.26 -29.31 -21.68
C GLY B 474 1.70 -29.23 -22.17
N GLY B 475 2.42 -28.25 -21.64
CA GLY B 475 3.77 -27.98 -22.09
C GLY B 475 4.79 -28.94 -21.49
N ASN B 476 5.79 -29.28 -22.31
CA ASN B 476 6.92 -30.10 -21.87
C ASN B 476 7.78 -29.34 -20.87
N LEU B 477 7.45 -29.46 -19.59
CA LEU B 477 8.00 -28.60 -18.55
C LEU B 477 9.51 -28.77 -18.40
N GLU B 478 10.16 -27.67 -18.02
CA GLU B 478 11.53 -27.72 -17.52
C GLU B 478 11.58 -27.84 -16.00
N THR B 479 10.55 -27.40 -15.30
CA THR B 479 10.62 -27.17 -13.86
C THR B 479 9.26 -27.43 -13.25
N LEU B 480 9.19 -28.38 -12.32
CA LEU B 480 7.96 -28.68 -11.58
C LEU B 480 8.34 -28.67 -10.10
N ILE B 481 7.97 -27.59 -9.41
CA ILE B 481 8.44 -27.33 -8.05
C ILE B 481 7.23 -27.06 -7.18
N LEU B 482 6.75 -28.10 -6.48
CA LEU B 482 5.55 -27.98 -5.66
C LEU B 482 5.76 -28.52 -4.24
N ASN B 483 7.01 -28.55 -3.78
CA ASN B 483 7.29 -29.04 -2.44
C ASN B 483 6.53 -28.21 -1.41
N ASN B 484 6.49 -28.74 -0.18
CA ASN B 484 5.80 -28.09 0.93
C ASN B 484 4.39 -27.64 0.53
N ASN B 485 3.62 -28.64 0.11
CA ASN B 485 2.20 -28.48 -0.21
C ASN B 485 1.46 -29.67 0.41
N LEU B 486 0.22 -29.89 -0.02
CA LEU B 486 -0.58 -31.02 0.45
C LEU B 486 -1.00 -31.93 -0.70
N LEU B 487 -0.15 -32.04 -1.72
CA LEU B 487 -0.48 -32.88 -2.86
C LEU B 487 -0.55 -34.35 -2.45
N THR B 488 -1.49 -35.08 -3.05
CA THR B 488 -1.74 -36.47 -2.76
C THR B 488 -1.64 -37.30 -4.04
N GLY B 489 -1.72 -38.62 -3.87
CA GLY B 489 -1.64 -39.52 -5.00
C GLY B 489 -0.20 -39.79 -5.40
N SER B 490 -0.07 -40.38 -6.58
CA SER B 490 1.22 -40.85 -7.07
C SER B 490 1.81 -39.91 -8.12
N LEU B 491 3.10 -40.10 -8.36
CA LEU B 491 3.78 -39.43 -9.48
CA LEU B 491 3.79 -39.45 -9.48
C LEU B 491 3.50 -40.23 -10.75
N PRO B 492 2.72 -39.68 -11.67
CA PRO B 492 2.32 -40.47 -12.85
C PRO B 492 3.49 -40.82 -13.75
N GLU B 493 3.35 -41.94 -14.45
CA GLU B 493 4.37 -42.37 -15.40
C GLU B 493 4.49 -41.42 -16.57
N SER B 494 3.45 -40.64 -16.86
CA SER B 494 3.51 -39.65 -17.92
C SER B 494 4.56 -38.57 -17.64
N ILE B 495 5.09 -38.52 -16.41
CA ILE B 495 6.28 -37.73 -16.17
C ILE B 495 7.33 -38.05 -17.24
N SER B 496 7.32 -39.29 -17.74
CA SER B 496 8.25 -39.71 -18.78
C SER B 496 8.10 -38.91 -20.07
N LYS B 497 7.05 -38.10 -20.18
CA LYS B 497 6.85 -37.28 -21.38
C LYS B 497 7.50 -35.91 -21.26
N CYS B 498 7.84 -35.48 -20.05
CA CYS B 498 8.48 -34.18 -19.82
C CYS B 498 9.99 -34.27 -20.06
N THR B 499 10.35 -34.56 -21.32
CA THR B 499 11.77 -34.80 -21.62
C THR B 499 12.63 -33.56 -21.37
N ASN B 500 12.03 -32.37 -21.41
CA ASN B 500 12.80 -31.17 -21.13
C ASN B 500 13.10 -30.99 -19.64
N MET B 501 12.50 -31.82 -18.78
CA MET B 501 12.54 -31.55 -17.35
C MET B 501 13.96 -31.41 -16.86
N LEU B 502 14.16 -30.47 -15.93
CA LEU B 502 15.44 -30.21 -15.30
C LEU B 502 15.41 -30.42 -13.79
N TRP B 503 14.30 -30.07 -13.13
CA TRP B 503 14.26 -30.02 -11.67
C TRP B 503 12.84 -30.36 -11.22
N ILE B 504 12.71 -31.46 -10.49
CA ILE B 504 11.45 -31.87 -9.87
C ILE B 504 11.60 -31.75 -8.37
N SER B 505 10.68 -31.03 -7.72
CA SER B 505 10.70 -30.88 -6.28
C SER B 505 9.26 -31.02 -5.77
N LEU B 506 8.97 -32.16 -5.15
CA LEU B 506 7.67 -32.43 -4.54
C LEU B 506 7.80 -32.81 -3.08
N SER B 507 8.96 -32.53 -2.48
CA SER B 507 9.21 -32.84 -1.08
C SER B 507 8.08 -32.33 -0.20
N SER B 508 7.96 -32.91 1.00
CA SER B 508 6.99 -32.48 2.00
C SER B 508 5.62 -32.24 1.40
N ASN B 509 5.16 -33.22 0.63
CA ASN B 509 3.76 -33.31 0.23
C ASN B 509 3.17 -34.56 0.87
N LEU B 510 2.03 -35.04 0.37
CA LEU B 510 1.41 -36.28 0.84
C LEU B 510 1.36 -37.32 -0.26
N LEU B 511 2.39 -37.38 -1.10
CA LEU B 511 2.38 -38.32 -2.22
C LEU B 511 2.47 -39.76 -1.72
N THR B 512 1.83 -40.65 -2.47
CA THR B 512 1.95 -42.08 -2.22
C THR B 512 2.33 -42.77 -3.52
N GLY B 513 2.34 -44.09 -3.53
CA GLY B 513 2.65 -44.83 -4.72
C GLY B 513 4.15 -44.98 -4.92
N GLU B 514 4.49 -45.48 -6.11
CA GLU B 514 5.86 -45.79 -6.47
C GLU B 514 6.48 -44.66 -7.29
N ILE B 515 7.81 -44.63 -7.30
CA ILE B 515 8.58 -43.75 -8.18
C ILE B 515 8.49 -44.33 -9.58
N PRO B 516 7.81 -43.68 -10.53
CA PRO B 516 7.64 -44.29 -11.85
C PRO B 516 8.98 -44.51 -12.55
N VAL B 517 9.16 -45.71 -13.12
CA VAL B 517 10.36 -46.00 -13.88
C VAL B 517 10.53 -45.06 -15.06
N GLY B 518 9.44 -44.44 -15.50
CA GLY B 518 9.51 -43.49 -16.61
C GLY B 518 10.44 -42.32 -16.37
N ILE B 519 10.86 -42.09 -15.12
CA ILE B 519 11.83 -41.04 -14.85
C ILE B 519 13.11 -41.28 -15.64
N GLY B 520 13.39 -42.54 -15.98
CA GLY B 520 14.60 -42.86 -16.72
C GLY B 520 14.63 -42.28 -18.12
N LYS B 521 13.49 -41.81 -18.62
CA LYS B 521 13.46 -41.14 -19.91
C LYS B 521 13.84 -39.67 -19.82
N LEU B 522 13.98 -39.12 -18.62
CA LEU B 522 14.31 -37.70 -18.42
C LEU B 522 15.83 -37.58 -18.37
N GLU B 523 16.45 -37.47 -19.54
CA GLU B 523 17.90 -37.39 -19.67
C GLU B 523 18.45 -35.98 -19.48
N LYS B 524 17.59 -34.99 -19.24
CA LYS B 524 18.02 -33.66 -18.82
C LYS B 524 17.79 -33.42 -17.34
N LEU B 525 17.17 -34.37 -16.64
CA LEU B 525 16.86 -34.19 -15.24
C LEU B 525 18.13 -34.12 -14.42
N ALA B 526 18.30 -33.03 -13.67
CA ALA B 526 19.47 -32.83 -12.83
C ALA B 526 19.15 -32.90 -11.34
N ILE B 527 17.94 -32.55 -10.92
CA ILE B 527 17.58 -32.47 -9.51
C ILE B 527 16.24 -33.15 -9.32
N LEU B 528 16.20 -34.15 -8.45
CA LEU B 528 14.97 -34.87 -8.12
C LEU B 528 14.85 -34.88 -6.61
N GLN B 529 13.86 -34.18 -6.08
CA GLN B 529 13.62 -34.11 -4.64
C GLN B 529 12.22 -34.64 -4.37
N LEU B 530 12.13 -35.74 -3.62
CA LEU B 530 10.85 -36.35 -3.27
C LEU B 530 10.78 -36.65 -1.78
N GLY B 531 11.66 -36.07 -0.98
CA GLY B 531 11.73 -36.41 0.43
C GLY B 531 10.47 -36.06 1.19
N ASN B 532 10.28 -36.75 2.31
CA ASN B 532 9.17 -36.49 3.21
C ASN B 532 7.83 -36.70 2.53
N ASN B 533 7.69 -37.85 1.86
CA ASN B 533 6.41 -38.34 1.40
C ASN B 533 6.27 -39.78 1.87
N SER B 534 5.27 -40.51 1.37
CA SER B 534 5.03 -41.89 1.72
C SER B 534 5.20 -42.80 0.50
N LEU B 535 6.22 -42.54 -0.31
CA LEU B 535 6.50 -43.38 -1.46
C LEU B 535 6.91 -44.78 -1.02
N THR B 536 6.46 -45.77 -1.78
CA THR B 536 6.81 -47.17 -1.55
C THR B 536 7.44 -47.73 -2.82
N GLY B 537 7.72 -49.02 -2.79
CA GLY B 537 8.33 -49.68 -3.93
C GLY B 537 9.84 -49.62 -3.86
N ASN B 538 10.46 -49.88 -5.02
CA ASN B 538 11.90 -49.81 -5.16
C ASN B 538 12.35 -48.40 -5.54
N ILE B 539 13.66 -48.18 -5.40
CA ILE B 539 14.34 -47.09 -6.08
C ILE B 539 14.58 -47.56 -7.50
N PRO B 540 13.80 -47.11 -8.48
CA PRO B 540 13.92 -47.70 -9.83
C PRO B 540 15.35 -47.61 -10.35
N SER B 541 15.84 -48.76 -10.83
CA SER B 541 17.13 -48.77 -11.51
C SER B 541 17.12 -47.90 -12.77
N GLU B 542 15.93 -47.56 -13.28
CA GLU B 542 15.85 -46.71 -14.45
C GLU B 542 16.37 -45.29 -14.17
N LEU B 543 16.48 -44.92 -12.89
CA LEU B 543 17.14 -43.65 -12.56
C LEU B 543 18.56 -43.58 -13.12
N GLY B 544 19.17 -44.73 -13.40
CA GLY B 544 20.52 -44.75 -13.93
C GLY B 544 20.64 -44.28 -15.37
N ASN B 545 19.53 -44.10 -16.06
CA ASN B 545 19.53 -43.56 -17.41
C ASN B 545 19.32 -42.05 -17.44
N CYS B 546 19.24 -41.40 -16.28
CA CYS B 546 19.14 -39.94 -16.20
C CYS B 546 20.55 -39.38 -16.30
N LYS B 547 20.97 -39.08 -17.54
CA LYS B 547 22.36 -38.77 -17.81
C LYS B 547 22.86 -37.57 -17.01
N ASN B 548 21.98 -36.61 -16.72
CA ASN B 548 22.38 -35.38 -16.06
C ASN B 548 21.97 -35.32 -14.60
N LEU B 549 21.53 -36.43 -14.02
CA LEU B 549 21.11 -36.41 -12.62
C LEU B 549 22.32 -36.18 -11.73
N ILE B 550 22.23 -35.16 -10.87
CA ILE B 550 23.33 -34.81 -9.98
C ILE B 550 22.83 -34.60 -8.56
N TRP B 551 21.52 -34.56 -8.38
CA TRP B 551 20.95 -34.31 -7.05
C TRP B 551 19.71 -35.18 -6.89
N LEU B 552 19.82 -36.20 -6.03
CA LEU B 552 18.75 -37.17 -5.78
C LEU B 552 18.48 -37.22 -4.28
N ASP B 553 17.23 -36.92 -3.90
CA ASP B 553 16.83 -36.82 -2.50
C ASP B 553 15.50 -37.55 -2.30
N LEU B 554 15.56 -38.71 -1.66
CA LEU B 554 14.38 -39.55 -1.43
C LEU B 554 14.16 -39.81 0.06
N ASN B 555 14.66 -38.94 0.92
CA ASN B 555 14.69 -39.25 2.34
C ASN B 555 13.28 -39.22 2.94
N SER B 556 13.13 -39.92 4.06
CA SER B 556 11.88 -39.97 4.81
C SER B 556 10.72 -40.43 3.94
N ASN B 557 10.94 -41.53 3.22
CA ASN B 557 9.86 -42.20 2.51
C ASN B 557 9.72 -43.62 3.05
N ASN B 558 9.02 -44.47 2.32
CA ASN B 558 8.78 -45.86 2.73
C ASN B 558 9.35 -46.83 1.71
N LEU B 559 10.47 -46.48 1.09
CA LEU B 559 11.03 -47.31 0.04
C LEU B 559 11.71 -48.55 0.61
N THR B 560 11.78 -49.58 -0.22
CA THR B 560 12.37 -50.86 0.16
C THR B 560 13.19 -51.35 -1.02
N GLY B 561 13.52 -52.64 -1.01
CA GLY B 561 14.37 -53.20 -2.04
C GLY B 561 15.82 -52.85 -1.80
N ASN B 562 16.64 -53.16 -2.80
CA ASN B 562 18.08 -52.96 -2.71
C ASN B 562 18.49 -51.64 -3.33
N LEU B 563 19.60 -51.09 -2.84
CA LEU B 563 20.21 -49.93 -3.47
C LEU B 563 20.58 -50.26 -4.91
N PRO B 564 19.89 -49.70 -5.90
CA PRO B 564 20.25 -50.00 -7.29
C PRO B 564 21.67 -49.52 -7.61
N GLY B 565 22.47 -50.44 -8.13
CA GLY B 565 23.83 -50.08 -8.51
C GLY B 565 23.92 -49.17 -9.71
N GLU B 566 22.80 -48.95 -10.41
CA GLU B 566 22.80 -48.08 -11.57
C GLU B 566 22.88 -46.61 -11.22
N LEU B 567 22.58 -46.23 -9.97
CA LEU B 567 22.72 -44.83 -9.59
C LEU B 567 24.11 -44.30 -9.89
N ALA B 568 25.12 -45.17 -9.95
CA ALA B 568 26.48 -44.78 -10.23
C ALA B 568 26.89 -45.00 -11.69
N SER B 569 25.99 -45.53 -12.53
CA SER B 569 26.39 -45.84 -13.88
C SER B 569 26.78 -44.61 -14.69
N GLN B 570 26.35 -43.42 -14.27
CA GLN B 570 26.74 -42.19 -14.95
C GLN B 570 28.00 -41.56 -14.38
N ALA B 571 28.56 -42.12 -13.30
CA ALA B 571 29.77 -41.57 -12.70
C ALA B 571 30.85 -41.39 -13.76
N GLY B 572 31.44 -40.20 -13.80
CA GLY B 572 32.47 -39.88 -14.76
C GLY B 572 31.99 -39.50 -16.14
N LEU B 573 30.68 -39.37 -16.33
CA LEU B 573 30.11 -39.07 -17.63
C LEU B 573 29.08 -37.94 -17.61
N VAL B 574 28.68 -37.47 -16.45
CA VAL B 574 27.61 -36.47 -16.36
C VAL B 574 28.06 -35.18 -17.00
N MET B 575 27.22 -34.63 -17.89
CA MET B 575 27.48 -33.32 -18.45
C MET B 575 26.65 -32.26 -17.72
N PRO B 576 27.17 -31.04 -17.58
CA PRO B 576 26.36 -29.97 -16.99
C PRO B 576 25.21 -29.59 -17.91
N GLY B 577 24.17 -28.99 -17.31
CA GLY B 577 22.98 -28.62 -18.06
C GLY B 577 22.37 -27.26 -17.77
N SER B 578 21.12 -27.10 -18.18
CA SER B 578 20.43 -25.81 -18.06
C SER B 578 19.78 -25.59 -16.70
N VAL B 579 19.92 -26.52 -15.75
CA VAL B 579 19.52 -26.20 -14.39
C VAL B 579 20.42 -25.12 -13.81
N SER B 580 21.59 -24.91 -14.41
CA SER B 580 22.53 -23.91 -13.93
C SER B 580 21.93 -22.51 -14.05
N GLY B 581 22.26 -21.66 -13.08
CA GLY B 581 21.89 -20.26 -13.14
C GLY B 581 20.60 -19.90 -12.43
N LYS B 582 20.00 -20.82 -11.70
CA LYS B 582 18.74 -20.58 -11.00
C LYS B 582 19.03 -20.25 -9.55
N GLN B 583 18.18 -19.39 -8.98
CA GLN B 583 18.34 -18.97 -7.60
C GLN B 583 17.99 -20.11 -6.67
N PHE B 584 18.87 -20.41 -5.72
CA PHE B 584 18.66 -21.50 -4.79
C PHE B 584 18.95 -21.04 -3.37
N ALA B 585 18.49 -21.84 -2.41
CA ALA B 585 18.84 -21.68 -1.01
C ALA B 585 18.96 -23.07 -0.40
N PHE B 586 20.05 -23.32 0.32
CA PHE B 586 20.28 -24.61 0.98
C PHE B 586 20.34 -24.32 2.47
N VAL B 587 19.35 -24.84 3.20
CA VAL B 587 19.35 -24.76 4.66
C VAL B 587 19.97 -26.07 5.18
N ARG B 588 21.15 -25.95 5.78
CA ARG B 588 21.90 -27.09 6.28
C ARG B 588 21.43 -27.39 7.70
N ASN B 589 20.99 -28.63 7.94
CA ASN B 589 20.57 -29.03 9.28
C ASN B 589 21.80 -29.41 10.09
N GLU B 590 22.07 -28.66 11.15
CA GLU B 590 23.25 -28.84 11.99
C GLU B 590 22.90 -29.52 13.31
N GLY B 591 21.89 -30.38 13.32
CA GLY B 591 21.50 -31.15 14.48
C GLY B 591 21.90 -32.61 14.44
N GLY B 592 22.79 -32.99 13.52
CA GLY B 592 23.28 -34.35 13.47
C GLY B 592 22.39 -35.26 12.65
N THR B 593 22.58 -36.57 12.87
CA THR B 593 21.74 -37.55 12.19
C THR B 593 20.34 -37.57 12.76
N ASP B 594 20.18 -37.24 14.05
CA ASP B 594 18.87 -37.18 14.66
C ASP B 594 17.90 -36.27 13.90
N CYS B 595 18.42 -35.34 13.10
CA CYS B 595 17.60 -34.54 12.22
C CYS B 595 17.40 -35.26 10.89
N ARG B 596 16.18 -35.22 10.37
CA ARG B 596 15.81 -36.01 9.21
C ARG B 596 16.39 -35.37 7.94
N GLY B 597 17.07 -36.17 7.13
CA GLY B 597 17.67 -35.69 5.91
C GLY B 597 18.96 -34.91 6.17
N ALA B 598 19.64 -34.60 5.08
CA ALA B 598 20.91 -33.86 5.13
C ALA B 598 20.76 -32.39 4.78
N GLY B 599 19.56 -31.92 4.47
CA GLY B 599 19.35 -30.50 4.25
C GLY B 599 18.22 -30.27 3.28
N GLY B 600 17.82 -29.00 3.20
CA GLY B 600 16.80 -28.60 2.27
C GLY B 600 17.34 -27.69 1.18
N LEU B 601 17.37 -28.19 -0.05
CA LEU B 601 17.58 -27.35 -1.22
C LEU B 601 16.22 -26.94 -1.76
N VAL B 602 16.01 -25.64 -1.90
CA VAL B 602 14.74 -25.10 -2.37
C VAL B 602 15.01 -24.07 -3.46
N GLU B 603 14.14 -24.03 -4.47
CA GLU B 603 14.17 -22.98 -5.47
C GLU B 603 13.75 -21.66 -4.82
N PHE B 604 14.49 -20.58 -5.11
CA PHE B 604 14.39 -19.39 -4.28
C PHE B 604 14.26 -18.10 -5.09
N GLU B 605 13.82 -18.16 -6.33
CA GLU B 605 13.59 -16.94 -7.09
C GLU B 605 12.54 -16.08 -6.38
N GLY B 606 12.84 -14.80 -6.22
CA GLY B 606 11.87 -13.84 -5.73
C GLY B 606 11.50 -13.96 -4.27
N ILE B 607 12.30 -14.64 -3.45
CA ILE B 607 11.98 -14.89 -2.06
C ILE B 607 13.05 -14.26 -1.17
N ARG B 608 12.62 -13.74 -0.03
CA ARG B 608 13.49 -13.17 0.97
C ARG B 608 13.97 -14.25 1.93
N ALA B 609 15.26 -14.20 2.27
CA ALA B 609 15.81 -15.17 3.21
C ALA B 609 15.08 -15.11 4.55
N GLU B 610 14.59 -13.93 4.93
CA GLU B 610 13.88 -13.82 6.19
C GLU B 610 12.62 -14.69 6.20
N ARG B 611 11.93 -14.79 5.06
CA ARG B 611 10.73 -15.63 4.99
C ARG B 611 11.06 -17.10 5.18
N LEU B 612 12.30 -17.51 4.88
CA LEU B 612 12.73 -18.89 5.08
C LEU B 612 13.19 -19.13 6.51
N GLU B 613 13.75 -18.11 7.17
CA GLU B 613 14.14 -18.25 8.57
C GLU B 613 12.96 -18.49 9.49
N HIS B 614 11.76 -18.11 9.07
CA HIS B 614 10.55 -18.30 9.86
C HIS B 614 9.67 -19.41 9.31
N PHE B 615 10.12 -20.13 8.28
CA PHE B 615 9.38 -21.27 7.75
C PHE B 615 9.61 -22.49 8.65
N PRO B 616 8.55 -23.14 9.12
CA PRO B 616 8.75 -24.21 10.13
C PRO B 616 9.68 -25.33 9.68
N MET B 617 9.72 -25.65 8.38
CA MET B 617 10.72 -26.60 7.91
C MET B 617 12.13 -26.17 8.30
N VAL B 618 12.37 -24.85 8.36
CA VAL B 618 13.71 -24.34 8.62
C VAL B 618 14.12 -24.55 10.06
N HIS B 619 13.16 -24.70 10.98
CA HIS B 619 13.46 -24.89 12.39
C HIS B 619 13.01 -26.26 12.89
N SER B 620 12.60 -27.16 11.99
CA SER B 620 12.36 -28.55 12.40
C SER B 620 13.61 -29.15 13.03
N CYS B 621 14.79 -28.77 12.53
CA CYS B 621 16.06 -29.10 13.14
C CYS B 621 16.54 -27.91 13.96
N PRO B 622 16.94 -28.11 15.22
CA PRO B 622 17.21 -26.92 16.08
C PRO B 622 18.26 -25.98 15.53
N LYS B 623 19.37 -26.50 15.00
CA LYS B 623 20.51 -25.69 14.57
C LYS B 623 20.56 -25.67 13.05
N THR B 624 20.49 -24.48 12.47
CA THR B 624 20.42 -24.35 11.02
C THR B 624 21.19 -23.13 10.55
N ARG B 625 21.60 -23.18 9.29
CA ARG B 625 22.33 -22.12 8.62
C ARG B 625 21.89 -22.11 7.16
N ILE B 626 21.62 -20.91 6.63
CA ILE B 626 21.06 -20.77 5.29
C ILE B 626 22.16 -20.40 4.32
N TYR B 627 22.43 -21.27 3.36
CA TYR B 627 23.26 -20.95 2.20
C TYR B 627 22.37 -20.51 1.06
N SER B 628 22.92 -19.68 0.17
CA SER B 628 22.14 -19.15 -0.94
C SER B 628 23.08 -18.81 -2.08
N GLY B 629 22.48 -18.66 -3.26
CA GLY B 629 23.27 -18.33 -4.42
C GLY B 629 22.53 -18.72 -5.69
N MET B 630 23.31 -19.08 -6.70
CA MET B 630 22.80 -19.47 -8.00
C MET B 630 23.40 -20.81 -8.37
N THR B 631 22.58 -21.73 -8.86
CA THR B 631 23.05 -23.07 -9.17
C THR B 631 24.23 -22.97 -10.13
N MET B 632 25.33 -23.65 -9.76
CA MET B 632 26.57 -23.59 -10.52
C MET B 632 27.21 -24.97 -10.50
N TYR B 633 27.62 -25.44 -11.68
CA TYR B 633 28.37 -26.68 -11.79
C TYR B 633 29.84 -26.45 -11.48
N MET B 634 30.45 -27.41 -10.79
CA MET B 634 31.88 -27.40 -10.51
C MET B 634 32.69 -28.22 -11.50
N PHE B 635 32.05 -28.78 -12.52
CA PHE B 635 32.73 -29.50 -13.58
C PHE B 635 32.09 -29.11 -14.90
N SER B 636 32.90 -29.07 -15.95
CA SER B 636 32.39 -28.76 -17.28
C SER B 636 32.07 -30.02 -18.09
N SER B 637 32.63 -31.16 -17.71
CA SER B 637 32.31 -32.43 -18.34
C SER B 637 32.74 -33.56 -17.41
N ASN B 638 32.33 -34.78 -17.75
CA ASN B 638 32.83 -35.98 -17.10
C ASN B 638 32.59 -35.94 -15.59
N GLY B 639 31.43 -35.42 -15.19
CA GLY B 639 31.12 -35.28 -13.79
C GLY B 639 30.44 -36.50 -13.20
N SER B 640 30.05 -36.37 -11.94
CA SER B 640 29.32 -37.40 -11.23
C SER B 640 28.15 -36.76 -10.51
N MET B 641 27.40 -37.59 -9.79
CA MET B 641 26.37 -37.09 -8.90
C MET B 641 27.03 -36.30 -7.78
N ILE B 642 26.26 -35.38 -7.20
CA ILE B 642 26.76 -34.41 -6.24
C ILE B 642 26.12 -34.58 -4.88
N TYR B 643 24.84 -34.94 -4.83
CA TYR B 643 24.08 -35.00 -3.60
C TYR B 643 23.17 -36.23 -3.70
N LEU B 644 23.40 -37.21 -2.82
CA LEU B 644 22.60 -38.44 -2.80
C LEU B 644 22.13 -38.63 -1.36
N ASP B 645 20.85 -38.39 -1.12
CA ASP B 645 20.24 -38.62 0.18
C ASP B 645 19.13 -39.64 0.01
N LEU B 646 19.31 -40.82 0.62
CA LEU B 646 18.33 -41.90 0.60
C LEU B 646 17.96 -42.34 2.02
N SER B 647 18.20 -41.48 3.00
CA SER B 647 18.07 -41.85 4.40
C SER B 647 16.59 -41.96 4.80
N TYR B 648 16.37 -42.53 5.97
CA TYR B 648 15.04 -42.74 6.52
C TYR B 648 14.12 -43.41 5.50
N ASN B 649 14.57 -44.56 5.02
CA ASN B 649 13.73 -45.50 4.29
C ASN B 649 13.99 -46.88 4.91
N ALA B 650 13.56 -47.95 4.19
CA ALA B 650 13.82 -49.32 4.62
C ALA B 650 14.54 -50.07 3.50
N VAL B 651 15.60 -49.48 2.98
CA VAL B 651 16.43 -50.14 1.97
C VAL B 651 17.32 -51.16 2.67
N SER B 652 17.49 -52.31 2.03
CA SER B 652 18.28 -53.41 2.57
C SER B 652 19.35 -53.80 1.55
N GLY B 653 20.22 -54.71 1.98
CA GLY B 653 21.25 -55.23 1.09
C GLY B 653 22.56 -54.50 1.23
N SER B 654 23.47 -54.86 0.33
CA SER B 654 24.83 -54.33 0.34
C SER B 654 24.92 -53.02 -0.43
N ILE B 655 25.87 -52.19 -0.02
CA ILE B 655 26.17 -50.93 -0.69
C ILE B 655 26.89 -51.23 -2.00
N PRO B 656 26.33 -50.85 -3.15
CA PRO B 656 27.02 -51.15 -4.41
C PRO B 656 28.42 -50.56 -4.43
N LEU B 657 29.38 -51.37 -4.87
CA LEU B 657 30.76 -50.92 -4.91
C LEU B 657 30.94 -49.71 -5.83
N GLY B 658 30.14 -49.63 -6.90
CA GLY B 658 30.27 -48.53 -7.83
C GLY B 658 30.00 -47.18 -7.20
N TYR B 659 29.25 -47.14 -6.11
CA TYR B 659 28.98 -45.87 -5.44
C TYR B 659 30.28 -45.14 -5.13
N GLY B 660 31.34 -45.87 -4.81
CA GLY B 660 32.59 -45.25 -4.42
C GLY B 660 33.33 -44.52 -5.52
N ALA B 661 32.84 -44.57 -6.76
CA ALA B 661 33.50 -43.96 -7.90
C ALA B 661 32.83 -42.66 -8.34
N MET B 662 32.11 -42.00 -7.44
CA MET B 662 31.45 -40.73 -7.75
C MET B 662 32.37 -39.62 -7.24
N GLY B 663 33.22 -39.12 -8.13
CA GLY B 663 34.30 -38.23 -7.73
C GLY B 663 33.85 -36.84 -7.34
N TYR B 664 32.67 -36.41 -7.74
CA TYR B 664 32.15 -35.12 -7.33
C TYR B 664 31.10 -35.22 -6.23
N LEU B 665 30.68 -36.43 -5.88
CA LEU B 665 29.72 -36.61 -4.80
C LEU B 665 30.22 -35.90 -3.55
N GLN B 666 29.37 -35.03 -3.00
CA GLN B 666 29.74 -34.26 -1.83
C GLN B 666 28.92 -34.61 -0.60
N VAL B 667 27.67 -35.00 -0.80
CA VAL B 667 26.82 -35.48 0.29
C VAL B 667 26.36 -36.88 -0.09
N LEU B 668 26.53 -37.82 0.83
CA LEU B 668 26.02 -39.18 0.68
C LEU B 668 25.42 -39.56 2.02
N ASN B 669 24.10 -39.68 2.06
CA ASN B 669 23.38 -40.03 3.29
C ASN B 669 22.57 -41.29 3.03
N LEU B 670 23.05 -42.43 3.51
CA LEU B 670 22.29 -43.67 3.52
C LEU B 670 21.81 -44.03 4.92
N GLY B 671 21.85 -43.08 5.84
CA GLY B 671 21.51 -43.37 7.22
C GLY B 671 20.07 -43.83 7.39
N HIS B 672 19.85 -44.60 8.46
CA HIS B 672 18.52 -45.03 8.86
C HIS B 672 17.87 -45.88 7.76
N ASN B 673 18.47 -47.04 7.54
CA ASN B 673 17.91 -48.03 6.65
C ASN B 673 18.20 -49.42 7.22
N LEU B 674 18.28 -50.44 6.37
CA LEU B 674 18.51 -51.81 6.78
C LEU B 674 19.66 -52.40 5.96
N LEU B 675 20.67 -51.57 5.68
CA LEU B 675 21.79 -52.02 4.87
C LEU B 675 22.62 -53.04 5.65
N THR B 676 23.28 -53.91 4.90
CA THR B 676 24.04 -55.02 5.47
C THR B 676 25.32 -55.19 4.67
N GLY B 677 26.28 -55.89 5.26
CA GLY B 677 27.55 -56.10 4.62
C GLY B 677 28.59 -55.06 5.02
N THR B 678 29.60 -54.93 4.16
CA THR B 678 30.75 -54.09 4.46
C THR B 678 30.67 -52.76 3.72
N ILE B 679 31.31 -51.76 4.30
CA ILE B 679 31.51 -50.47 3.65
C ILE B 679 32.55 -50.69 2.55
N PRO B 680 32.21 -50.51 1.28
CA PRO B 680 33.19 -50.77 0.22
C PRO B 680 34.50 -50.00 0.45
N ASP B 681 35.61 -50.70 0.20
CA ASP B 681 36.91 -50.04 0.06
C ASP B 681 36.90 -49.04 -1.09
N SER B 682 35.94 -49.20 -2.01
CA SER B 682 35.77 -48.25 -3.10
C SER B 682 35.55 -46.83 -2.58
N PHE B 683 35.00 -46.70 -1.39
CA PHE B 683 34.66 -45.37 -0.87
C PHE B 683 35.89 -44.48 -0.70
N GLY B 684 37.09 -45.01 -0.86
CA GLY B 684 38.26 -44.17 -0.92
C GLY B 684 38.31 -43.29 -2.16
N GLY B 685 37.51 -43.61 -3.17
CA GLY B 685 37.43 -42.79 -4.34
C GLY B 685 36.47 -41.62 -4.26
N LEU B 686 35.82 -41.42 -3.12
CA LEU B 686 34.85 -40.34 -2.93
C LEU B 686 35.56 -39.06 -2.46
N LYS B 687 36.45 -38.57 -3.32
CA LYS B 687 37.39 -37.56 -2.86
C LYS B 687 36.74 -36.21 -2.60
N ALA B 688 35.63 -35.91 -3.27
CA ALA B 688 34.94 -34.65 -3.05
C ALA B 688 34.01 -34.67 -1.85
N ILE B 689 33.88 -35.81 -1.17
CA ILE B 689 32.82 -35.99 -0.19
C ILE B 689 33.12 -35.19 1.06
N GLY B 690 32.08 -34.58 1.63
CA GLY B 690 32.21 -33.86 2.87
C GLY B 690 31.27 -34.39 3.94
N VAL B 691 30.07 -34.78 3.54
CA VAL B 691 29.10 -35.40 4.42
C VAL B 691 28.95 -36.86 4.02
N LEU B 692 29.11 -37.76 4.99
CA LEU B 692 28.98 -39.19 4.77
C LEU B 692 28.31 -39.78 6.01
N ASP B 693 27.01 -40.07 5.90
CA ASP B 693 26.20 -40.58 6.99
C ASP B 693 25.75 -41.99 6.64
N LEU B 694 26.35 -42.98 7.31
CA LEU B 694 25.95 -44.38 7.18
C LEU B 694 25.36 -44.93 8.46
N SER B 695 24.89 -44.05 9.36
CA SER B 695 24.50 -44.49 10.68
C SER B 695 23.18 -45.26 10.63
N HIS B 696 22.86 -45.91 11.76
CA HIS B 696 21.62 -46.65 11.94
C HIS B 696 21.35 -47.56 10.74
N ASN B 697 22.25 -48.53 10.57
CA ASN B 697 22.07 -49.62 9.64
C ASN B 697 22.50 -50.91 10.35
N ASP B 698 22.67 -51.98 9.57
CA ASP B 698 23.21 -53.23 10.08
C ASP B 698 24.52 -53.51 9.34
N LEU B 699 25.37 -52.49 9.22
CA LEU B 699 26.64 -52.62 8.52
C LEU B 699 27.66 -53.39 9.36
N GLN B 700 28.53 -54.12 8.69
CA GLN B 700 29.44 -55.06 9.33
C GLN B 700 30.86 -54.81 8.85
N GLY B 701 31.82 -55.25 9.66
CA GLY B 701 33.21 -55.30 9.23
C GLY B 701 34.05 -54.13 9.68
N PHE B 702 35.09 -53.83 8.91
CA PHE B 702 36.02 -52.76 9.22
C PHE B 702 35.69 -51.50 8.41
N LEU B 703 36.08 -50.36 8.95
CA LEU B 703 36.05 -49.12 8.18
C LEU B 703 37.22 -49.12 7.21
N PRO B 704 36.99 -49.03 5.90
CA PRO B 704 38.12 -48.98 4.96
C PRO B 704 39.12 -47.90 5.34
N GLY B 705 40.39 -48.28 5.37
CA GLY B 705 41.44 -47.31 5.63
C GLY B 705 41.56 -46.22 4.58
N SER B 706 41.03 -46.46 3.37
CA SER B 706 41.11 -45.46 2.32
C SER B 706 40.24 -44.25 2.62
N LEU B 707 39.29 -44.36 3.55
CA LEU B 707 38.57 -43.17 4.00
C LEU B 707 39.51 -42.14 4.57
N GLY B 708 40.68 -42.57 5.05
CA GLY B 708 41.68 -41.64 5.54
C GLY B 708 42.18 -40.69 4.49
N GLY B 709 42.03 -41.04 3.21
CA GLY B 709 42.42 -40.17 2.12
C GLY B 709 41.36 -39.21 1.66
N LEU B 710 40.29 -39.00 2.43
CA LEU B 710 39.20 -38.10 2.06
C LEU B 710 39.44 -36.76 2.77
N SER B 711 40.17 -35.87 2.10
CA SER B 711 40.67 -34.67 2.75
C SER B 711 39.57 -33.71 3.14
N PHE B 712 38.40 -33.78 2.51
CA PHE B 712 37.31 -32.84 2.76
C PHE B 712 36.24 -33.40 3.68
N LEU B 713 36.37 -34.65 4.14
CA LEU B 713 35.34 -35.26 4.97
C LEU B 713 35.25 -34.50 6.30
N SER B 714 34.16 -33.77 6.50
CA SER B 714 33.98 -32.96 7.70
C SER B 714 32.76 -33.37 8.50
N ASP B 715 31.99 -34.34 8.03
CA ASP B 715 30.76 -34.73 8.69
C ASP B 715 30.56 -36.23 8.42
N LEU B 716 30.97 -37.05 9.38
CA LEU B 716 30.91 -38.50 9.27
C LEU B 716 30.10 -39.07 10.41
N ASP B 717 29.23 -40.03 10.09
CA ASP B 717 28.46 -40.74 11.11
C ASP B 717 28.27 -42.17 10.66
N VAL B 718 28.88 -43.11 11.37
CA VAL B 718 28.73 -44.54 11.18
C VAL B 718 28.22 -45.20 12.46
N SER B 719 27.58 -44.41 13.32
CA SER B 719 27.08 -44.91 14.58
C SER B 719 25.93 -45.89 14.36
N ASN B 720 25.67 -46.70 15.39
CA ASN B 720 24.54 -47.62 15.41
C ASN B 720 24.62 -48.58 14.22
N ASN B 721 25.76 -49.26 14.10
CA ASN B 721 25.94 -50.31 13.11
C ASN B 721 26.57 -51.51 13.82
N ASN B 722 27.10 -52.44 13.02
CA ASN B 722 27.80 -53.61 13.51
C ASN B 722 29.30 -53.53 13.27
N LEU B 723 29.83 -52.32 13.10
CA LEU B 723 31.22 -52.16 12.74
C LEU B 723 32.12 -52.58 13.91
N THR B 724 33.34 -52.98 13.58
CA THR B 724 34.31 -53.40 14.58
C THR B 724 35.70 -53.13 14.03
N GLY B 725 36.69 -53.19 14.91
CA GLY B 725 38.07 -53.04 14.51
C GLY B 725 38.57 -51.62 14.61
N PRO B 726 39.81 -51.40 14.13
CA PRO B 726 40.43 -50.07 14.30
C PRO B 726 39.77 -49.00 13.46
N ILE B 727 39.69 -47.80 14.05
CA ILE B 727 39.29 -46.61 13.32
C ILE B 727 40.49 -46.07 12.54
N PRO B 728 40.38 -45.89 11.22
CA PRO B 728 41.56 -45.47 10.45
C PRO B 728 42.25 -44.25 11.04
N PHE B 729 43.54 -44.10 10.72
CA PHE B 729 44.43 -43.13 11.34
C PHE B 729 44.65 -41.89 10.50
N GLY B 730 44.61 -42.03 9.17
CA GLY B 730 44.81 -40.89 8.29
C GLY B 730 43.55 -40.08 8.11
N GLY B 731 43.73 -38.89 7.53
CA GLY B 731 42.61 -38.02 7.25
C GLY B 731 41.94 -37.53 8.53
N GLN B 732 40.62 -37.40 8.47
CA GLN B 732 39.84 -36.83 9.56
C GLN B 732 39.21 -37.87 10.46
N LEU B 733 39.40 -39.17 10.19
CA LEU B 733 38.64 -40.18 10.89
C LEU B 733 38.95 -40.25 12.38
N THR B 734 40.07 -39.68 12.82
CA THR B 734 40.38 -39.61 14.24
C THR B 734 39.86 -38.33 14.90
N THR B 735 39.21 -37.44 14.14
CA THR B 735 38.88 -36.11 14.60
C THR B 735 37.43 -35.95 15.06
N PHE B 736 36.53 -36.84 14.64
CA PHE B 736 35.12 -36.61 14.86
C PHE B 736 34.71 -36.93 16.29
N PRO B 737 33.56 -36.42 16.73
CA PRO B 737 33.12 -36.67 18.10
C PRO B 737 32.90 -38.16 18.35
N LEU B 738 32.92 -38.52 19.63
CA LEU B 738 32.68 -39.91 20.01
C LEU B 738 31.33 -40.41 19.51
N THR B 739 30.32 -39.54 19.53
CA THR B 739 28.97 -39.93 19.15
C THR B 739 28.86 -40.43 17.71
N ARG B 740 29.89 -40.25 16.90
CA ARG B 740 29.85 -40.61 15.50
C ARG B 740 30.39 -42.00 15.21
N TYR B 741 30.95 -42.67 16.22
CA TYR B 741 31.37 -44.06 16.10
C TYR B 741 30.64 -44.97 17.09
N ALA B 742 29.71 -44.43 17.86
CA ALA B 742 29.15 -45.12 19.00
C ALA B 742 28.19 -46.23 18.57
N ASN B 743 27.82 -47.06 19.54
CA ASN B 743 26.82 -48.12 19.35
C ASN B 743 27.20 -49.04 18.18
N ASN B 744 28.48 -49.37 18.09
CA ASN B 744 28.97 -50.42 17.20
C ASN B 744 29.45 -51.59 18.05
N SER B 745 29.91 -52.64 17.38
CA SER B 745 30.23 -53.91 18.03
C SER B 745 31.75 -54.09 18.07
N GLY B 746 32.41 -53.28 18.90
CA GLY B 746 33.83 -53.40 19.11
C GLY B 746 34.72 -52.51 18.29
N LEU B 747 34.28 -51.31 17.93
CA LEU B 747 35.19 -50.34 17.33
C LEU B 747 36.20 -49.90 18.39
N CYS B 748 37.45 -49.71 17.95
CA CYS B 748 38.52 -49.29 18.83
C CYS B 748 39.42 -48.30 18.09
N GLY B 749 40.19 -47.56 18.86
CA GLY B 749 41.10 -46.58 18.30
C GLY B 749 40.60 -45.16 18.48
N VAL B 750 41.54 -44.25 18.68
CA VAL B 750 41.22 -42.84 18.89
C VAL B 750 40.22 -42.40 17.84
N PRO B 751 39.18 -41.64 18.20
CA PRO B 751 38.85 -41.09 19.52
C PRO B 751 38.36 -42.13 20.54
N LEU B 752 38.21 -43.39 20.16
CA LEU B 752 37.79 -44.44 21.08
C LEU B 752 39.00 -44.99 21.82
N PRO B 753 38.77 -45.86 22.81
CA PRO B 753 39.91 -46.44 23.53
C PRO B 753 40.81 -47.20 22.58
N PRO B 754 42.11 -47.23 22.85
CA PRO B 754 43.04 -47.85 21.91
C PRO B 754 42.78 -49.35 21.77
N CYS B 755 43.16 -49.89 20.61
CA CYS B 755 42.94 -51.31 20.35
C CYS B 755 43.93 -52.19 21.11
N SER B 756 45.09 -51.65 21.44
CA SER B 756 46.14 -52.45 22.08
C SER B 756 45.85 -52.73 23.55
N SER B 757 45.00 -51.93 24.19
CA SER B 757 44.78 -52.06 25.63
C SER B 757 43.98 -53.31 25.99
#